data_6O2A
#
_entry.id   6O2A
#
_cell.length_a   82.654
_cell.length_b   90.728
_cell.length_c   92.515
_cell.angle_alpha   89.380
_cell.angle_beta   64.290
_cell.angle_gamma   76.880
#
_symmetry.space_group_name_H-M   'P 1'
#
loop_
_entity.id
_entity.type
_entity.pdbx_description
1 polymer '4493 Fab heavy chain'
2 polymer '4493 Kappa light chain'
3 polymer 'Anti-kappa VHH domain'
4 polymer 'Circumsporozoite protein'
5 non-polymer 1,2-ETHANEDIOL
6 water water
#
loop_
_entity_poly.entity_id
_entity_poly.type
_entity_poly.pdbx_seq_one_letter_code
_entity_poly.pdbx_strand_id
1 'polypeptide(L)'
;EVQLVESGGGLVQPGRSLRLSCTASGFTFGDYAMSWVRQAPGKGLEWVGFIRSKANGGRTENPASVKGRFTISRDDSKSI
AYLQMNSLKTEDTAVYYCTRVELGSSWSLGYWGQGTLVTVSSASTKGPSVFPLAPSSKSTSGGTAALGCLVKDYFPEPVT
VSWNSGALTSGVHTFPAVLQSSGLYSLSSVVTVPSSSLGTQTYICNVNHKPSNTKVDKKVEPKSC
;
A,C,H,O
2 'polypeptide(L)'
;EIVLTQSPGTLSLSPGERATLSCRASQSVSSTYLAWYQQKPGQAPRLLIYGASSRATGIPDRFSGSGSGTDFTLTISRLE
PEDFAVYYCQQYGSSPWTFGQGTKVEIKRTVAAPSVFIFPPSDEQLKSGTASVVCLLNNFYPREAKVQWKVDNALQSGNS
QESVTEQDSKDSTYSLSSTLTLSKADYEKHKVYACEVTHQGLSSPVTKSFNRGEC
;
B,D,I,P
3 'polypeptide(L)'
;(UNK)VQL(UNK)(UNK)SGGG(UNK)VQ(UNK)G(UNK)SL(UNK)LSC(UNK)A(UNK)(UNK)(UNK)(UNK)
(UNK)(UNK)(UNK)(UNK)(UNK)(UNK)(UNK)W(UNK)RQ(UNK)PG(UNK)(UNK)RE(UNK)V(UNK)(UNK)
(UNK)(UNK)(UNK)(UNK)(UNK)(UNK)(UNK)(UNK)(UNK)(UNK)(UNK)DS(UNK)(UNK)GRFT(UNK)S
(UNK)D(UNK)(UNK)(UNK)(UNK)(UNK)(UNK)(UNK)LQ(UNK)(UNK)(UNK)L(UNK)(UNK)(UNK)D(UNK)
A(UNK)YYC(UNK)(UNK)(UNK)(UNK)(UNK)(UNK)(UNK)(UNK)(UNK)(UNK)(UNK)(UNK)(UNK)(UNK)W
G(UNK)GT(UNK)VTVSS
;
E,M,N,J
4 'polypeptide(L)' NANPNVDPNANP F,G,K,L
#
# COMPACT_ATOMS: atom_id res chain seq x y z
N GLU A 1 60.39 -18.59 -11.33
CA GLU A 1 59.52 -17.47 -11.01
C GLU A 1 58.29 -18.04 -10.30
N VAL A 2 57.85 -17.36 -9.23
CA VAL A 2 56.76 -17.88 -8.42
C VAL A 2 55.43 -17.78 -9.16
N GLN A 3 54.68 -18.88 -9.15
CA GLN A 3 53.34 -18.93 -9.74
C GLN A 3 52.39 -19.58 -8.75
N LEU A 4 51.26 -18.93 -8.50
CA LEU A 4 50.18 -19.46 -7.66
C LEU A 4 48.88 -19.34 -8.46
N VAL A 5 48.23 -20.47 -8.69
CA VAL A 5 47.00 -20.51 -9.47
C VAL A 5 45.90 -21.12 -8.63
N GLU A 6 44.86 -20.34 -8.36
CA GLU A 6 43.69 -20.81 -7.62
C GLU A 6 42.66 -21.43 -8.56
N SER A 7 41.98 -22.46 -8.05
CA SER A 7 40.92 -23.12 -8.78
C SER A 7 39.92 -23.70 -7.79
N GLY A 8 38.78 -24.15 -8.31
CA GLY A 8 37.73 -24.72 -7.49
C GLY A 8 36.61 -23.78 -7.12
N GLY A 9 36.70 -22.51 -7.48
CA GLY A 9 35.64 -21.56 -7.20
C GLY A 9 34.41 -21.78 -8.07
N GLY A 10 33.50 -20.83 -7.98
CA GLY A 10 32.29 -20.83 -8.77
C GLY A 10 31.07 -20.59 -7.91
N LEU A 11 29.90 -20.88 -8.47
CA LEU A 11 28.63 -20.66 -7.79
C LEU A 11 28.26 -21.89 -6.98
N VAL A 12 27.79 -21.65 -5.75
CA VAL A 12 27.42 -22.73 -4.85
C VAL A 12 26.28 -22.22 -3.95
N GLN A 13 25.36 -23.13 -3.61
CA GLN A 13 24.20 -22.75 -2.82
C GLN A 13 24.57 -22.68 -1.33
N PRO A 14 23.86 -21.85 -0.56
CA PRO A 14 24.16 -21.75 0.87
C PRO A 14 24.03 -23.08 1.58
N GLY A 15 24.92 -23.31 2.55
CA GLY A 15 24.95 -24.54 3.29
C GLY A 15 25.77 -25.65 2.65
N ARG A 16 26.11 -25.52 1.37
CA ARG A 16 26.91 -26.51 0.69
C ARG A 16 28.40 -26.28 0.94
N SER A 17 29.23 -27.11 0.32
CA SER A 17 30.67 -27.08 0.56
C SER A 17 31.43 -26.89 -0.75
N LEU A 18 32.64 -26.37 -0.62
CA LEU A 18 33.54 -26.18 -1.74
C LEU A 18 34.97 -26.45 -1.26
N ARG A 19 35.81 -26.92 -2.18
CA ARG A 19 37.24 -27.05 -1.90
C ARG A 19 38.01 -26.28 -2.95
N LEU A 20 38.80 -25.31 -2.50
CA LEU A 20 39.66 -24.54 -3.39
C LEU A 20 41.04 -25.18 -3.45
N SER A 21 41.65 -25.13 -4.64
CA SER A 21 43.00 -25.61 -4.85
C SER A 21 43.90 -24.46 -5.28
N CYS A 22 45.13 -24.46 -4.79
CA CYS A 22 46.13 -23.49 -5.21
C CYS A 22 47.40 -24.24 -5.61
N THR A 23 47.64 -24.32 -6.92
CA THR A 23 48.77 -25.05 -7.46
C THR A 23 50.00 -24.13 -7.53
N ALA A 24 51.08 -24.55 -6.91
CA ALA A 24 52.28 -23.73 -6.78
C ALA A 24 53.41 -24.29 -7.63
N SER A 25 54.22 -23.39 -8.19
CA SER A 25 55.39 -23.77 -8.96
C SER A 25 56.41 -22.65 -8.89
N GLY A 26 57.66 -23.00 -9.23
CA GLY A 26 58.73 -22.03 -9.23
C GLY A 26 59.45 -21.84 -7.91
N PHE A 27 59.07 -22.57 -6.86
CA PHE A 27 59.75 -22.48 -5.57
C PHE A 27 59.57 -23.80 -4.83
N THR A 28 60.30 -23.96 -3.73
CA THR A 28 60.20 -25.17 -2.91
C THR A 28 58.96 -25.02 -2.04
N PHE A 29 57.84 -25.56 -2.54
CA PHE A 29 56.55 -25.38 -1.88
C PHE A 29 56.58 -25.82 -0.41
N GLY A 30 57.18 -26.99 -0.15
CA GLY A 30 57.17 -27.55 1.19
C GLY A 30 57.91 -26.71 2.22
N ASP A 31 58.75 -25.78 1.78
CA ASP A 31 59.52 -24.96 2.72
C ASP A 31 58.73 -23.78 3.27
N TYR A 32 57.63 -23.42 2.63
CA TYR A 32 56.93 -22.17 2.92
C TYR A 32 55.58 -22.43 3.57
N ALA A 33 55.21 -21.56 4.51
CA ALA A 33 53.82 -21.50 4.94
C ALA A 33 52.96 -20.88 3.84
N MET A 34 51.71 -21.33 3.78
CA MET A 34 50.75 -20.81 2.81
C MET A 34 49.56 -20.21 3.53
N SER A 35 48.92 -19.23 2.90
CA SER A 35 47.84 -18.49 3.55
C SER A 35 46.78 -18.12 2.53
N TRP A 36 45.52 -18.14 2.95
CA TRP A 36 44.39 -17.73 2.14
C TRP A 36 43.84 -16.39 2.61
N VAL A 37 43.57 -15.50 1.67
CA VAL A 37 42.97 -14.20 1.94
C VAL A 37 41.80 -13.99 0.98
N ARG A 38 40.69 -13.49 1.50
CA ARG A 38 39.49 -13.26 0.69
C ARG A 38 39.14 -11.78 0.68
N GLN A 39 38.43 -11.39 -0.38
CA GLN A 39 38.01 -10.00 -0.56
C GLN A 39 36.58 -10.00 -1.08
N ALA A 40 35.63 -9.65 -0.22
CA ALA A 40 34.25 -9.54 -0.65
C ALA A 40 34.12 -8.41 -1.68
N PRO A 41 33.15 -8.51 -2.59
CA PRO A 41 33.01 -7.49 -3.64
C PRO A 41 32.83 -6.10 -3.04
N GLY A 42 33.71 -5.19 -3.46
CA GLY A 42 33.65 -3.81 -3.01
C GLY A 42 34.23 -3.56 -1.63
N LYS A 43 34.74 -4.57 -0.94
CA LYS A 43 35.24 -4.43 0.41
C LYS A 43 36.74 -4.71 0.46
N GLY A 44 37.28 -4.76 1.67
CA GLY A 44 38.71 -4.93 1.88
C GLY A 44 39.14 -6.38 1.95
N LEU A 45 40.31 -6.59 2.54
CA LEU A 45 40.95 -7.89 2.61
C LEU A 45 40.74 -8.50 3.99
N GLU A 46 40.46 -9.80 4.01
CA GLU A 46 40.25 -10.55 5.26
C GLU A 46 41.06 -11.83 5.21
N TRP A 47 41.95 -11.99 6.19
CA TRP A 47 42.68 -13.23 6.36
C TRP A 47 41.74 -14.35 6.80
N VAL A 48 41.87 -15.53 6.18
CA VAL A 48 41.03 -16.66 6.55
C VAL A 48 41.85 -17.88 6.93
N GLY A 49 43.16 -17.75 7.09
CA GLY A 49 43.96 -18.79 7.69
C GLY A 49 45.30 -19.00 7.01
N PHE A 50 46.21 -19.66 7.72
CA PHE A 50 47.47 -20.11 7.16
C PHE A 50 47.76 -21.54 7.60
N ILE A 51 48.66 -22.20 6.87
CA ILE A 51 49.17 -23.52 7.24
C ILE A 51 50.70 -23.46 7.24
N ARG A 52 51.31 -23.99 8.28
CA ARG A 52 52.76 -23.96 8.38
C ARG A 52 53.38 -25.06 7.52
N SER A 53 54.69 -24.95 7.32
CA SER A 53 55.42 -25.96 6.59
C SER A 53 55.55 -27.24 7.42
N LYS A 54 55.89 -28.33 6.74
CA LYS A 54 56.09 -29.60 7.43
C LYS A 54 57.21 -29.49 8.48
N ALA A 55 58.26 -28.73 8.19
CA ALA A 55 59.34 -28.56 9.14
C ALA A 55 58.87 -27.84 10.41
N ASN A 56 57.80 -27.06 10.33
CA ASN A 56 57.26 -26.33 11.47
C ASN A 56 55.94 -26.90 11.96
N GLY A 57 55.70 -28.19 11.73
CA GLY A 57 54.55 -28.89 12.27
C GLY A 57 53.42 -29.10 11.29
N GLY A 58 53.28 -28.24 10.30
CA GLY A 58 52.23 -28.39 9.31
C GLY A 58 50.82 -28.15 9.81
N ARG A 59 50.67 -27.48 10.96
CA ARG A 59 49.35 -27.19 11.50
C ARG A 59 48.87 -25.83 11.03
N THR A 60 47.60 -25.53 11.33
CA THR A 60 46.93 -24.36 10.78
C THR A 60 46.43 -23.43 11.88
N GLU A 61 46.07 -22.21 11.45
CA GLU A 61 45.40 -21.22 12.29
C GLU A 61 44.41 -20.48 11.39
N ASN A 62 43.26 -20.12 11.94
CA ASN A 62 42.26 -19.39 11.18
C ASN A 62 41.49 -18.48 12.14
N PRO A 63 40.88 -17.40 11.63
CA PRO A 63 40.11 -16.51 12.49
C PRO A 63 38.74 -17.09 12.83
N ALA A 64 38.08 -16.42 13.79
CA ALA A 64 36.79 -16.88 14.29
C ALA A 64 35.70 -16.82 13.23
N SER A 65 35.81 -15.90 12.26
CA SER A 65 34.76 -15.76 11.25
C SER A 65 34.56 -17.04 10.46
N VAL A 66 35.60 -17.85 10.31
CA VAL A 66 35.54 -19.10 9.55
C VAL A 66 35.94 -20.30 10.38
N LYS A 67 36.28 -20.11 11.65
CA LYS A 67 36.72 -21.21 12.50
C LYS A 67 35.64 -22.28 12.61
N GLY A 68 36.05 -23.55 12.47
CA GLY A 68 35.11 -24.65 12.45
C GLY A 68 34.43 -24.90 11.13
N ARG A 69 34.55 -23.98 10.18
CA ARG A 69 33.94 -24.11 8.86
C ARG A 69 34.96 -24.29 7.75
N PHE A 70 36.07 -23.54 7.80
CA PHE A 70 37.12 -23.62 6.79
C PHE A 70 38.32 -24.36 7.35
N THR A 71 38.94 -25.20 6.52
CA THR A 71 40.13 -25.96 6.90
C THR A 71 41.14 -25.88 5.78
N ILE A 72 42.39 -25.59 6.12
CA ILE A 72 43.48 -25.52 5.15
C ILE A 72 44.33 -26.77 5.29
N SER A 73 44.72 -27.34 4.15
CA SER A 73 45.64 -28.46 4.10
C SER A 73 46.59 -28.26 2.93
N ARG A 74 47.59 -29.13 2.84
CA ARG A 74 48.57 -29.03 1.77
C ARG A 74 49.01 -30.43 1.35
N ASP A 75 49.40 -30.54 0.08
CA ASP A 75 49.95 -31.77 -0.48
C ASP A 75 51.32 -31.42 -1.06
N ASP A 76 52.38 -31.69 -0.30
CA ASP A 76 53.71 -31.26 -0.70
C ASP A 76 54.22 -32.04 -1.90
N SER A 77 53.76 -33.28 -2.10
CA SER A 77 54.20 -34.02 -3.28
C SER A 77 53.59 -33.47 -4.57
N LYS A 78 52.47 -32.77 -4.48
CA LYS A 78 51.85 -32.13 -5.63
C LYS A 78 52.03 -30.62 -5.65
N SER A 79 52.61 -30.03 -4.60
CA SER A 79 52.78 -28.58 -4.49
C SER A 79 51.43 -27.86 -4.61
N ILE A 80 50.47 -28.30 -3.82
CA ILE A 80 49.11 -27.76 -3.82
C ILE A 80 48.69 -27.48 -2.39
N ALA A 81 48.11 -26.30 -2.16
CA ALA A 81 47.44 -25.97 -0.92
C ALA A 81 45.93 -25.96 -1.15
N TYR A 82 45.18 -26.41 -0.15
CA TYR A 82 43.73 -26.55 -0.26
C TYR A 82 43.03 -25.68 0.77
N LEU A 83 41.81 -25.25 0.41
CA LEU A 83 40.91 -24.57 1.34
C LEU A 83 39.56 -25.28 1.29
N GLN A 84 39.26 -26.05 2.33
CA GLN A 84 37.98 -26.74 2.46
C GLN A 84 36.98 -25.78 3.09
N MET A 85 35.91 -25.46 2.35
CA MET A 85 34.91 -24.47 2.78
C MET A 85 33.59 -25.18 3.02
N ASN A 86 33.22 -25.37 4.27
CA ASN A 86 31.97 -26.01 4.66
C ASN A 86 31.00 -24.98 5.21
N SER A 87 29.72 -25.37 5.24
CA SER A 87 28.65 -24.56 5.81
C SER A 87 28.65 -23.14 5.24
N LEU A 88 28.66 -23.06 3.91
CA LEU A 88 28.84 -21.77 3.25
C LEU A 88 27.62 -20.88 3.43
N LYS A 89 27.88 -19.59 3.65
CA LYS A 89 26.86 -18.57 3.79
C LYS A 89 27.07 -17.49 2.74
N THR A 90 26.02 -16.68 2.53
CA THR A 90 26.10 -15.61 1.54
C THR A 90 27.23 -14.63 1.86
N GLU A 91 27.54 -14.43 3.15
CA GLU A 91 28.62 -13.52 3.52
C GLU A 91 29.99 -14.03 3.09
N ASP A 92 30.09 -15.30 2.72
CA ASP A 92 31.37 -15.87 2.27
C ASP A 92 31.67 -15.53 0.80
N THR A 93 30.74 -14.88 0.11
CA THR A 93 30.97 -14.50 -1.28
C THR A 93 32.15 -13.56 -1.38
N ALA A 94 33.20 -13.98 -2.08
CA ALA A 94 34.43 -13.20 -2.15
C ALA A 94 35.35 -13.81 -3.20
N VAL A 95 36.34 -13.02 -3.61
CA VAL A 95 37.48 -13.55 -4.34
C VAL A 95 38.48 -14.09 -3.32
N TYR A 96 38.91 -15.35 -3.52
CA TYR A 96 39.81 -16.02 -2.59
C TYR A 96 41.19 -16.12 -3.21
N TYR A 97 42.19 -15.59 -2.50
CA TYR A 97 43.58 -15.59 -2.93
C TYR A 97 44.39 -16.56 -2.05
N CYS A 98 45.22 -17.39 -2.67
CA CYS A 98 46.26 -18.09 -1.93
C CYS A 98 47.54 -17.28 -1.96
N THR A 99 48.29 -17.30 -0.87
CA THR A 99 49.49 -16.50 -0.75
C THR A 99 50.61 -17.35 -0.15
N ARG A 100 51.83 -17.04 -0.56
CA ARG A 100 53.02 -17.63 0.03
C ARG A 100 53.50 -16.74 1.18
N VAL A 101 53.70 -17.34 2.34
CA VAL A 101 54.14 -16.61 3.53
C VAL A 101 55.66 -16.53 3.49
N GLU A 102 56.19 -15.32 3.58
CA GLU A 102 57.63 -15.11 3.50
C GLU A 102 58.35 -15.75 4.69
N LEU A 103 59.61 -16.12 4.46
CA LEU A 103 60.44 -16.71 5.50
C LEU A 103 61.02 -15.66 6.42
N GLY A 104 61.43 -16.10 7.61
CA GLY A 104 62.10 -15.24 8.54
C GLY A 104 61.20 -14.69 9.63
N SER A 105 61.70 -13.64 10.29
CA SER A 105 61.01 -13.03 11.41
C SER A 105 59.86 -12.12 10.98
N SER A 106 59.80 -11.72 9.72
CA SER A 106 58.77 -10.84 9.20
C SER A 106 58.00 -11.59 8.11
N TRP A 107 56.95 -12.29 8.52
CA TRP A 107 56.24 -13.22 7.63
C TRP A 107 55.08 -12.53 6.92
N SER A 108 55.44 -11.65 5.99
CA SER A 108 54.44 -11.00 5.14
C SER A 108 53.98 -11.97 4.06
N LEU A 109 53.00 -11.53 3.27
CA LEU A 109 52.45 -12.35 2.18
C LEU A 109 53.13 -11.88 0.89
N GLY A 110 54.20 -12.58 0.51
CA GLY A 110 55.08 -12.09 -0.53
C GLY A 110 54.56 -12.28 -1.94
N TYR A 111 53.76 -13.31 -2.18
CA TYR A 111 53.27 -13.61 -3.52
C TYR A 111 51.81 -14.00 -3.45
N TRP A 112 51.03 -13.50 -4.41
CA TRP A 112 49.59 -13.70 -4.45
C TRP A 112 49.20 -14.30 -5.78
N GLY A 113 48.29 -15.27 -5.76
CA GLY A 113 47.68 -15.75 -6.98
C GLY A 113 46.69 -14.74 -7.53
N GLN A 114 46.15 -15.06 -8.70
CA GLN A 114 45.15 -14.18 -9.31
C GLN A 114 43.81 -14.26 -8.59
N GLY A 115 43.56 -15.33 -7.84
CA GLY A 115 42.33 -15.46 -7.10
C GLY A 115 41.24 -16.16 -7.87
N THR A 116 40.33 -16.78 -7.13
CA THR A 116 39.17 -17.46 -7.71
C THR A 116 37.92 -16.97 -7.00
N LEU A 117 36.89 -16.66 -7.80
CA LEU A 117 35.65 -16.11 -7.26
C LEU A 117 34.75 -17.21 -6.73
N VAL A 118 34.25 -17.03 -5.51
CA VAL A 118 33.28 -17.92 -4.90
C VAL A 118 32.02 -17.11 -4.64
N THR A 119 30.92 -17.51 -5.29
CA THR A 119 29.62 -16.85 -5.16
C THR A 119 28.67 -17.81 -4.45
N VAL A 120 28.17 -17.40 -3.29
CA VAL A 120 27.22 -18.19 -2.52
C VAL A 120 25.84 -17.55 -2.67
N SER A 121 24.94 -18.24 -3.36
CA SER A 121 23.61 -17.70 -3.60
C SER A 121 22.67 -18.82 -3.99
N SER A 122 21.39 -18.64 -3.65
CA SER A 122 20.33 -19.55 -4.04
C SER A 122 19.59 -19.08 -5.28
N ALA A 123 20.04 -18.00 -5.91
CA ALA A 123 19.35 -17.47 -7.08
C ALA A 123 19.51 -18.39 -8.29
N SER A 124 18.49 -18.40 -9.13
CA SER A 124 18.46 -19.16 -10.37
C SER A 124 18.90 -18.27 -11.53
N THR A 125 19.47 -18.90 -12.56
CA THR A 125 19.85 -18.18 -13.76
C THR A 125 18.64 -17.49 -14.38
N LYS A 126 18.77 -16.19 -14.64
CA LYS A 126 17.67 -15.40 -15.14
C LYS A 126 18.19 -14.27 -16.02
N GLY A 127 17.58 -14.09 -17.18
CA GLY A 127 17.96 -13.01 -18.06
C GLY A 127 17.41 -11.67 -17.60
N PRO A 128 18.05 -10.58 -18.02
CA PRO A 128 17.61 -9.26 -17.56
C PRO A 128 16.46 -8.73 -18.39
N SER A 129 15.69 -7.84 -17.77
CA SER A 129 14.78 -6.97 -18.49
C SER A 129 15.47 -5.64 -18.74
N VAL A 130 15.34 -5.13 -19.97
CA VAL A 130 16.03 -3.91 -20.38
C VAL A 130 14.99 -2.83 -20.58
N PHE A 131 15.04 -1.79 -19.74
CA PHE A 131 14.09 -0.69 -19.77
C PHE A 131 14.78 0.61 -20.18
N PRO A 132 14.08 1.50 -20.88
CA PRO A 132 14.70 2.75 -21.32
C PRO A 132 14.78 3.78 -20.21
N LEU A 133 15.92 4.45 -20.15
CA LEU A 133 16.06 5.67 -19.34
C LEU A 133 15.95 6.83 -20.33
N ALA A 134 14.71 7.27 -20.57
CA ALA A 134 14.43 8.19 -21.66
C ALA A 134 14.79 9.62 -21.28
N PRO A 135 15.38 10.38 -22.21
CA PRO A 135 15.61 11.80 -21.94
C PRO A 135 14.29 12.53 -21.77
N SER A 136 14.36 13.70 -21.18
CA SER A 136 13.15 14.42 -20.83
C SER A 136 12.86 15.50 -21.87
N SER A 137 11.60 15.91 -21.92
CA SER A 137 11.20 16.95 -22.86
C SER A 137 11.55 18.33 -22.35
N LYS A 138 12.03 18.42 -21.10
CA LYS A 138 12.55 19.64 -20.53
C LYS A 138 14.04 19.81 -20.79
N SER A 139 14.66 18.91 -21.55
CA SER A 139 16.09 19.01 -21.84
C SER A 139 16.40 20.36 -22.49
N THR A 140 17.51 20.95 -22.06
CA THR A 140 17.88 22.29 -22.49
C THR A 140 18.01 22.36 -24.01
N SER A 141 17.17 23.18 -24.64
CA SER A 141 17.23 23.38 -26.08
C SER A 141 18.57 24.02 -26.44
N GLY A 142 19.46 23.24 -27.04
CA GLY A 142 20.80 23.69 -27.31
C GLY A 142 21.81 23.40 -26.22
N GLY A 143 21.57 22.37 -25.41
CA GLY A 143 22.45 21.98 -24.32
C GLY A 143 22.77 20.50 -24.40
N THR A 144 22.77 19.86 -23.24
CA THR A 144 23.12 18.46 -23.12
C THR A 144 21.98 17.68 -22.48
N ALA A 145 21.75 16.47 -22.99
CA ALA A 145 20.71 15.59 -22.50
C ALA A 145 21.30 14.22 -22.18
N ALA A 146 20.75 13.58 -21.16
CA ALA A 146 21.17 12.25 -20.74
C ALA A 146 20.10 11.22 -21.07
N LEU A 147 20.55 10.03 -21.44
CA LEU A 147 19.65 8.91 -21.67
C LEU A 147 20.43 7.63 -21.37
N GLY A 148 19.71 6.52 -21.25
CA GLY A 148 20.39 5.28 -20.93
C GLY A 148 19.46 4.09 -20.93
N CYS A 149 20.00 2.98 -20.41
CA CYS A 149 19.30 1.70 -20.35
C CYS A 149 19.41 1.15 -18.93
N LEU A 150 18.28 0.70 -18.37
CA LEU A 150 18.25 0.04 -17.08
C LEU A 150 18.21 -1.47 -17.30
N VAL A 151 19.25 -2.17 -16.86
CA VAL A 151 19.38 -3.61 -17.05
C VAL A 151 19.08 -4.26 -15.71
N LYS A 152 17.87 -4.77 -15.56
CA LYS A 152 17.31 -5.12 -14.25
C LYS A 152 17.08 -6.62 -14.10
N ASP A 153 17.37 -7.12 -12.90
CA ASP A 153 16.93 -8.45 -12.44
C ASP A 153 17.53 -9.58 -13.29
N TYR A 154 18.85 -9.69 -13.24
CA TYR A 154 19.54 -10.79 -13.88
C TYR A 154 20.43 -11.54 -12.90
N PHE A 155 20.79 -12.77 -13.29
CA PHE A 155 21.68 -13.61 -12.50
C PHE A 155 22.20 -14.73 -13.39
N PRO A 156 23.49 -15.08 -13.30
CA PRO A 156 24.47 -14.35 -12.48
C PRO A 156 25.17 -13.26 -13.27
N GLU A 157 26.26 -12.73 -12.71
CA GLU A 157 27.13 -11.83 -13.44
C GLU A 157 27.85 -12.59 -14.55
N PRO A 158 28.32 -11.88 -15.59
CA PRO A 158 28.21 -10.44 -15.84
C PRO A 158 27.22 -10.10 -16.95
N VAL A 159 27.00 -8.80 -17.14
CA VAL A 159 26.27 -8.27 -18.28
C VAL A 159 27.17 -7.25 -18.96
N THR A 160 27.29 -7.34 -20.28
CA THR A 160 28.05 -6.38 -21.06
C THR A 160 27.10 -5.43 -21.79
N VAL A 161 27.46 -4.16 -21.82
CA VAL A 161 26.66 -3.13 -22.47
C VAL A 161 27.56 -2.31 -23.39
N SER A 162 27.11 -2.10 -24.62
CA SER A 162 27.73 -1.16 -25.54
C SER A 162 26.63 -0.29 -26.13
N TRP A 163 27.02 0.74 -26.88
CA TRP A 163 26.06 1.63 -27.50
C TRP A 163 26.32 1.73 -28.99
N ASN A 164 25.25 1.57 -29.78
CA ASN A 164 25.33 1.62 -31.24
C ASN A 164 26.41 0.65 -31.75
N SER A 165 26.40 -0.56 -31.20
CA SER A 165 27.30 -1.63 -31.62
C SER A 165 28.77 -1.24 -31.46
N GLY A 166 29.06 -0.36 -30.51
CA GLY A 166 30.42 0.07 -30.24
C GLY A 166 30.80 1.39 -30.89
N ALA A 167 29.95 1.95 -31.77
CA ALA A 167 30.28 3.20 -32.42
C ALA A 167 30.19 4.40 -31.47
N LEU A 168 29.42 4.28 -30.38
CA LEU A 168 29.24 5.36 -29.43
C LEU A 168 29.91 5.00 -28.11
N THR A 169 30.93 5.76 -27.75
CA THR A 169 31.70 5.51 -26.53
C THR A 169 31.87 6.79 -25.73
N SER A 170 31.87 7.93 -26.41
CA SER A 170 32.06 9.21 -25.74
C SER A 170 30.84 9.56 -24.90
N GLY A 171 31.07 9.93 -23.65
CA GLY A 171 30.00 10.24 -22.73
C GLY A 171 29.30 9.03 -22.14
N VAL A 172 29.72 7.82 -22.47
CA VAL A 172 29.08 6.61 -21.97
C VAL A 172 29.60 6.28 -20.58
N HIS A 173 28.68 6.03 -19.65
CA HIS A 173 29.01 5.55 -18.30
C HIS A 173 28.20 4.30 -18.02
N THR A 174 28.88 3.15 -17.92
CA THR A 174 28.24 1.89 -17.54
C THR A 174 28.60 1.60 -16.10
N PHE A 175 27.60 1.67 -15.22
CA PHE A 175 27.84 1.58 -13.78
C PHE A 175 28.07 0.14 -13.34
N PRO A 176 28.84 -0.06 -12.27
CA PRO A 176 28.95 -1.41 -11.69
C PRO A 176 27.60 -1.91 -11.24
N ALA A 177 27.39 -3.21 -11.39
CA ALA A 177 26.12 -3.81 -10.99
C ALA A 177 25.95 -3.74 -9.48
N VAL A 178 24.69 -3.73 -9.04
CA VAL A 178 24.35 -3.80 -7.62
C VAL A 178 23.60 -5.10 -7.38
N LEU A 179 23.88 -5.73 -6.25
CA LEU A 179 23.16 -6.92 -5.82
C LEU A 179 21.94 -6.47 -5.02
N GLN A 180 20.76 -6.82 -5.52
CA GLN A 180 19.54 -6.42 -4.84
C GLN A 180 19.19 -7.41 -3.73
N SER A 181 18.27 -6.99 -2.86
CA SER A 181 17.88 -7.84 -1.73
C SER A 181 17.20 -9.11 -2.19
N SER A 182 16.65 -9.13 -3.40
CA SER A 182 16.06 -10.34 -3.97
C SER A 182 17.12 -11.35 -4.39
N GLY A 183 18.40 -10.99 -4.36
CA GLY A 183 19.44 -11.86 -4.85
C GLY A 183 19.74 -11.74 -6.33
N LEU A 184 19.11 -10.82 -7.03
CA LEU A 184 19.34 -10.58 -8.44
C LEU A 184 20.13 -9.29 -8.63
N TYR A 185 20.87 -9.21 -9.74
CA TYR A 185 21.69 -8.06 -10.03
C TYR A 185 20.96 -7.08 -10.94
N SER A 186 21.38 -5.82 -10.87
CA SER A 186 20.87 -4.77 -11.74
C SER A 186 21.97 -3.75 -12.00
N LEU A 187 21.97 -3.19 -13.20
CA LEU A 187 22.89 -2.11 -13.53
C LEU A 187 22.22 -1.18 -14.53
N SER A 188 22.82 -0.01 -14.71
CA SER A 188 22.37 0.94 -15.72
C SER A 188 23.57 1.42 -16.52
N SER A 189 23.31 1.81 -17.76
CA SER A 189 24.30 2.40 -18.65
C SER A 189 23.71 3.66 -19.24
N VAL A 190 24.41 4.79 -19.06
CA VAL A 190 23.90 6.08 -19.50
C VAL A 190 24.91 6.71 -20.45
N VAL A 191 24.41 7.68 -21.23
CA VAL A 191 25.26 8.44 -22.15
C VAL A 191 24.70 9.86 -22.22
N THR A 192 25.60 10.82 -22.35
CA THR A 192 25.21 12.22 -22.53
C THR A 192 25.47 12.61 -23.99
N VAL A 193 24.48 13.26 -24.59
CA VAL A 193 24.54 13.68 -25.99
C VAL A 193 23.99 15.08 -26.12
N PRO A 194 24.34 15.79 -27.21
CA PRO A 194 23.73 17.10 -27.45
C PRO A 194 22.22 16.99 -27.63
N SER A 195 21.50 17.92 -27.00
CA SER A 195 20.04 17.88 -27.04
C SER A 195 19.51 18.01 -28.46
N SER A 196 20.26 18.69 -29.35
CA SER A 196 19.81 18.89 -30.72
C SER A 196 19.79 17.60 -31.53
N SER A 197 20.48 16.56 -31.05
CA SER A 197 20.54 15.29 -31.77
C SER A 197 19.39 14.34 -31.41
N LEU A 198 18.54 14.72 -30.47
CA LEU A 198 17.50 13.81 -30.00
C LEU A 198 16.51 13.46 -31.09
N GLY A 199 16.29 14.36 -32.05
CA GLY A 199 15.36 14.11 -33.12
C GLY A 199 15.92 13.45 -34.36
N THR A 200 17.25 13.36 -34.48
CA THR A 200 17.88 12.84 -35.69
C THR A 200 18.75 11.62 -35.46
N GLN A 201 19.50 11.58 -34.35
CA GLN A 201 20.45 10.50 -34.11
C GLN A 201 19.79 9.37 -33.32
N THR A 202 20.05 8.14 -33.76
CA THR A 202 19.52 6.95 -33.09
C THR A 202 20.51 6.45 -32.05
N TYR A 203 20.00 6.13 -30.86
CA TYR A 203 20.83 5.63 -29.76
C TYR A 203 20.30 4.27 -29.32
N ILE A 204 21.12 3.25 -29.45
CA ILE A 204 20.75 1.88 -29.12
C ILE A 204 21.78 1.28 -28.19
N CYS A 205 21.34 0.76 -27.04
CA CYS A 205 22.20 0.04 -26.14
C CYS A 205 22.12 -1.45 -26.44
N ASN A 206 23.27 -2.10 -26.52
CA ASN A 206 23.35 -3.53 -26.83
C ASN A 206 23.70 -4.27 -25.54
N VAL A 207 22.77 -5.07 -25.05
CA VAL A 207 22.92 -5.78 -23.78
C VAL A 207 23.08 -7.27 -24.08
N ASN A 208 24.12 -7.86 -23.51
CA ASN A 208 24.40 -9.29 -23.69
C ASN A 208 24.57 -9.92 -22.33
N HIS A 209 23.78 -10.95 -22.04
CA HIS A 209 23.89 -11.73 -20.80
C HIS A 209 24.09 -13.18 -21.23
N LYS A 210 25.35 -13.56 -21.40
CA LYS A 210 25.67 -14.90 -21.91
C LYS A 210 25.14 -16.05 -21.06
N PRO A 211 25.12 -15.99 -19.71
CA PRO A 211 24.57 -17.12 -18.95
C PRO A 211 23.16 -17.54 -19.35
N SER A 212 22.32 -16.61 -19.77
CA SER A 212 20.96 -16.93 -20.19
C SER A 212 20.77 -16.83 -21.71
N ASN A 213 21.85 -16.61 -22.45
CA ASN A 213 21.79 -16.46 -23.91
C ASN A 213 20.83 -15.34 -24.30
N THR A 214 20.94 -14.21 -23.61
CA THR A 214 20.07 -13.06 -23.82
C THR A 214 20.84 -11.98 -24.57
N LYS A 215 20.31 -11.58 -25.74
CA LYS A 215 20.85 -10.48 -26.52
C LYS A 215 19.73 -9.50 -26.81
N VAL A 216 19.91 -8.24 -26.42
CA VAL A 216 18.88 -7.21 -26.56
C VAL A 216 19.49 -5.95 -27.16
N ASP A 217 18.85 -5.42 -28.19
CA ASP A 217 19.15 -4.09 -28.71
C ASP A 217 17.95 -3.19 -28.41
N LYS A 218 18.17 -2.16 -27.59
CA LYS A 218 17.10 -1.30 -27.10
C LYS A 218 17.35 0.12 -27.59
N LYS A 219 16.41 0.65 -28.37
CA LYS A 219 16.48 2.03 -28.82
C LYS A 219 15.82 2.93 -27.77
N VAL A 220 16.50 4.01 -27.41
CA VAL A 220 16.04 4.95 -26.38
C VAL A 220 15.79 6.29 -27.03
N GLU A 221 14.58 6.80 -26.90
CA GLU A 221 14.14 8.03 -27.54
C GLU A 221 13.23 8.81 -26.58
N PRO A 222 13.00 10.09 -26.85
CA PRO A 222 12.11 10.90 -25.99
C PRO A 222 10.69 10.36 -25.97
N LYS A 223 10.25 9.92 -24.79
CA LYS A 223 8.88 9.52 -24.56
C LYS A 223 7.87 10.42 -25.26
N SER A 224 6.92 9.81 -25.95
CA SER A 224 5.91 10.55 -26.68
C SER A 224 4.88 11.14 -25.71
N CYS A 225 4.39 12.32 -26.06
CA CYS A 225 3.48 13.08 -25.21
C CYS A 225 2.02 12.82 -25.56
N GLU B 1 41.35 -8.43 18.93
CA GLU B 1 42.01 -8.21 17.65
C GLU B 1 42.54 -6.78 17.53
N ILE B 2 43.68 -6.63 16.86
CA ILE B 2 44.25 -5.31 16.61
C ILE B 2 43.55 -4.70 15.40
N VAL B 3 42.89 -3.57 15.61
CA VAL B 3 42.18 -2.87 14.56
C VAL B 3 43.15 -1.89 13.90
N LEU B 4 43.22 -1.94 12.57
CA LEU B 4 44.08 -1.05 11.79
C LEU B 4 43.19 -0.01 11.10
N THR B 5 43.41 1.26 11.43
CA THR B 5 42.64 2.37 10.87
C THR B 5 43.55 3.19 9.96
N GLN B 6 43.24 3.22 8.68
CA GLN B 6 44.01 3.97 7.71
C GLN B 6 43.38 5.34 7.48
N SER B 7 44.23 6.31 7.18
CA SER B 7 43.79 7.68 6.96
C SER B 7 44.78 8.38 6.04
N PRO B 8 44.30 9.28 5.17
CA PRO B 8 42.87 9.54 4.97
C PRO B 8 42.24 8.41 4.17
N GLY B 9 40.90 8.38 4.08
CA GLY B 9 40.25 7.36 3.27
C GLY B 9 40.63 7.48 1.80
N THR B 10 40.73 8.71 1.31
CA THR B 10 41.17 9.00 -0.05
C THR B 10 42.09 10.21 -0.01
N LEU B 11 43.23 10.11 -0.68
CA LEU B 11 44.15 11.23 -0.82
C LEU B 11 44.23 11.60 -2.30
N SER B 12 44.03 12.88 -2.61
CA SER B 12 43.92 13.36 -3.97
C SER B 12 45.19 14.13 -4.33
N LEU B 13 45.99 13.56 -5.23
CA LEU B 13 47.28 14.14 -5.60
C LEU B 13 47.49 14.02 -7.10
N SER B 14 48.47 14.81 -7.60
CA SER B 14 48.88 14.87 -9.00
C SER B 14 50.12 14.01 -9.23
N PRO B 15 50.31 13.51 -10.45
CA PRO B 15 51.54 12.77 -10.76
C PRO B 15 52.78 13.61 -10.48
N GLY B 16 53.79 12.97 -9.89
CA GLY B 16 55.00 13.66 -9.51
C GLY B 16 55.02 14.18 -8.08
N GLU B 17 53.89 14.19 -7.40
CA GLU B 17 53.79 14.68 -6.04
C GLU B 17 54.10 13.57 -5.03
N ARG B 18 54.22 13.97 -3.77
CA ARG B 18 54.54 13.07 -2.67
C ARG B 18 53.27 12.58 -2.00
N ALA B 19 53.18 11.27 -1.77
CA ALA B 19 52.05 10.66 -1.08
C ALA B 19 52.48 10.19 0.30
N THR B 20 51.68 10.51 1.32
CA THR B 20 51.94 10.11 2.69
C THR B 20 50.69 9.43 3.23
N LEU B 21 50.77 8.11 3.44
CA LEU B 21 49.64 7.32 3.88
C LEU B 21 49.86 6.85 5.32
N SER B 22 48.82 6.94 6.14
CA SER B 22 48.90 6.62 7.56
C SER B 22 48.13 5.34 7.88
N CYS B 23 48.64 4.62 8.87
CA CYS B 23 48.01 3.40 9.37
C CYS B 23 48.20 3.37 10.88
N ARG B 24 47.11 3.49 11.63
CA ARG B 24 47.15 3.52 13.08
C ARG B 24 46.58 2.23 13.64
N ALA B 25 47.30 1.62 14.57
CA ALA B 25 46.90 0.35 15.18
C ALA B 25 46.25 0.60 16.52
N SER B 26 45.19 -0.15 16.80
CA SER B 26 44.49 0.00 18.08
C SER B 26 45.32 -0.48 19.26
N GLN B 27 46.33 -1.30 19.02
CA GLN B 27 47.27 -1.74 20.05
C GLN B 27 48.68 -1.63 19.50
N SER B 28 49.65 -1.56 20.41
CA SER B 28 51.04 -1.46 20.01
C SER B 28 51.47 -2.72 19.27
N VAL B 29 52.07 -2.54 18.11
CA VAL B 29 52.58 -3.63 17.30
C VAL B 29 53.98 -3.28 16.81
N SER B 30 54.91 -4.21 16.93
CA SER B 30 56.27 -3.95 16.49
C SER B 30 56.33 -3.78 14.97
N SER B 31 57.30 -2.99 14.52
CA SER B 31 57.45 -2.71 13.09
C SER B 31 57.80 -3.96 12.30
N THR B 32 58.36 -4.97 12.96
CA THR B 32 58.70 -6.22 12.27
C THR B 32 57.46 -6.91 11.72
N TYR B 33 56.28 -6.64 12.29
CA TYR B 33 55.07 -7.37 11.95
C TYR B 33 54.09 -6.53 11.14
N LEU B 34 54.57 -5.53 10.40
CA LEU B 34 53.71 -4.66 9.63
C LEU B 34 54.11 -4.70 8.15
N ALA B 35 53.12 -4.73 7.28
CA ALA B 35 53.35 -4.77 5.84
C ALA B 35 52.38 -3.84 5.14
N TRP B 36 52.77 -3.43 3.93
CA TRP B 36 51.94 -2.60 3.06
C TRP B 36 51.74 -3.29 1.72
N TYR B 37 50.51 -3.21 1.19
CA TYR B 37 50.16 -3.84 -0.06
C TYR B 37 49.49 -2.83 -0.99
N GLN B 38 49.68 -3.04 -2.28
CA GLN B 38 49.04 -2.24 -3.32
C GLN B 38 48.06 -3.11 -4.10
N GLN B 39 46.90 -2.56 -4.43
CA GLN B 39 45.92 -3.26 -5.23
C GLN B 39 45.26 -2.31 -6.21
N LYS B 40 45.20 -2.72 -7.46
CA LYS B 40 44.48 -2.01 -8.49
C LYS B 40 43.18 -2.75 -8.81
N PRO B 41 42.15 -2.05 -9.29
CA PRO B 41 40.86 -2.70 -9.50
C PRO B 41 40.96 -3.88 -10.46
N GLY B 42 40.30 -4.98 -10.09
CA GLY B 42 40.30 -6.18 -10.89
C GLY B 42 41.57 -7.02 -10.78
N GLN B 43 42.50 -6.65 -9.91
CA GLN B 43 43.78 -7.35 -9.79
C GLN B 43 44.02 -7.77 -8.34
N ALA B 44 44.93 -8.72 -8.17
CA ALA B 44 45.31 -9.16 -6.85
C ALA B 44 46.23 -8.13 -6.19
N PRO B 45 46.21 -8.06 -4.86
CA PRO B 45 47.17 -7.21 -4.15
C PRO B 45 48.58 -7.72 -4.37
N ARG B 46 49.55 -6.80 -4.23
CA ARG B 46 50.96 -7.15 -4.29
C ARG B 46 51.68 -6.52 -3.11
N LEU B 47 52.65 -7.25 -2.56
CA LEU B 47 53.41 -6.77 -1.43
C LEU B 47 54.34 -5.64 -1.86
N LEU B 48 54.40 -4.58 -1.04
CA LEU B 48 55.33 -3.48 -1.27
C LEU B 48 56.41 -3.42 -0.21
N ILE B 49 56.05 -3.26 1.06
CA ILE B 49 56.98 -3.02 2.16
C ILE B 49 56.60 -3.92 3.32
N TYR B 50 57.60 -4.46 4.02
CA TYR B 50 57.34 -5.22 5.23
C TYR B 50 58.49 -5.03 6.22
N GLY B 51 58.17 -5.23 7.50
CA GLY B 51 59.19 -5.12 8.53
C GLY B 51 59.70 -3.69 8.74
N ALA B 52 60.91 -3.63 9.31
CA ALA B 52 61.54 -2.34 9.58
C ALA B 52 62.09 -1.69 8.32
N SER B 53 62.80 -2.47 7.49
CA SER B 53 63.47 -1.93 6.32
C SER B 53 63.33 -2.82 5.10
N SER B 54 62.56 -3.91 5.17
CA SER B 54 62.47 -4.82 4.04
C SER B 54 61.54 -4.29 2.96
N ARG B 55 62.00 -4.40 1.73
CA ARG B 55 61.26 -4.02 0.54
C ARG B 55 61.09 -5.26 -0.32
N ALA B 56 59.89 -5.46 -0.85
CA ALA B 56 59.67 -6.65 -1.67
C ALA B 56 60.52 -6.59 -2.93
N THR B 57 60.84 -7.77 -3.47
CA THR B 57 61.71 -7.83 -4.65
C THR B 57 60.98 -7.25 -5.86
N GLY B 58 61.67 -6.38 -6.59
CA GLY B 58 61.08 -5.74 -7.74
C GLY B 58 60.32 -4.47 -7.46
N ILE B 59 60.25 -4.04 -6.20
CA ILE B 59 59.51 -2.83 -5.83
C ILE B 59 60.42 -1.63 -6.00
N PRO B 60 59.97 -0.57 -6.69
CA PRO B 60 60.85 0.58 -6.97
C PRO B 60 61.27 1.30 -5.69
N ASP B 61 62.28 2.16 -5.86
CA ASP B 61 62.89 2.87 -4.73
C ASP B 61 61.93 3.86 -4.08
N ARG B 62 60.97 4.41 -4.83
CA ARG B 62 60.15 5.50 -4.33
C ARG B 62 59.20 5.08 -3.22
N PHE B 63 59.02 3.78 -2.98
CA PHE B 63 58.19 3.30 -1.89
C PHE B 63 59.05 3.13 -0.63
N SER B 64 58.62 3.75 0.47
CA SER B 64 59.34 3.63 1.73
C SER B 64 58.34 3.64 2.88
N GLY B 65 58.78 3.13 4.03
CA GLY B 65 57.92 3.05 5.19
C GLY B 65 58.68 3.42 6.44
N SER B 66 57.93 3.80 7.48
CA SER B 66 58.51 4.18 8.75
C SER B 66 57.43 4.06 9.83
N GLY B 67 57.85 4.26 11.07
CA GLY B 67 56.95 4.25 12.20
C GLY B 67 57.10 3.00 13.05
N SER B 68 56.61 3.10 14.28
CA SER B 68 56.67 2.00 15.22
C SER B 68 55.56 2.16 16.25
N GLY B 69 55.30 1.08 16.99
CA GLY B 69 54.25 1.08 18.00
C GLY B 69 52.87 1.06 17.38
N THR B 70 52.19 2.21 17.40
CA THR B 70 50.83 2.31 16.90
C THR B 70 50.72 3.14 15.62
N ASP B 71 51.77 3.85 15.23
CA ASP B 71 51.72 4.79 14.12
C ASP B 71 52.71 4.37 13.04
N PHE B 72 52.21 4.15 11.83
CA PHE B 72 53.01 3.73 10.70
C PHE B 72 52.66 4.56 9.47
N THR B 73 53.66 4.81 8.63
CA THR B 73 53.52 5.66 7.47
C THR B 73 54.11 4.99 6.24
N LEU B 74 53.37 5.03 5.14
CA LEU B 74 53.88 4.63 3.83
C LEU B 74 54.06 5.89 2.99
N THR B 75 55.25 6.05 2.42
CA THR B 75 55.58 7.22 1.62
C THR B 75 55.90 6.81 0.18
N ILE B 76 55.24 7.45 -0.77
CA ILE B 76 55.57 7.35 -2.18
C ILE B 76 56.20 8.70 -2.55
N SER B 77 57.52 8.70 -2.72
CA SER B 77 58.24 9.97 -2.82
C SER B 77 57.88 10.75 -4.08
N ARG B 78 57.53 10.06 -5.17
CA ARG B 78 57.17 10.73 -6.41
C ARG B 78 56.17 9.86 -7.14
N LEU B 79 54.91 10.29 -7.17
CA LEU B 79 53.84 9.48 -7.72
C LEU B 79 54.00 9.31 -9.23
N GLU B 80 54.02 8.07 -9.68
CA GLU B 80 53.93 7.71 -11.08
C GLU B 80 52.49 7.35 -11.45
N PRO B 81 52.14 7.41 -12.73
CA PRO B 81 50.74 7.10 -13.12
C PRO B 81 50.25 5.76 -12.63
N GLU B 82 51.11 4.75 -12.54
CA GLU B 82 50.68 3.44 -12.07
C GLU B 82 50.57 3.36 -10.56
N ASP B 83 50.86 4.44 -9.82
CA ASP B 83 50.79 4.41 -8.37
C ASP B 83 49.39 4.75 -7.85
N PHE B 84 48.49 5.22 -8.69
CA PHE B 84 47.14 5.55 -8.25
C PHE B 84 46.36 4.24 -8.14
N ALA B 85 46.03 3.87 -6.91
CA ALA B 85 45.43 2.58 -6.60
C ALA B 85 45.03 2.61 -5.12
N VAL B 86 44.66 1.44 -4.60
CA VAL B 86 44.30 1.29 -3.20
C VAL B 86 45.48 0.65 -2.47
N TYR B 87 45.75 1.14 -1.27
CA TYR B 87 46.87 0.67 -0.46
C TYR B 87 46.35 0.18 0.89
N TYR B 88 46.76 -1.02 1.28
CA TYR B 88 46.35 -1.63 2.54
C TYR B 88 47.58 -1.83 3.43
N CYS B 89 47.42 -1.55 4.72
CA CYS B 89 48.39 -1.99 5.72
C CYS B 89 47.89 -3.27 6.38
N GLN B 90 48.85 -4.03 6.92
CA GLN B 90 48.54 -5.32 7.53
C GLN B 90 49.47 -5.55 8.71
N GLN B 91 48.94 -6.12 9.78
CA GLN B 91 49.74 -6.60 10.90
C GLN B 91 49.59 -8.10 11.01
N TYR B 92 50.72 -8.78 11.27
CA TYR B 92 50.70 -10.23 11.45
C TYR B 92 51.44 -10.67 12.71
N GLY B 93 51.61 -9.76 13.67
CA GLY B 93 52.26 -10.09 14.93
C GLY B 93 51.31 -10.65 15.96
N SER B 94 50.02 -10.40 15.76
CA SER B 94 48.99 -10.86 16.68
C SER B 94 47.92 -11.62 15.91
N SER B 95 47.34 -12.61 16.57
CA SER B 95 46.26 -13.40 15.96
C SER B 95 44.92 -12.81 16.37
N PRO B 96 44.00 -12.56 15.43
CA PRO B 96 44.15 -12.85 14.00
C PRO B 96 44.94 -11.79 13.23
N TRP B 97 45.55 -12.19 12.11
CA TRP B 97 46.10 -11.21 11.19
C TRP B 97 44.98 -10.30 10.68
N THR B 98 45.26 -9.01 10.62
CA THR B 98 44.25 -8.03 10.23
C THR B 98 44.83 -7.04 9.22
N PHE B 99 43.94 -6.52 8.39
CA PHE B 99 44.26 -5.50 7.40
C PHE B 99 43.53 -4.21 7.74
N GLY B 100 44.12 -3.09 7.34
CA GLY B 100 43.39 -1.83 7.37
C GLY B 100 42.27 -1.82 6.34
N GLN B 101 41.42 -0.80 6.42
CA GLN B 101 40.32 -0.70 5.48
C GLN B 101 40.73 -0.16 4.12
N GLY B 102 41.97 0.29 3.96
CA GLY B 102 42.46 0.72 2.66
C GLY B 102 42.40 2.21 2.43
N THR B 103 43.40 2.74 1.74
CA THR B 103 43.46 4.15 1.36
C THR B 103 43.59 4.26 -0.15
N LYS B 104 42.68 5.00 -0.77
CA LYS B 104 42.69 5.20 -2.21
C LYS B 104 43.52 6.43 -2.57
N VAL B 105 44.42 6.27 -3.53
CA VAL B 105 45.21 7.38 -4.07
C VAL B 105 44.63 7.73 -5.43
N GLU B 106 43.98 8.89 -5.52
CA GLU B 106 43.26 9.31 -6.72
C GLU B 106 43.91 10.53 -7.37
N ILE B 107 43.61 10.73 -8.65
CA ILE B 107 44.07 11.91 -9.36
C ILE B 107 43.26 13.12 -8.90
N LYS B 108 43.96 14.20 -8.56
CA LYS B 108 43.33 15.42 -8.13
C LYS B 108 43.03 16.34 -9.32
N ARG B 109 41.88 16.98 -9.27
CA ARG B 109 41.49 17.98 -10.28
C ARG B 109 40.66 19.06 -9.57
N THR B 110 40.27 20.08 -10.33
CA THR B 110 39.43 21.14 -9.80
C THR B 110 38.01 20.65 -9.53
N VAL B 111 37.28 21.39 -8.70
CA VAL B 111 35.94 20.99 -8.32
C VAL B 111 34.99 21.09 -9.52
N ALA B 112 34.15 20.08 -9.68
CA ALA B 112 33.12 20.07 -10.72
C ALA B 112 31.82 19.61 -10.09
N ALA B 113 30.80 20.46 -10.14
CA ALA B 113 29.50 20.11 -9.61
C ALA B 113 28.83 19.09 -10.54
N PRO B 114 28.03 18.19 -9.98
CA PRO B 114 27.39 17.16 -10.82
C PRO B 114 26.27 17.73 -11.67
N SER B 115 26.17 17.22 -12.88
CA SER B 115 24.97 17.43 -13.70
C SER B 115 23.95 16.37 -13.31
N VAL B 116 22.74 16.81 -12.99
CA VAL B 116 21.72 15.94 -12.40
C VAL B 116 20.62 15.69 -13.42
N PHE B 117 20.24 14.41 -13.56
CA PHE B 117 19.15 14.01 -14.43
C PHE B 117 18.29 13.01 -13.68
N ILE B 118 16.97 13.10 -13.86
CA ILE B 118 16.03 12.18 -13.24
C ILE B 118 15.28 11.46 -14.35
N PHE B 119 15.07 10.15 -14.16
CA PHE B 119 14.40 9.32 -15.14
C PHE B 119 13.19 8.66 -14.49
N PRO B 120 11.97 8.91 -14.98
CA PRO B 120 10.81 8.19 -14.47
C PRO B 120 10.84 6.74 -14.92
N PRO B 121 10.10 5.86 -14.25
CA PRO B 121 10.01 4.47 -14.71
C PRO B 121 9.29 4.39 -16.05
N SER B 122 9.77 3.49 -16.91
CA SER B 122 9.14 3.31 -18.21
C SER B 122 7.79 2.61 -18.06
N ASP B 123 6.92 2.83 -19.05
CA ASP B 123 5.63 2.16 -19.05
C ASP B 123 5.79 0.64 -19.17
N GLU B 124 6.86 0.19 -19.83
CA GLU B 124 7.09 -1.24 -19.95
C GLU B 124 7.36 -1.89 -18.61
N GLN B 125 8.16 -1.23 -17.76
CA GLN B 125 8.45 -1.78 -16.43
C GLN B 125 7.20 -1.77 -15.55
N LEU B 126 6.42 -0.69 -15.60
CA LEU B 126 5.20 -0.61 -14.81
C LEU B 126 4.27 -1.78 -15.09
N LYS B 127 4.30 -2.31 -16.31
CA LYS B 127 3.49 -3.49 -16.63
C LYS B 127 3.84 -4.68 -15.75
N SER B 128 5.08 -4.75 -15.25
CA SER B 128 5.54 -5.88 -14.47
C SER B 128 5.23 -5.77 -12.97
N GLY B 129 4.78 -4.61 -12.50
CA GLY B 129 4.35 -4.46 -11.13
C GLY B 129 5.31 -3.68 -10.26
N THR B 130 6.49 -3.30 -10.76
CA THR B 130 7.45 -2.54 -9.99
C THR B 130 7.83 -1.27 -10.76
N ALA B 131 8.40 -0.33 -10.02
CA ALA B 131 8.78 0.97 -10.58
C ALA B 131 10.16 1.36 -10.06
N SER B 132 11.08 1.64 -10.98
CA SER B 132 12.43 2.09 -10.65
C SER B 132 12.59 3.52 -11.13
N VAL B 133 12.92 4.42 -10.22
CA VAL B 133 13.23 5.81 -10.52
C VAL B 133 14.73 5.99 -10.36
N VAL B 134 15.38 6.57 -11.37
CA VAL B 134 16.84 6.68 -11.43
C VAL B 134 17.23 8.14 -11.42
N CYS B 135 18.20 8.48 -10.58
CA CYS B 135 18.80 9.81 -10.53
C CYS B 135 20.26 9.69 -10.92
N LEU B 136 20.69 10.49 -11.89
CA LEU B 136 22.03 10.43 -12.44
C LEU B 136 22.81 11.68 -12.04
N LEU B 137 23.97 11.47 -11.41
CA LEU B 137 24.93 12.54 -11.12
C LEU B 137 26.13 12.34 -12.04
N ASN B 138 26.32 13.27 -12.96
CA ASN B 138 27.26 13.08 -14.06
C ASN B 138 28.49 13.99 -13.92
N ASN B 139 29.67 13.38 -14.00
CA ASN B 139 30.94 14.09 -14.19
C ASN B 139 31.17 15.16 -13.12
N PHE B 140 31.36 14.68 -11.89
CA PHE B 140 31.59 15.56 -10.76
C PHE B 140 32.89 15.17 -10.05
N TYR B 141 33.38 16.11 -9.23
CA TYR B 141 34.58 15.92 -8.43
C TYR B 141 34.60 16.98 -7.34
N PRO B 142 34.97 16.63 -6.09
CA PRO B 142 35.37 15.29 -5.64
C PRO B 142 34.21 14.30 -5.53
N ARG B 143 34.52 13.07 -5.09
CA ARG B 143 33.57 11.97 -5.16
C ARG B 143 32.40 12.14 -4.20
N GLU B 144 32.62 12.78 -3.05
CA GLU B 144 31.60 12.80 -2.01
C GLU B 144 30.37 13.57 -2.48
N ALA B 145 29.20 12.95 -2.32
CA ALA B 145 27.95 13.58 -2.70
C ALA B 145 26.82 12.90 -1.94
N LYS B 146 25.70 13.61 -1.84
CA LYS B 146 24.52 13.10 -1.16
C LYS B 146 23.34 13.18 -2.10
N VAL B 147 22.60 12.07 -2.22
CA VAL B 147 21.41 11.99 -3.04
C VAL B 147 20.23 11.69 -2.12
N GLN B 148 19.20 12.52 -2.18
CA GLN B 148 18.02 12.37 -1.36
C GLN B 148 16.80 12.28 -2.26
N TRP B 149 16.09 11.15 -2.19
CA TRP B 149 14.84 10.99 -2.89
C TRP B 149 13.70 11.57 -2.07
N LYS B 150 12.80 12.29 -2.73
CA LYS B 150 11.61 12.84 -2.09
C LYS B 150 10.39 12.53 -2.93
N VAL B 151 9.40 11.89 -2.32
CA VAL B 151 8.16 11.51 -2.99
C VAL B 151 7.04 12.29 -2.31
N ASP B 152 6.47 13.25 -3.03
CA ASP B 152 5.53 14.22 -2.45
C ASP B 152 6.11 14.83 -1.18
N ASN B 153 7.38 15.24 -1.28
CA ASN B 153 8.15 15.88 -0.21
C ASN B 153 8.43 14.97 0.97
N ALA B 154 8.21 13.67 0.83
CA ALA B 154 8.57 12.70 1.86
C ALA B 154 9.94 12.11 1.52
N LEU B 155 10.89 12.26 2.44
CA LEU B 155 12.23 11.75 2.20
C LEU B 155 12.25 10.22 2.26
N GLN B 156 12.80 9.60 1.22
CA GLN B 156 12.88 8.15 1.15
C GLN B 156 14.21 7.68 1.69
N SER B 157 14.18 6.61 2.49
CA SER B 157 15.39 6.09 3.09
C SER B 157 15.28 4.57 3.20
N GLY B 158 16.37 3.89 2.84
CA GLY B 158 16.43 2.44 2.93
C GLY B 158 15.88 1.69 1.74
N ASN B 159 15.33 2.38 0.75
CA ASN B 159 14.75 1.74 -0.43
C ASN B 159 15.43 2.18 -1.72
N SER B 160 16.70 2.58 -1.64
CA SER B 160 17.46 2.96 -2.83
C SER B 160 18.86 2.34 -2.76
N GLN B 161 19.48 2.20 -3.93
CA GLN B 161 20.84 1.71 -4.04
C GLN B 161 21.64 2.58 -5.01
N GLU B 162 22.91 2.83 -4.66
CA GLU B 162 23.79 3.67 -5.44
C GLU B 162 24.91 2.85 -6.09
N SER B 163 25.38 3.34 -7.24
CA SER B 163 26.53 2.77 -7.92
C SER B 163 27.38 3.90 -8.47
N VAL B 164 28.70 3.77 -8.36
CA VAL B 164 29.64 4.82 -8.76
C VAL B 164 30.64 4.26 -9.74
N THR B 165 30.96 5.03 -10.78
CA THR B 165 31.97 4.63 -11.74
C THR B 165 33.37 4.84 -11.18
N GLU B 166 34.35 4.23 -11.84
CA GLU B 166 35.74 4.53 -11.55
C GLU B 166 36.08 5.91 -12.08
N GLN B 167 37.18 6.48 -11.56
CA GLN B 167 37.62 7.80 -11.99
C GLN B 167 37.91 7.81 -13.49
N ASP B 168 37.27 8.73 -14.20
CA ASP B 168 37.40 8.76 -15.66
C ASP B 168 38.84 9.03 -16.06
N SER B 169 39.32 8.28 -17.06
CA SER B 169 40.73 8.34 -17.42
C SER B 169 41.12 9.68 -18.03
N LYS B 170 40.19 10.41 -18.62
CA LYS B 170 40.53 11.67 -19.29
C LYS B 170 40.24 12.91 -18.46
N ASP B 171 39.05 13.02 -17.86
CA ASP B 171 38.71 14.24 -17.14
C ASP B 171 38.71 14.07 -15.63
N SER B 172 39.02 12.86 -15.13
CA SER B 172 39.22 12.56 -13.71
C SER B 172 37.98 12.80 -12.86
N THR B 173 36.79 12.79 -13.46
CA THR B 173 35.55 12.96 -12.72
C THR B 173 34.93 11.60 -12.38
N TYR B 174 33.92 11.65 -11.51
CA TYR B 174 33.11 10.51 -11.15
C TYR B 174 31.67 10.71 -11.63
N SER B 175 30.97 9.59 -11.79
CA SER B 175 29.54 9.59 -12.09
C SER B 175 28.85 8.60 -11.17
N LEU B 176 27.61 8.93 -10.78
CA LEU B 176 26.89 8.16 -9.78
C LEU B 176 25.43 8.03 -10.20
N SER B 177 24.87 6.84 -9.96
CA SER B 177 23.45 6.59 -10.17
C SER B 177 22.82 6.20 -8.85
N SER B 178 21.58 6.64 -8.64
CA SER B 178 20.79 6.24 -7.48
C SER B 178 19.45 5.72 -8.01
N THR B 179 19.08 4.52 -7.58
CA THR B 179 17.87 3.85 -8.07
C THR B 179 16.90 3.68 -6.91
N LEU B 180 15.76 4.36 -6.99
CA LEU B 180 14.66 4.22 -6.04
C LEU B 180 13.70 3.16 -6.55
N THR B 181 13.44 2.15 -5.73
CA THR B 181 12.57 1.04 -6.11
C THR B 181 11.28 1.12 -5.30
N LEU B 182 10.14 1.19 -6.00
CA LEU B 182 8.83 1.20 -5.37
C LEU B 182 7.95 0.16 -6.05
N SER B 183 6.90 -0.25 -5.34
CA SER B 183 5.86 -1.04 -5.99
C SER B 183 5.04 -0.14 -6.91
N LYS B 184 4.41 -0.77 -7.91
CA LYS B 184 3.56 -0.01 -8.82
C LYS B 184 2.43 0.69 -8.08
N ALA B 185 1.87 0.03 -7.06
CA ALA B 185 0.78 0.63 -6.30
C ALA B 185 1.25 1.85 -5.51
N ASP B 186 2.43 1.77 -4.89
CA ASP B 186 2.96 2.93 -4.18
C ASP B 186 3.34 4.04 -5.15
N TYR B 187 3.90 3.68 -6.30
CA TYR B 187 4.26 4.69 -7.29
C TYR B 187 3.04 5.45 -7.78
N GLU B 188 1.91 4.75 -7.96
CA GLU B 188 0.73 5.35 -8.57
C GLU B 188 -0.08 6.22 -7.62
N LYS B 189 0.20 6.22 -6.32
CA LYS B 189 -0.55 7.06 -5.39
C LYS B 189 0.18 8.33 -5.02
N HIS B 190 1.26 8.67 -5.72
CA HIS B 190 1.99 9.91 -5.48
C HIS B 190 2.26 10.61 -6.80
N LYS B 191 2.48 11.92 -6.71
CA LYS B 191 2.59 12.78 -7.88
C LYS B 191 4.02 13.25 -8.14
N VAL B 192 4.66 13.88 -7.16
CA VAL B 192 5.93 14.57 -7.38
C VAL B 192 7.07 13.64 -6.95
N TYR B 193 7.98 13.35 -7.88
CA TYR B 193 9.16 12.53 -7.62
C TYR B 193 10.39 13.38 -7.88
N ALA B 194 11.27 13.50 -6.88
CA ALA B 194 12.41 14.37 -6.97
C ALA B 194 13.62 13.74 -6.31
N CYS B 195 14.80 13.97 -6.88
CA CYS B 195 16.05 13.65 -6.20
C CYS B 195 16.79 14.96 -5.92
N GLU B 196 17.21 15.12 -4.67
CA GLU B 196 17.87 16.33 -4.20
C GLU B 196 19.35 16.01 -3.99
N VAL B 197 20.22 16.78 -4.64
CA VAL B 197 21.65 16.49 -4.69
C VAL B 197 22.42 17.60 -3.99
N THR B 198 23.31 17.23 -3.09
CA THR B 198 24.23 18.15 -2.45
C THR B 198 25.67 17.71 -2.72
N HIS B 199 26.53 18.70 -2.87
CA HIS B 199 27.93 18.50 -3.22
C HIS B 199 28.68 19.73 -2.75
N GLN B 200 29.95 19.54 -2.38
CA GLN B 200 30.71 20.66 -1.83
C GLN B 200 30.88 21.79 -2.85
N GLY B 201 30.72 21.49 -4.14
CA GLY B 201 30.74 22.51 -5.17
C GLY B 201 29.44 23.22 -5.41
N LEU B 202 28.38 22.84 -4.69
CA LEU B 202 27.07 23.47 -4.83
C LEU B 202 26.78 24.34 -3.63
N SER B 203 26.40 25.59 -3.88
CA SER B 203 26.05 26.50 -2.79
C SER B 203 24.71 26.14 -2.16
N SER B 204 23.83 25.47 -2.89
CA SER B 204 22.55 25.01 -2.38
C SER B 204 22.18 23.75 -3.14
N PRO B 205 21.32 22.91 -2.56
CA PRO B 205 20.99 21.63 -3.22
C PRO B 205 20.35 21.84 -4.58
N VAL B 206 20.64 20.91 -5.49
CA VAL B 206 20.05 20.88 -6.82
C VAL B 206 18.94 19.84 -6.82
N THR B 207 17.76 20.22 -7.31
CA THR B 207 16.61 19.33 -7.36
C THR B 207 16.15 19.16 -8.80
N LYS B 208 16.04 17.92 -9.24
CA LYS B 208 15.39 17.55 -10.49
C LYS B 208 14.17 16.71 -10.17
N SER B 209 13.05 16.99 -10.84
CA SER B 209 11.81 16.33 -10.49
C SER B 209 10.96 16.13 -11.73
N PHE B 210 9.93 15.29 -11.58
CA PHE B 210 8.90 15.11 -12.58
C PHE B 210 7.60 14.82 -11.85
N ASN B 211 6.48 15.13 -12.50
CA ASN B 211 5.16 14.75 -12.02
C ASN B 211 4.71 13.49 -12.74
N ARG B 212 4.27 12.49 -11.98
CA ARG B 212 3.85 11.23 -12.56
C ARG B 212 2.70 11.45 -13.54
N GLY B 213 2.86 10.92 -14.75
CA GLY B 213 1.83 11.07 -15.77
C GLY B 213 1.77 12.44 -16.38
N GLU B 214 2.91 13.07 -16.59
CA GLU B 214 2.99 14.39 -17.22
C GLU B 214 4.17 14.42 -18.17
N CYS B 215 3.90 14.76 -19.43
CA CYS B 215 4.91 14.76 -20.47
C CYS B 215 5.94 15.87 -20.29
N GLU C 1 -4.35 -31.94 -7.64
CA GLU C 1 -5.34 -31.12 -6.94
C GLU C 1 -6.24 -31.89 -6.00
N VAL C 2 -6.47 -31.31 -4.81
CA VAL C 2 -7.37 -31.92 -3.86
C VAL C 2 -8.80 -31.74 -4.36
N GLN C 3 -9.57 -32.82 -4.36
CA GLN C 3 -10.96 -32.78 -4.79
C GLN C 3 -11.83 -33.46 -3.74
N LEU C 4 -12.88 -32.77 -3.32
CA LEU C 4 -13.88 -33.33 -2.42
C LEU C 4 -15.26 -33.11 -3.05
N VAL C 5 -15.96 -34.20 -3.32
CA VAL C 5 -17.26 -34.14 -3.99
C VAL C 5 -18.27 -34.81 -3.07
N GLU C 6 -19.26 -34.04 -2.63
CA GLU C 6 -20.32 -34.58 -1.79
C GLU C 6 -21.45 -35.11 -2.65
N SER C 7 -22.06 -36.20 -2.19
CA SER C 7 -23.21 -36.79 -2.87
C SER C 7 -24.08 -37.47 -1.82
N GLY C 8 -25.28 -37.87 -2.26
CA GLY C 8 -26.21 -38.52 -1.37
C GLY C 8 -27.21 -37.57 -0.74
N GLY C 9 -27.09 -36.28 -0.98
CA GLY C 9 -28.04 -35.31 -0.46
C GLY C 9 -29.37 -35.41 -1.20
N GLY C 10 -30.23 -34.45 -0.92
CA GLY C 10 -31.51 -34.41 -1.58
C GLY C 10 -32.61 -34.25 -0.57
N LEU C 11 -33.83 -34.56 -1.02
CA LEU C 11 -35.02 -34.40 -0.20
C LEU C 11 -35.24 -35.63 0.67
N VAL C 12 -35.60 -35.40 1.93
CA VAL C 12 -35.83 -36.48 2.88
C VAL C 12 -36.89 -36.01 3.88
N GLN C 13 -37.77 -36.94 4.28
CA GLN C 13 -38.86 -36.61 5.18
C GLN C 13 -38.38 -36.62 6.64
N PRO C 14 -39.02 -35.84 7.51
CA PRO C 14 -38.61 -35.82 8.92
C PRO C 14 -38.70 -37.20 9.54
N GLY C 15 -37.73 -37.51 10.39
CA GLY C 15 -37.65 -38.82 11.00
C GLY C 15 -36.95 -39.87 10.18
N ARG C 16 -36.75 -39.62 8.88
CA ARG C 16 -36.07 -40.56 8.01
C ARG C 16 -34.56 -40.40 8.11
N SER C 17 -33.84 -41.17 7.31
CA SER C 17 -32.38 -41.19 7.37
C SER C 17 -31.79 -40.92 5.99
N LEU C 18 -30.55 -40.44 6.01
CA LEU C 18 -29.76 -40.21 4.81
C LEU C 18 -28.31 -40.56 5.10
N ARG C 19 -27.58 -40.87 4.05
CA ARG C 19 -26.15 -41.14 4.13
CA ARG C 19 -26.15 -41.14 4.13
C ARG C 19 -25.45 -40.31 3.07
N LEU C 20 -24.71 -39.29 3.50
CA LEU C 20 -23.94 -38.49 2.57
C LEU C 20 -22.60 -39.16 2.29
N SER C 21 -22.14 -39.03 1.06
CA SER C 21 -20.84 -39.53 0.67
C SER C 21 -19.97 -38.37 0.21
N CYS C 22 -18.69 -38.41 0.57
CA CYS C 22 -17.71 -37.43 0.10
C CYS C 22 -16.52 -38.19 -0.47
N THR C 23 -16.45 -38.22 -1.80
CA THR C 23 -15.41 -38.93 -2.53
C THR C 23 -14.22 -38.02 -2.72
N ALA C 24 -13.05 -38.47 -2.27
CA ALA C 24 -11.84 -37.65 -2.26
C ALA C 24 -10.86 -38.16 -3.30
N SER C 25 -10.11 -37.22 -3.89
CA SER C 25 -9.06 -37.56 -4.84
C SER C 25 -8.02 -36.45 -4.82
N GLY C 26 -6.84 -36.77 -5.34
CA GLY C 26 -5.76 -35.82 -5.41
C GLY C 26 -4.89 -35.75 -4.17
N PHE C 27 -5.18 -36.56 -3.15
CA PHE C 27 -4.35 -36.62 -1.96
C PHE C 27 -4.54 -38.00 -1.32
N THR C 28 -3.67 -38.31 -0.37
CA THR C 28 -3.74 -39.58 0.34
C THR C 28 -4.84 -39.49 1.39
N PHE C 29 -6.04 -39.96 1.02
CA PHE C 29 -7.21 -39.82 1.88
C PHE C 29 -6.97 -40.43 3.26
N GLY C 30 -6.38 -41.62 3.31
CA GLY C 30 -6.22 -42.32 4.58
C GLY C 30 -5.36 -41.60 5.59
N ASP C 31 -4.55 -40.63 5.16
CA ASP C 31 -3.66 -39.95 6.08
C ASP C 31 -4.34 -38.81 6.84
N TYR C 32 -5.50 -38.35 6.38
CA TYR C 32 -6.10 -37.11 6.89
C TYR C 32 -7.36 -37.40 7.70
N ALA C 33 -7.54 -36.62 8.76
CA ALA C 33 -8.85 -36.54 9.38
C ALA C 33 -9.80 -35.76 8.49
N MET C 34 -11.07 -36.12 8.53
CA MET C 34 -12.10 -35.47 7.74
C MET C 34 -13.17 -34.91 8.67
N SER C 35 -13.82 -33.84 8.22
CA SER C 35 -14.81 -33.16 9.05
C SER C 35 -15.95 -32.65 8.18
N TRP C 36 -17.15 -32.71 8.73
CA TRP C 36 -18.35 -32.21 8.09
C TRP C 36 -18.80 -30.90 8.73
N VAL C 37 -19.16 -29.93 7.91
CA VAL C 37 -19.69 -28.65 8.34
C VAL C 37 -20.95 -28.35 7.54
N ARG C 38 -22.00 -27.88 8.21
CA ARG C 38 -23.25 -27.59 7.55
C ARG C 38 -23.57 -26.10 7.66
N GLN C 39 -24.36 -25.61 6.71
CA GLN C 39 -24.72 -24.20 6.67
C GLN C 39 -26.18 -24.11 6.26
N ALA C 40 -27.03 -23.77 7.23
CA ALA C 40 -28.44 -23.54 6.93
C ALA C 40 -28.56 -22.30 6.03
N PRO C 41 -29.60 -22.25 5.18
CA PRO C 41 -29.74 -21.13 4.25
C PRO C 41 -29.81 -19.81 5.00
N GLY C 42 -28.92 -18.89 4.62
CA GLY C 42 -28.86 -17.57 5.22
C GLY C 42 -28.16 -17.50 6.56
N LYS C 43 -27.64 -18.60 7.07
CA LYS C 43 -27.02 -18.63 8.39
C LYS C 43 -25.53 -18.92 8.27
N GLY C 44 -24.88 -19.12 9.41
CA GLY C 44 -23.46 -19.34 9.47
C GLY C 44 -23.08 -20.80 9.37
N LEU C 45 -21.87 -21.10 9.82
CA LEU C 45 -21.28 -22.43 9.70
C LEU C 45 -21.38 -23.15 11.04
N GLU C 46 -21.72 -24.43 10.98
CA GLU C 46 -21.82 -25.26 12.17
C GLU C 46 -21.07 -26.56 11.95
N TRP C 47 -20.07 -26.83 12.79
CA TRP C 47 -19.37 -28.09 12.78
C TRP C 47 -20.29 -29.20 13.26
N VAL C 48 -20.30 -30.34 12.56
CA VAL C 48 -21.14 -31.46 12.93
C VAL C 48 -20.34 -32.74 13.13
N GLY C 49 -19.02 -32.66 13.15
CA GLY C 49 -18.19 -33.76 13.58
C GLY C 49 -16.95 -33.95 12.71
N PHE C 50 -15.98 -34.66 13.26
CA PHE C 50 -14.82 -35.10 12.51
C PHE C 50 -14.54 -36.57 12.81
N ILE C 51 -13.74 -37.18 11.94
CA ILE C 51 -13.22 -38.53 12.16
C ILE C 51 -11.72 -38.49 11.97
N ARG C 52 -10.99 -39.14 12.88
CA ARG C 52 -9.55 -39.17 12.78
C ARG C 52 -9.12 -40.20 11.75
N SER C 53 -7.85 -40.13 11.35
CA SER C 53 -7.31 -41.11 10.42
C SER C 53 -7.11 -42.44 11.14
N LYS C 54 -6.95 -43.50 10.34
CA LYS C 54 -6.71 -44.82 10.92
C LYS C 54 -5.45 -44.82 11.79
N ALA C 55 -4.42 -44.09 11.34
CA ALA C 55 -3.18 -44.00 12.10
C ALA C 55 -3.37 -43.34 13.46
N ASN C 56 -4.43 -42.54 13.62
CA ASN C 56 -4.69 -41.86 14.89
C ASN C 56 -5.94 -42.42 15.58
N GLY C 57 -6.27 -43.69 15.33
CA GLY C 57 -7.32 -44.36 16.05
C GLY C 57 -8.63 -44.48 15.29
N GLY C 58 -8.91 -43.56 14.38
CA GLY C 58 -10.12 -43.65 13.59
C GLY C 58 -11.41 -43.40 14.34
N ARG C 59 -11.35 -42.74 15.49
CA ARG C 59 -12.55 -42.42 16.25
C ARG C 59 -13.09 -41.04 15.85
N THR C 60 -14.28 -40.73 16.35
CA THR C 60 -15.00 -39.52 15.95
C THR C 60 -15.33 -38.65 17.15
N GLU C 61 -15.73 -37.42 16.84
CA GLU C 61 -16.26 -36.46 17.81
C GLU C 61 -17.34 -35.67 17.10
N ASN C 62 -18.40 -35.33 17.82
CA ASN C 62 -19.52 -34.58 17.23
C ASN C 62 -20.11 -33.67 18.29
N PRO C 63 -20.78 -32.60 17.89
CA PRO C 63 -21.41 -31.69 18.86
C PRO C 63 -22.72 -32.26 19.38
N ALA C 64 -23.23 -31.62 20.44
CA ALA C 64 -24.45 -32.10 21.09
C ALA C 64 -25.66 -31.97 20.18
N SER C 65 -25.65 -31.01 19.26
CA SER C 65 -26.80 -30.79 18.39
C SER C 65 -27.12 -32.01 17.53
N VAL C 66 -26.11 -32.83 17.23
CA VAL C 66 -26.28 -34.01 16.40
C VAL C 66 -25.84 -35.30 17.08
N LYS C 67 -25.40 -35.23 18.34
CA LYS C 67 -24.93 -36.42 19.03
C LYS C 67 -26.03 -37.46 19.14
N GLY C 68 -25.68 -38.71 18.86
CA GLY C 68 -26.66 -39.79 18.84
C GLY C 68 -27.47 -39.88 17.57
N ARG C 69 -27.41 -38.87 16.70
CA ARG C 69 -28.15 -38.85 15.45
C ARG C 69 -27.25 -38.96 14.22
N PHE C 70 -26.12 -38.27 14.21
CA PHE C 70 -25.20 -38.29 13.10
C PHE C 70 -23.98 -39.12 13.45
N THR C 71 -23.50 -39.91 12.48
CA THR C 71 -22.33 -40.75 12.68
C THR C 71 -21.43 -40.63 11.46
N ILE C 72 -20.15 -40.40 11.69
CA ILE C 72 -19.17 -40.29 10.62
C ILE C 72 -18.36 -41.57 10.56
N SER C 73 -18.15 -42.07 9.35
CA SER C 73 -17.30 -43.23 9.11
C SER C 73 -16.49 -42.97 7.84
N ARG C 74 -15.55 -43.87 7.57
CA ARG C 74 -14.69 -43.71 6.40
C ARG C 74 -14.37 -45.08 5.81
N ASP C 75 -14.12 -45.08 4.51
CA ASP C 75 -13.67 -46.27 3.79
C ASP C 75 -12.39 -45.87 3.05
N ASP C 76 -11.24 -46.20 3.63
CA ASP C 76 -9.97 -45.75 3.05
C ASP C 76 -9.67 -46.44 1.72
N SER C 77 -10.21 -47.65 1.51
CA SER C 77 -9.98 -48.32 0.23
C SER C 77 -10.73 -47.65 -0.91
N LYS C 78 -11.79 -46.89 -0.61
CA LYS C 78 -12.53 -46.16 -1.63
C LYS C 78 -12.28 -44.65 -1.58
N SER C 79 -11.52 -44.16 -0.60
CA SER C 79 -11.29 -42.72 -0.42
C SER C 79 -12.63 -41.99 -0.29
N ILE C 80 -13.47 -42.47 0.62
CA ILE C 80 -14.79 -41.91 0.85
C ILE C 80 -15.00 -41.72 2.35
N ALA C 81 -15.50 -40.54 2.73
CA ALA C 81 -15.97 -40.29 4.08
C ALA C 81 -17.49 -40.26 4.05
N TYR C 82 -18.11 -40.76 5.11
CA TYR C 82 -19.56 -40.87 5.17
C TYR C 82 -20.12 -40.04 6.31
N LEU C 83 -21.34 -39.57 6.13
CA LEU C 83 -22.12 -38.93 7.19
C LEU C 83 -23.48 -39.62 7.24
N GLN C 84 -23.67 -40.47 8.24
CA GLN C 84 -24.94 -41.14 8.45
C GLN C 84 -25.83 -40.22 9.28
N MET C 85 -26.96 -39.81 8.71
CA MET C 85 -27.86 -38.83 9.32
C MET C 85 -29.18 -39.53 9.66
N ASN C 86 -29.40 -39.79 10.93
CA ASN C 86 -30.62 -40.43 11.40
C ASN C 86 -31.50 -39.44 12.16
N SER C 87 -32.78 -39.80 12.29
CA SER C 87 -33.75 -39.01 13.05
C SER C 87 -33.76 -37.55 12.61
N LEU C 88 -33.86 -37.35 11.30
CA LEU C 88 -33.68 -36.02 10.73
C LEU C 88 -34.83 -35.10 11.11
N LYS C 89 -34.50 -33.84 11.37
CA LYS C 89 -35.47 -32.81 11.70
C LYS C 89 -35.39 -31.69 10.69
N THR C 90 -36.44 -30.85 10.65
CA THR C 90 -36.46 -29.74 9.72
C THR C 90 -35.28 -28.80 9.95
N GLU C 91 -34.83 -28.68 11.21
CA GLU C 91 -33.68 -27.83 11.52
C GLU C 91 -32.39 -28.33 10.88
N ASP C 92 -32.36 -29.58 10.43
CA ASP C 92 -31.17 -30.12 9.78
C ASP C 92 -31.03 -29.70 8.33
N THR C 93 -32.02 -28.99 7.79
CA THR C 93 -31.94 -28.51 6.41
C THR C 93 -30.77 -27.56 6.25
N ALA C 94 -29.81 -27.92 5.42
CA ALA C 94 -28.60 -27.14 5.25
C ALA C 94 -27.80 -27.70 4.08
N VAL C 95 -26.86 -26.91 3.61
CA VAL C 95 -25.81 -27.40 2.72
C VAL C 95 -24.73 -28.05 3.57
N TYR C 96 -24.37 -29.29 3.24
CA TYR C 96 -23.39 -30.06 4.00
C TYR C 96 -22.07 -30.14 3.25
N TYR C 97 -21.00 -29.66 3.89
CA TYR C 97 -19.66 -29.69 3.32
C TYR C 97 -18.84 -30.76 4.03
N CYS C 98 -18.11 -31.58 3.26
CA CYS C 98 -17.02 -32.37 3.82
C CYS C 98 -15.74 -31.55 3.68
N THR C 99 -14.87 -31.65 4.68
CA THR C 99 -13.66 -30.87 4.72
C THR C 99 -12.49 -31.74 5.10
N ARG C 100 -11.32 -31.41 4.55
CA ARG C 100 -10.09 -32.09 4.92
C ARG C 100 -9.43 -31.32 6.06
N VAL C 101 -9.09 -32.04 7.13
CA VAL C 101 -8.45 -31.45 8.29
C VAL C 101 -6.95 -31.45 8.06
N GLU C 102 -6.33 -30.27 8.13
CA GLU C 102 -4.91 -30.16 7.82
C GLU C 102 -4.07 -30.88 8.87
N LEU C 103 -2.89 -31.33 8.45
CA LEU C 103 -1.96 -32.01 9.34
C LEU C 103 -1.17 -30.98 10.15
N GLY C 104 -0.59 -31.45 11.25
CA GLY C 104 0.27 -30.62 12.06
C GLY C 104 -0.41 -30.12 13.33
N SER C 105 0.21 -29.08 13.91
CA SER C 105 -0.23 -28.55 15.19
C SER C 105 -1.47 -27.67 15.09
N SER C 106 -1.78 -27.17 13.89
CA SER C 106 -2.93 -26.28 13.68
C SER C 106 -3.88 -26.95 12.70
N TRP C 107 -4.87 -27.67 13.23
CA TRP C 107 -5.73 -28.53 12.42
C TRP C 107 -6.94 -27.75 11.92
N SER C 108 -6.67 -26.83 11.00
CA SER C 108 -7.72 -26.08 10.32
C SER C 108 -8.35 -26.92 9.22
N LEU C 109 -9.40 -26.38 8.61
CA LEU C 109 -10.11 -27.04 7.52
C LEU C 109 -9.57 -26.48 6.21
N GLY C 110 -8.60 -27.19 5.62
CA GLY C 110 -7.85 -26.63 4.50
C GLY C 110 -8.56 -26.70 3.18
N TYR C 111 -9.42 -27.69 2.97
CA TYR C 111 -10.09 -27.86 1.70
C TYR C 111 -11.55 -28.22 1.92
N TRP C 112 -12.43 -27.62 1.12
CA TRP C 112 -13.87 -27.79 1.24
C TRP C 112 -14.43 -28.25 -0.09
N GLY C 113 -15.37 -29.18 -0.04
CA GLY C 113 -16.14 -29.52 -1.22
C GLY C 113 -17.15 -28.44 -1.57
N GLN C 114 -17.82 -28.64 -2.71
CA GLN C 114 -18.84 -27.69 -3.11
C GLN C 114 -20.09 -27.80 -2.26
N GLY C 115 -20.29 -28.91 -1.57
CA GLY C 115 -21.42 -29.08 -0.68
C GLY C 115 -22.62 -29.70 -1.38
N THR C 116 -23.45 -30.38 -0.58
CA THR C 116 -24.68 -30.99 -1.08
C THR C 116 -25.84 -30.55 -0.19
N LEU C 117 -26.94 -30.16 -0.84
CA LEU C 117 -28.10 -29.64 -0.11
C LEU C 117 -28.95 -30.78 0.40
N VAL C 118 -29.30 -30.71 1.68
CA VAL C 118 -30.19 -31.68 2.31
C VAL C 118 -31.43 -30.91 2.77
N THR C 119 -32.58 -31.28 2.22
CA THR C 119 -33.85 -30.64 2.54
C THR C 119 -34.71 -31.63 3.32
N VAL C 120 -35.03 -31.30 4.56
CA VAL C 120 -35.86 -32.14 5.40
C VAL C 120 -37.23 -31.50 5.44
N SER C 121 -38.20 -32.13 4.79
CA SER C 121 -39.54 -31.56 4.67
C SER C 121 -40.49 -32.66 4.23
N SER C 122 -41.76 -32.50 4.61
CA SER C 122 -42.83 -33.40 4.17
C SER C 122 -43.58 -32.86 2.97
N ALA C 123 -43.15 -31.72 2.41
CA ALA C 123 -43.83 -31.15 1.27
C ALA C 123 -43.61 -31.99 0.01
N SER C 124 -44.61 -31.97 -0.86
CA SER C 124 -44.55 -32.69 -2.13
C SER C 124 -44.03 -31.79 -3.23
N THR C 125 -43.37 -32.39 -4.22
CA THR C 125 -42.87 -31.64 -5.36
C THR C 125 -44.02 -30.95 -6.08
N LYS C 126 -43.87 -29.65 -6.31
CA LYS C 126 -44.92 -28.84 -6.90
C LYS C 126 -44.32 -27.69 -7.70
N GLY C 127 -44.83 -27.48 -8.91
CA GLY C 127 -44.39 -26.38 -9.74
C GLY C 127 -44.97 -25.07 -9.27
N PRO C 128 -44.33 -23.96 -9.63
CA PRO C 128 -44.79 -22.66 -9.15
C PRO C 128 -45.93 -22.10 -9.99
N SER C 129 -46.71 -21.23 -9.34
CA SER C 129 -47.60 -20.33 -10.05
C SER C 129 -46.90 -18.99 -10.25
N VAL C 130 -47.01 -18.44 -11.45
CA VAL C 130 -46.32 -17.21 -11.81
C VAL C 130 -47.38 -16.12 -12.01
N PHE C 131 -47.34 -15.12 -11.14
CA PHE C 131 -48.30 -14.03 -11.18
C PHE C 131 -47.60 -12.74 -11.58
N PRO C 132 -48.29 -11.85 -12.29
CA PRO C 132 -47.66 -10.60 -12.73
C PRO C 132 -47.59 -9.58 -11.61
N LEU C 133 -46.45 -8.90 -11.52
CA LEU C 133 -46.31 -7.70 -10.71
C LEU C 133 -46.41 -6.54 -11.69
N ALA C 134 -47.64 -6.11 -11.93
CA ALA C 134 -47.92 -5.18 -13.01
C ALA C 134 -47.56 -3.76 -12.62
N PRO C 135 -47.02 -2.97 -13.55
CA PRO C 135 -46.80 -1.55 -13.28
C PRO C 135 -48.13 -0.88 -13.00
N SER C 136 -48.06 0.33 -12.45
CA SER C 136 -49.25 0.98 -11.93
C SER C 136 -49.58 2.21 -12.74
N SER C 137 -50.83 2.64 -12.63
CA SER C 137 -51.35 3.77 -13.37
C SER C 137 -50.94 5.10 -12.78
N LYS C 138 -50.21 5.10 -11.66
CA LYS C 138 -49.60 6.30 -11.10
C LYS C 138 -48.13 6.41 -11.47
N SER C 139 -47.71 5.79 -12.56
CA SER C 139 -46.31 5.80 -12.99
C SER C 139 -45.96 7.12 -13.68
N GLY C 142 -44.79 8.82 -16.57
CA GLY C 142 -44.03 10.07 -16.59
C GLY C 142 -42.54 9.87 -16.41
N GLY C 143 -42.15 9.16 -15.35
CA GLY C 143 -40.75 8.93 -15.08
C GLY C 143 -40.33 7.48 -15.22
N THR C 144 -40.30 6.75 -14.10
CA THR C 144 -39.86 5.37 -14.08
C THR C 144 -40.92 4.48 -13.45
N ALA C 145 -41.08 3.28 -14.00
CA ALA C 145 -42.04 2.30 -13.51
C ALA C 145 -41.35 0.97 -13.25
N ALA C 146 -41.82 0.27 -12.23
CA ALA C 146 -41.31 -1.04 -11.86
C ALA C 146 -42.34 -2.12 -12.16
N LEU C 147 -41.86 -3.29 -12.57
CA LEU C 147 -42.73 -4.43 -12.81
C LEU C 147 -41.91 -5.70 -12.56
N GLY C 148 -42.62 -6.82 -12.46
CA GLY C 148 -41.94 -8.07 -12.20
C GLY C 148 -42.87 -9.26 -12.21
N CYS C 149 -42.35 -10.39 -11.71
CA CYS C 149 -43.07 -11.66 -11.66
C CYS C 149 -42.98 -12.21 -10.25
N LEU C 150 -44.12 -12.66 -9.72
CA LEU C 150 -44.17 -13.34 -8.43
C LEU C 150 -44.23 -14.84 -8.68
N VAL C 151 -43.20 -15.55 -8.25
CA VAL C 151 -43.06 -16.99 -8.48
C VAL C 151 -43.38 -17.69 -7.16
N LYS C 152 -44.60 -18.18 -7.03
CA LYS C 152 -45.18 -18.56 -5.74
C LYS C 152 -45.44 -20.05 -5.64
N ASP C 153 -45.20 -20.60 -4.45
CA ASP C 153 -45.69 -21.92 -4.04
C ASP C 153 -45.10 -23.04 -4.90
N TYR C 154 -43.79 -23.17 -4.85
CA TYR C 154 -43.10 -24.26 -5.51
C TYR C 154 -42.26 -25.05 -4.51
N PHE C 155 -41.92 -26.29 -4.89
CA PHE C 155 -41.10 -27.14 -4.04
C PHE C 155 -40.55 -28.28 -4.88
N PRO C 156 -39.27 -28.64 -4.74
CA PRO C 156 -38.31 -27.92 -3.90
C PRO C 156 -37.54 -26.85 -4.67
N GLU C 157 -36.47 -26.34 -4.07
CA GLU C 157 -35.55 -25.46 -4.79
C GLU C 157 -34.82 -26.26 -5.87
N PRO C 158 -34.28 -25.58 -6.90
CA PRO C 158 -34.31 -24.14 -7.16
C PRO C 158 -35.25 -23.74 -8.29
N VAL C 159 -35.41 -22.44 -8.47
CA VAL C 159 -36.10 -21.84 -9.61
C VAL C 159 -35.15 -20.83 -10.23
N THR C 160 -35.01 -20.89 -11.55
CA THR C 160 -34.24 -19.90 -12.30
C THR C 160 -35.21 -18.98 -13.03
N VAL C 161 -34.87 -17.69 -13.05
CA VAL C 161 -35.69 -16.67 -13.69
C VAL C 161 -34.80 -15.84 -14.61
N SER C 162 -35.28 -15.63 -15.83
CA SER C 162 -34.65 -14.69 -16.76
C SER C 162 -35.74 -13.81 -17.34
N TRP C 163 -35.33 -12.79 -18.09
CA TRP C 163 -36.25 -11.86 -18.72
C TRP C 163 -35.93 -11.78 -20.20
N ASN C 164 -36.96 -11.87 -21.04
CA ASN C 164 -36.82 -11.82 -22.49
C ASN C 164 -35.78 -12.84 -22.97
N SER C 165 -35.90 -14.06 -22.45
CA SER C 165 -35.07 -15.20 -22.87
C SER C 165 -33.58 -14.98 -22.63
N GLY C 166 -33.23 -14.19 -21.63
CA GLY C 166 -31.85 -13.97 -21.25
C GLY C 166 -31.21 -12.71 -21.79
N ALA C 167 -31.88 -11.99 -22.70
CA ALA C 167 -31.31 -10.77 -23.25
C ALA C 167 -31.31 -9.62 -22.24
N LEU C 168 -32.14 -9.70 -21.19
CA LEU C 168 -32.29 -8.64 -20.19
C LEU C 168 -31.65 -9.07 -18.87
N THR C 169 -30.62 -8.33 -18.45
CA THR C 169 -29.92 -8.63 -17.21
C THR C 169 -29.73 -7.37 -16.36
N SER C 170 -29.54 -6.22 -17.01
CA SER C 170 -29.35 -4.96 -16.30
C SER C 170 -30.67 -4.45 -15.75
N GLY C 171 -30.66 -4.03 -14.49
CA GLY C 171 -31.86 -3.60 -13.81
C GLY C 171 -32.74 -4.72 -13.33
N VAL C 172 -32.34 -5.96 -13.57
CA VAL C 172 -33.10 -7.13 -13.12
C VAL C 172 -32.70 -7.43 -11.67
N HIS C 173 -33.69 -7.63 -10.82
CA HIS C 173 -33.45 -8.05 -9.44
C HIS C 173 -34.28 -9.30 -9.20
N THR C 174 -33.60 -10.44 -9.10
CA THR C 174 -34.24 -11.71 -8.78
C THR C 174 -33.92 -12.02 -7.32
N PHE C 175 -34.93 -11.93 -6.47
CA PHE C 175 -34.68 -12.03 -5.03
C PHE C 175 -34.51 -13.47 -4.60
N PRO C 176 -33.70 -13.71 -3.56
CA PRO C 176 -33.64 -15.06 -2.99
C PRO C 176 -35.01 -15.51 -2.50
N ALA C 177 -35.28 -16.80 -2.66
CA ALA C 177 -36.55 -17.34 -2.22
C ALA C 177 -36.65 -17.32 -0.70
N VAL C 178 -37.89 -17.26 -0.22
CA VAL C 178 -38.19 -17.40 1.21
C VAL C 178 -39.04 -18.65 1.38
N LEU C 179 -38.78 -19.38 2.46
CA LEU C 179 -39.57 -20.55 2.81
C LEU C 179 -40.79 -20.11 3.61
N GLN C 180 -41.98 -20.39 3.08
CA GLN C 180 -43.21 -19.98 3.74
C GLN C 180 -43.61 -21.00 4.80
N SER C 181 -44.54 -20.59 5.66
CA SER C 181 -44.99 -21.47 6.74
C SER C 181 -45.70 -22.71 6.22
N SER C 182 -46.22 -22.68 5.00
CA SER C 182 -46.84 -23.85 4.39
C SER C 182 -45.82 -24.89 3.95
N GLY C 183 -44.52 -24.58 4.02
CA GLY C 183 -43.48 -25.46 3.53
C GLY C 183 -43.15 -25.31 2.06
N LEU C 184 -43.78 -24.36 1.37
CA LEU C 184 -43.50 -24.09 -0.04
C LEU C 184 -42.70 -22.80 -0.18
N TYR C 185 -41.92 -22.71 -1.25
CA TYR C 185 -41.07 -21.55 -1.50
C TYR C 185 -41.76 -20.52 -2.38
N SER C 186 -41.30 -19.27 -2.26
CA SER C 186 -41.77 -18.19 -3.10
C SER C 186 -40.63 -17.22 -3.35
N LEU C 187 -40.60 -16.64 -4.55
CA LEU C 187 -39.65 -15.59 -4.85
C LEU C 187 -40.29 -14.63 -5.84
N SER C 188 -39.66 -13.47 -5.99
CA SER C 188 -40.09 -12.50 -6.98
C SER C 188 -38.88 -12.01 -7.77
N SER C 189 -39.13 -11.61 -9.00
CA SER C 189 -38.11 -11.02 -9.86
C SER C 189 -38.71 -9.75 -10.46
N VAL C 190 -38.02 -8.62 -10.26
CA VAL C 190 -38.53 -7.33 -10.70
C VAL C 190 -37.51 -6.69 -11.63
N VAL C 191 -37.99 -5.74 -12.44
CA VAL C 191 -37.17 -4.97 -13.36
C VAL C 191 -37.71 -3.55 -13.38
N THR C 192 -36.81 -2.58 -13.51
CA THR C 192 -37.18 -1.18 -13.67
C THR C 192 -36.96 -0.78 -15.13
N VAL C 193 -37.96 -0.12 -15.71
CA VAL C 193 -37.94 0.27 -17.12
C VAL C 193 -38.46 1.70 -17.25
N PRO C 194 -38.15 2.37 -18.35
CA PRO C 194 -38.73 3.70 -18.59
C PRO C 194 -40.24 3.61 -18.70
N SER C 195 -40.92 4.57 -18.04
CA SER C 195 -42.38 4.57 -18.01
C SER C 195 -42.98 4.74 -19.40
N SER C 196 -42.27 5.40 -20.31
CA SER C 196 -42.82 5.64 -21.65
C SER C 196 -42.94 4.38 -22.49
N SER C 197 -42.24 3.31 -22.11
CA SER C 197 -42.26 2.06 -22.86
C SER C 197 -43.37 1.11 -22.43
N LEU C 198 -44.18 1.48 -21.43
CA LEU C 198 -45.16 0.54 -20.88
C LEU C 198 -46.22 0.16 -21.91
N GLY C 199 -46.51 1.04 -22.86
CA GLY C 199 -47.53 0.74 -23.85
C GLY C 199 -47.06 0.07 -25.11
N THR C 200 -45.74 -0.01 -25.32
CA THR C 200 -45.18 -0.54 -26.56
C THR C 200 -44.27 -1.75 -26.37
N GLN C 201 -43.46 -1.78 -25.33
CA GLN C 201 -42.46 -2.82 -25.16
C GLN C 201 -43.01 -4.02 -24.39
N THR C 202 -42.67 -5.21 -24.87
CA THR C 202 -43.11 -6.45 -24.25
C THR C 202 -42.06 -6.94 -23.25
N TYR C 203 -42.52 -7.31 -22.06
CA TYR C 203 -41.65 -7.82 -21.00
C TYR C 203 -42.15 -9.20 -20.59
N ILE C 204 -41.31 -10.22 -20.73
CA ILE C 204 -41.66 -11.60 -20.42
C ILE C 204 -40.61 -12.18 -19.49
N CYS C 205 -41.05 -12.70 -18.34
CA CYS C 205 -40.18 -13.41 -17.42
C CYS C 205 -40.24 -14.91 -17.72
N ASN C 206 -39.08 -15.54 -17.80
CA ASN C 206 -38.98 -16.97 -18.09
C ASN C 206 -38.63 -17.68 -16.80
N VAL C 207 -39.56 -18.52 -16.33
CA VAL C 207 -39.42 -19.23 -15.06
C VAL C 207 -39.20 -20.71 -15.37
N ASN C 208 -38.16 -21.30 -14.78
CA ASN C 208 -37.84 -22.71 -14.98
C ASN C 208 -37.72 -23.36 -13.61
N HIS C 209 -38.53 -24.40 -13.39
CA HIS C 209 -38.47 -25.22 -12.17
C HIS C 209 -38.25 -26.66 -12.61
N LYS C 210 -36.98 -27.02 -12.78
CA LYS C 210 -36.64 -28.36 -13.28
C LYS C 210 -37.16 -29.51 -12.41
N PRO C 211 -37.17 -29.42 -11.07
CA PRO C 211 -37.71 -30.54 -10.28
C PRO C 211 -39.12 -30.96 -10.67
N SER C 212 -39.96 -30.05 -11.15
CA SER C 212 -41.30 -30.39 -11.59
C SER C 212 -41.44 -30.34 -13.11
N ASN C 213 -40.33 -30.15 -13.83
CA ASN C 213 -40.34 -30.05 -15.29
C ASN C 213 -41.29 -28.95 -15.76
N THR C 214 -41.24 -27.81 -15.08
CA THR C 214 -42.13 -26.69 -15.35
C THR C 214 -41.35 -25.56 -16.00
N LYS C 215 -41.80 -25.12 -17.18
CA LYS C 215 -41.26 -23.96 -17.88
C LYS C 215 -42.41 -23.02 -18.15
N VAL C 216 -42.27 -21.77 -17.71
CA VAL C 216 -43.32 -20.76 -17.86
C VAL C 216 -42.72 -19.48 -18.41
N ASP C 217 -43.34 -18.95 -19.47
CA ASP C 217 -43.04 -17.61 -19.97
C ASP C 217 -44.26 -16.73 -19.70
N LYS C 218 -44.09 -15.72 -18.87
CA LYS C 218 -45.19 -14.88 -18.41
C LYS C 218 -44.96 -13.45 -18.85
N LYS C 219 -45.89 -12.92 -19.66
CA LYS C 219 -45.85 -11.53 -20.08
C LYS C 219 -46.56 -10.66 -19.05
N VAL C 220 -45.93 -9.55 -18.69
CA VAL C 220 -46.42 -8.64 -17.65
C VAL C 220 -46.75 -7.30 -18.30
N GLU C 221 -47.96 -6.80 -18.07
CA GLU C 221 -48.45 -5.59 -18.71
C GLU C 221 -49.16 -4.72 -17.68
N PRO C 222 -49.31 -3.41 -17.97
CA PRO C 222 -49.96 -2.49 -17.02
C PRO C 222 -51.45 -2.74 -16.77
N LYS C 223 -51.88 -4.00 -16.72
CA LYS C 223 -53.25 -4.36 -16.35
C LYS C 223 -54.30 -3.61 -17.17
N GLU D 1 -19.35 -24.28 25.71
CA GLU D 1 -18.87 -24.00 24.36
C GLU D 1 -18.28 -22.60 24.26
N ILE D 2 -17.23 -22.46 23.46
CA ILE D 2 -16.61 -21.16 23.24
C ILE D 2 -17.39 -20.41 22.17
N VAL D 3 -17.99 -19.30 22.54
CA VAL D 3 -18.75 -18.47 21.62
C VAL D 3 -17.80 -17.43 21.01
N LEU D 4 -17.83 -17.31 19.68
CA LEU D 4 -17.01 -16.36 18.96
C LEU D 4 -17.89 -15.23 18.44
N THR D 5 -17.60 -14.00 18.88
CA THR D 5 -18.37 -12.83 18.50
C THR D 5 -17.50 -11.96 17.61
N GLN D 6 -17.92 -11.79 16.36
CA GLN D 6 -17.19 -10.97 15.39
C GLN D 6 -17.79 -9.57 15.33
N SER D 7 -16.94 -8.60 14.99
CA SER D 7 -17.36 -7.21 14.91
C SER D 7 -16.46 -6.50 13.93
N PRO D 8 -16.99 -5.51 13.18
CA PRO D 8 -18.41 -5.17 13.15
C PRO D 8 -19.21 -6.20 12.37
N GLY D 9 -20.54 -6.12 12.42
CA GLY D 9 -21.36 -7.04 11.62
C GLY D 9 -21.14 -6.84 10.13
N THR D 10 -20.99 -5.59 9.71
CA THR D 10 -20.72 -5.25 8.31
C THR D 10 -19.66 -4.16 8.28
N LEU D 11 -18.69 -4.32 7.38
CA LEU D 11 -17.62 -3.35 7.18
C LEU D 11 -17.78 -2.77 5.78
N SER D 12 -17.90 -1.44 5.69
CA SER D 12 -18.15 -0.74 4.43
C SER D 12 -16.89 0.02 4.05
N LEU D 13 -16.19 -0.47 3.03
CA LEU D 13 -14.91 0.11 2.63
C LEU D 13 -14.80 0.15 1.12
N SER D 14 -13.85 0.95 0.63
CA SER D 14 -13.51 1.13 -0.77
C SER D 14 -12.31 0.30 -1.16
N PRO D 15 -12.19 -0.09 -2.42
CA PRO D 15 -10.98 -0.81 -2.88
C PRO D 15 -9.72 0.00 -2.60
N GLY D 16 -8.69 -0.69 -2.13
CA GLY D 16 -7.44 -0.06 -1.77
C GLY D 16 -7.31 0.32 -0.31
N GLU D 17 -8.41 0.29 0.44
CA GLU D 17 -8.38 0.62 1.86
C GLU D 17 -8.10 -0.62 2.71
N ARG D 18 -7.85 -0.38 3.99
CA ARG D 18 -7.51 -1.44 4.93
C ARG D 18 -8.76 -1.92 5.65
N ALA D 19 -8.91 -3.24 5.74
CA ALA D 19 -10.00 -3.87 6.47
C ALA D 19 -9.43 -4.50 7.74
N THR D 20 -10.06 -4.22 8.88
CA THR D 20 -9.65 -4.80 10.16
C THR D 20 -10.87 -5.46 10.77
N LEU D 21 -10.85 -6.79 10.84
CA LEU D 21 -11.98 -7.56 11.34
C LEU D 21 -11.61 -8.17 12.68
N SER D 22 -12.53 -8.11 13.63
CA SER D 22 -12.29 -8.56 15.00
C SER D 22 -13.08 -9.82 15.29
N CYS D 23 -12.52 -10.66 16.16
CA CYS D 23 -13.14 -11.90 16.60
C CYS D 23 -12.82 -12.07 18.07
N ARG D 24 -13.83 -11.98 18.94
CA ARG D 24 -13.65 -12.09 20.37
C ARG D 24 -14.21 -13.40 20.88
N ALA D 25 -13.42 -14.12 21.68
CA ALA D 25 -13.80 -15.42 22.21
C ALA D 25 -14.29 -15.28 23.65
N SER D 26 -15.36 -16.01 23.97
CA SER D 26 -15.89 -16.00 25.33
C SER D 26 -14.96 -16.68 26.32
N GLN D 27 -14.04 -17.50 25.84
CA GLN D 27 -13.04 -18.17 26.66
C GLN D 27 -11.67 -18.04 26.01
N SER D 28 -10.63 -18.24 26.82
CA SER D 28 -9.27 -18.13 26.31
C SER D 28 -9.01 -19.20 25.26
N VAL D 29 -8.46 -18.79 24.12
CA VAL D 29 -8.13 -19.68 23.02
C VAL D 29 -6.71 -19.39 22.57
N SER D 30 -5.91 -20.44 22.43
CA SER D 30 -4.54 -20.26 21.98
C SER D 30 -4.52 -19.80 20.52
N SER D 31 -3.47 -19.06 20.17
CA SER D 31 -3.38 -18.55 18.80
C SER D 31 -3.22 -19.66 17.78
N THR D 32 -2.66 -20.80 18.20
CA THR D 32 -2.47 -21.93 17.30
C THR D 32 -3.80 -22.52 16.82
N TYR D 33 -4.88 -22.32 17.57
CA TYR D 33 -6.14 -23.00 17.31
C TYR D 33 -7.22 -22.08 16.73
N LEU D 34 -6.83 -21.00 16.07
CA LEU D 34 -7.79 -20.07 15.48
C LEU D 34 -7.54 -19.94 13.99
N ALA D 35 -8.63 -19.90 13.22
CA ALA D 35 -8.53 -19.80 11.76
C ALA D 35 -9.56 -18.80 11.24
N TRP D 36 -9.29 -18.31 10.03
CA TRP D 36 -10.17 -17.38 9.34
C TRP D 36 -10.54 -17.95 7.97
N TYR D 37 -11.80 -17.78 7.58
CA TYR D 37 -12.31 -18.29 6.31
C TYR D 37 -13.04 -17.18 5.55
N GLN D 38 -13.01 -17.29 4.22
CA GLN D 38 -13.75 -16.42 3.33
C GLN D 38 -14.82 -17.19 2.58
N GLN D 39 -16.00 -16.59 2.44
CA GLN D 39 -17.07 -17.20 1.67
C GLN D 39 -17.82 -16.12 0.88
N LYS D 40 -18.03 -16.39 -0.40
CA LYS D 40 -18.86 -15.59 -1.29
C LYS D 40 -20.17 -16.31 -1.57
N PRO D 41 -21.24 -15.58 -1.88
CA PRO D 41 -22.54 -16.23 -2.08
C PRO D 41 -22.49 -17.29 -3.16
N GLY D 42 -23.11 -18.43 -2.88
CA GLY D 42 -23.14 -19.55 -3.80
C GLY D 42 -21.86 -20.37 -3.86
N GLN D 43 -20.87 -20.08 -3.01
CA GLN D 43 -19.59 -20.77 -3.04
C GLN D 43 -19.27 -21.34 -1.66
N ALA D 44 -18.38 -22.31 -1.66
CA ALA D 44 -17.90 -22.91 -0.42
C ALA D 44 -16.92 -21.97 0.28
N PRO D 45 -16.81 -22.07 1.61
CA PRO D 45 -15.78 -21.32 2.32
C PRO D 45 -14.38 -21.70 1.86
N ARG D 46 -13.44 -20.77 2.03
CA ARG D 46 -12.04 -21.01 1.72
C ARG D 46 -11.18 -20.58 2.89
N LEU D 47 -10.19 -21.40 3.22
CA LEU D 47 -9.29 -21.08 4.33
C LEU D 47 -8.37 -19.94 3.93
N LEU D 48 -8.21 -18.97 4.82
CA LEU D 48 -7.31 -17.84 4.62
C LEU D 48 -6.14 -17.89 5.58
N ILE D 49 -6.41 -17.93 6.88
CA ILE D 49 -5.42 -17.83 7.93
C ILE D 49 -5.69 -18.95 8.92
N TYR D 50 -4.62 -19.54 9.45
CA TYR D 50 -4.72 -20.55 10.48
C TYR D 50 -3.58 -20.31 11.47
N GLY D 51 -3.80 -20.73 12.71
CA GLY D 51 -2.76 -20.49 13.70
C GLY D 51 -2.59 -19.01 13.97
N ALA D 52 -3.70 -18.25 13.95
CA ALA D 52 -3.75 -16.81 14.19
C ALA D 52 -3.11 -16.00 13.06
N SER D 53 -1.92 -16.39 12.59
CA SER D 53 -1.20 -15.57 11.62
C SER D 53 -0.58 -16.35 10.47
N SER D 54 -0.68 -17.67 10.44
CA SER D 54 -0.17 -18.45 9.32
C SER D 54 -1.23 -18.44 8.22
N ARG D 55 -0.79 -18.34 6.97
CA ARG D 55 -1.73 -18.28 5.86
C ARG D 55 -1.64 -19.53 4.98
N ALA D 56 -2.81 -19.99 4.55
CA ALA D 56 -2.94 -21.16 3.70
C ALA D 56 -2.30 -20.91 2.34
N THR D 57 -1.96 -22.00 1.67
CA THR D 57 -1.29 -21.93 0.38
C THR D 57 -2.20 -21.29 -0.66
N GLY D 58 -1.64 -20.38 -1.44
CA GLY D 58 -2.37 -19.66 -2.46
C GLY D 58 -3.05 -18.40 -2.01
N ILE D 59 -2.90 -18.00 -0.74
CA ILE D 59 -3.52 -16.80 -0.22
C ILE D 59 -2.59 -15.62 -0.48
N PRO D 60 -3.07 -14.51 -1.05
CA PRO D 60 -2.19 -13.39 -1.38
C PRO D 60 -1.56 -12.77 -0.15
N ASP D 61 -0.57 -11.91 -0.40
CA ASP D 61 0.20 -11.30 0.69
C ASP D 61 -0.63 -10.35 1.54
N ARG D 62 -1.66 -9.75 0.98
CA ARG D 62 -2.40 -8.70 1.68
C ARG D 62 -3.19 -9.21 2.87
N PHE D 63 -3.37 -10.52 3.02
CA PHE D 63 -4.06 -11.11 4.17
C PHE D 63 -3.08 -11.39 5.30
N SER D 64 -3.40 -10.90 6.50
CA SER D 64 -2.58 -11.15 7.67
C SER D 64 -3.49 -11.24 8.90
N GLY D 65 -2.98 -11.88 9.95
CA GLY D 65 -3.74 -12.06 11.16
C GLY D 65 -2.86 -11.88 12.38
N SER D 66 -3.50 -11.60 13.51
CA SER D 66 -2.78 -11.40 14.76
C SER D 66 -3.76 -11.59 15.92
N GLY D 67 -3.21 -11.55 17.12
CA GLY D 67 -3.98 -11.65 18.35
C GLY D 67 -3.78 -12.98 19.05
N SER D 68 -4.12 -12.99 20.34
CA SER D 68 -4.01 -14.19 21.15
C SER D 68 -5.00 -14.07 22.31
N GLY D 69 -5.23 -15.20 22.97
CA GLY D 69 -6.15 -15.23 24.09
C GLY D 69 -7.61 -15.11 23.69
N THR D 70 -8.18 -13.93 23.90
CA THR D 70 -9.59 -13.70 23.62
C THR D 70 -9.86 -12.77 22.45
N ASP D 71 -8.84 -12.05 21.96
CA ASP D 71 -9.03 -11.01 20.94
C ASP D 71 -8.15 -11.33 19.73
N PHE D 72 -8.79 -11.43 18.57
CA PHE D 72 -8.10 -11.76 17.33
C PHE D 72 -8.54 -10.83 16.22
N THR D 73 -7.61 -10.53 15.30
CA THR D 73 -7.86 -9.58 14.22
C THR D 73 -7.38 -10.16 12.90
N LEU D 74 -8.21 -10.02 11.86
CA LEU D 74 -7.82 -10.29 10.48
C LEU D 74 -7.70 -8.97 9.74
N THR D 75 -6.57 -8.77 9.07
CA THR D 75 -6.29 -7.54 8.35
C THR D 75 -6.12 -7.82 6.86
N ILE D 76 -6.85 -7.06 6.04
CA ILE D 76 -6.64 -7.01 4.59
C ILE D 76 -6.02 -5.64 4.30
N SER D 77 -4.71 -5.62 4.04
CA SER D 77 -3.98 -4.37 3.99
C SER D 77 -4.42 -3.47 2.83
N ARG D 78 -4.86 -4.07 1.72
CA ARG D 78 -5.28 -3.30 0.56
C ARG D 78 -6.37 -4.08 -0.15
N LEU D 79 -7.61 -3.62 -0.04
CA LEU D 79 -8.75 -4.35 -0.56
C LEU D 79 -8.74 -4.37 -2.08
N GLU D 80 -8.80 -5.58 -2.63
CA GLU D 80 -9.02 -5.81 -4.05
C GLU D 80 -10.49 -6.13 -4.29
N PRO D 81 -10.97 -5.99 -5.53
CA PRO D 81 -12.40 -6.26 -5.78
C PRO D 81 -12.85 -7.64 -5.34
N GLU D 82 -11.98 -8.64 -5.43
CA GLU D 82 -12.36 -10.00 -5.04
C GLU D 82 -12.31 -10.24 -3.54
N ASP D 83 -11.96 -9.23 -2.74
CA ASP D 83 -11.91 -9.39 -1.30
C ASP D 83 -13.23 -9.10 -0.61
N PHE D 84 -14.19 -8.53 -1.31
CA PHE D 84 -15.48 -8.20 -0.70
C PHE D 84 -16.29 -9.48 -0.61
N ALA D 85 -16.53 -9.93 0.60
CA ALA D 85 -17.16 -11.22 0.88
C ALA D 85 -17.47 -11.30 2.37
N VAL D 86 -17.86 -12.49 2.83
CA VAL D 86 -18.12 -12.75 4.23
C VAL D 86 -16.93 -13.47 4.82
N TYR D 87 -16.54 -13.08 6.04
CA TYR D 87 -15.38 -13.64 6.72
C TYR D 87 -15.81 -14.23 8.06
N TYR D 88 -15.41 -15.48 8.29
CA TYR D 88 -15.72 -16.19 9.53
C TYR D 88 -14.43 -16.53 10.27
N CYS D 89 -14.44 -16.35 11.59
CA CYS D 89 -13.38 -16.90 12.42
C CYS D 89 -13.84 -18.22 13.01
N GLN D 90 -12.87 -19.06 13.38
CA GLN D 90 -13.15 -20.40 13.88
C GLN D 90 -12.11 -20.75 14.93
N GLN D 91 -12.54 -21.42 16.00
CA GLN D 91 -11.65 -22.00 16.97
C GLN D 91 -11.79 -23.52 16.93
N TYR D 92 -10.67 -24.22 17.01
CA TYR D 92 -10.69 -25.68 17.05
C TYR D 92 -9.81 -26.24 18.17
N GLY D 93 -9.52 -25.43 19.18
CA GLY D 93 -8.75 -25.89 20.32
C GLY D 93 -9.59 -26.52 21.41
N SER D 94 -10.90 -26.23 21.39
CA SER D 94 -11.82 -26.76 22.37
C SER D 94 -13.01 -27.40 21.66
N SER D 95 -13.54 -28.45 22.26
CA SER D 95 -14.72 -29.12 21.70
C SER D 95 -15.98 -28.54 22.33
N PRO D 96 -17.00 -28.18 21.53
CA PRO D 96 -17.01 -28.33 20.06
C PRO D 96 -16.29 -27.21 19.32
N TRP D 97 -15.81 -27.51 18.11
CA TRP D 97 -15.34 -26.46 17.22
C TRP D 97 -16.48 -25.51 16.92
N THR D 98 -16.19 -24.21 16.95
CA THR D 98 -17.20 -23.20 16.76
C THR D 98 -16.72 -22.13 15.78
N PHE D 99 -17.67 -21.54 15.07
CA PHE D 99 -17.41 -20.45 14.16
C PHE D 99 -18.06 -19.17 14.68
N GLY D 100 -17.47 -18.03 14.34
CA GLY D 100 -18.13 -16.77 14.59
C GLY D 100 -19.34 -16.62 13.69
N GLN D 101 -20.13 -15.59 13.97
CA GLN D 101 -21.34 -15.36 13.18
C GLN D 101 -21.04 -14.69 11.84
N GLY D 102 -19.81 -14.25 11.61
CA GLY D 102 -19.43 -13.72 10.33
C GLY D 102 -19.46 -12.21 10.24
N THR D 103 -18.51 -11.64 9.50
CA THR D 103 -18.43 -10.22 9.23
C THR D 103 -18.42 -10.02 7.72
N LYS D 104 -19.34 -9.19 7.22
CA LYS D 104 -19.43 -8.89 5.81
C LYS D 104 -18.58 -7.68 5.47
N VAL D 105 -17.74 -7.80 4.46
CA VAL D 105 -16.95 -6.68 3.93
C VAL D 105 -17.60 -6.27 2.61
N GLU D 106 -18.24 -5.11 2.61
CA GLU D 106 -19.01 -4.62 1.47
C GLU D 106 -18.37 -3.39 0.86
N ILE D 107 -18.72 -3.13 -0.41
CA ILE D 107 -18.24 -1.93 -1.09
C ILE D 107 -18.99 -0.73 -0.53
N LYS D 108 -18.24 0.31 -0.16
CA LYS D 108 -18.84 1.53 0.35
C LYS D 108 -19.17 2.50 -0.79
N ARG D 109 -20.31 3.16 -0.66
CA ARG D 109 -20.73 4.18 -1.60
C ARG D 109 -21.50 5.25 -0.83
N THR D 110 -21.90 6.30 -1.53
CA THR D 110 -22.71 7.35 -0.92
C THR D 110 -24.11 6.83 -0.61
N VAL D 111 -24.79 7.55 0.29
CA VAL D 111 -26.13 7.15 0.71
C VAL D 111 -27.12 7.33 -0.44
N ALA D 112 -27.98 6.34 -0.63
CA ALA D 112 -29.03 6.41 -1.64
C ALA D 112 -30.34 5.95 -1.00
N ALA D 113 -31.33 6.83 -1.00
CA ALA D 113 -32.63 6.48 -0.47
C ALA D 113 -33.35 5.51 -1.42
N PRO D 114 -34.14 4.59 -0.88
CA PRO D 114 -34.81 3.62 -1.75
C PRO D 114 -35.97 4.25 -2.52
N SER D 115 -36.11 3.82 -3.77
CA SER D 115 -37.33 4.07 -4.52
C SER D 115 -38.33 2.98 -4.17
N VAL D 116 -39.53 3.38 -3.77
CA VAL D 116 -40.52 2.48 -3.21
C VAL D 116 -41.63 2.28 -4.23
N PHE D 117 -42.01 1.02 -4.44
CA PHE D 117 -43.12 0.66 -5.30
C PHE D 117 -43.97 -0.38 -4.59
N ILE D 118 -45.29 -0.26 -4.74
CA ILE D 118 -46.22 -1.20 -4.13
C ILE D 118 -47.02 -1.85 -5.25
N PHE D 119 -47.24 -3.15 -5.13
CA PHE D 119 -47.97 -3.92 -6.12
C PHE D 119 -49.16 -4.59 -5.46
N PRO D 120 -50.39 -4.28 -5.87
CA PRO D 120 -51.55 -5.02 -5.34
C PRO D 120 -51.54 -6.43 -5.87
N PRO D 121 -52.27 -7.35 -5.23
CA PRO D 121 -52.33 -8.72 -5.76
C PRO D 121 -53.00 -8.74 -7.12
N SER D 122 -52.47 -9.58 -8.00
CA SER D 122 -53.02 -9.68 -9.35
C SER D 122 -54.39 -10.35 -9.32
N ASP D 123 -55.20 -10.05 -10.34
CA ASP D 123 -56.51 -10.66 -10.44
C ASP D 123 -56.40 -12.17 -10.60
N GLU D 124 -55.34 -12.65 -11.26
CA GLU D 124 -55.16 -14.08 -11.43
C GLU D 124 -54.90 -14.77 -10.10
N GLN D 125 -54.11 -14.15 -9.23
CA GLN D 125 -53.86 -14.73 -7.92
C GLN D 125 -55.12 -14.70 -7.05
N LEU D 126 -55.86 -13.60 -7.08
CA LEU D 126 -57.09 -13.51 -6.30
C LEU D 126 -58.06 -14.63 -6.66
N LYS D 127 -58.09 -15.02 -7.94
CA LYS D 127 -58.94 -16.14 -8.35
C LYS D 127 -58.52 -17.43 -7.66
N SER D 128 -57.27 -17.55 -7.26
CA SER D 128 -56.75 -18.77 -6.67
C SER D 128 -57.00 -18.88 -5.17
N GLY D 129 -57.48 -17.81 -4.53
CA GLY D 129 -57.89 -17.86 -3.14
C GLY D 129 -56.95 -17.19 -2.17
N THR D 130 -55.79 -16.71 -2.60
CA THR D 130 -54.84 -16.03 -1.74
C THR D 130 -54.51 -14.67 -2.32
N ALA D 131 -53.93 -13.81 -1.47
CA ALA D 131 -53.58 -12.45 -1.87
C ALA D 131 -52.19 -12.13 -1.34
N SER D 132 -51.30 -11.73 -2.25
CA SER D 132 -49.94 -11.31 -1.89
C SER D 132 -49.78 -9.86 -2.29
N VAL D 133 -49.45 -9.01 -1.32
CA VAL D 133 -49.15 -7.61 -1.56
C VAL D 133 -47.63 -7.45 -1.44
N VAL D 134 -47.02 -6.83 -2.43
CA VAL D 134 -45.57 -6.74 -2.52
C VAL D 134 -45.16 -5.28 -2.45
N CYS D 135 -44.18 -4.98 -1.60
CA CYS D 135 -43.58 -3.67 -1.47
C CYS D 135 -42.13 -3.77 -1.90
N LEU D 136 -41.71 -2.94 -2.86
CA LEU D 136 -40.38 -3.01 -3.43
C LEU D 136 -39.57 -1.80 -3.00
N LEU D 137 -38.41 -2.04 -2.42
CA LEU D 137 -37.42 -1.02 -2.11
C LEU D 137 -36.25 -1.21 -3.06
N ASN D 138 -36.04 -0.26 -3.95
CA ASN D 138 -35.12 -0.42 -5.07
C ASN D 138 -33.91 0.48 -4.91
N ASN D 139 -32.72 -0.12 -5.05
CA ASN D 139 -31.46 0.61 -5.24
C ASN D 139 -31.22 1.63 -4.11
N PHE D 140 -30.99 1.08 -2.92
CA PHE D 140 -30.72 1.89 -1.75
C PHE D 140 -29.39 1.47 -1.11
N TYR D 141 -28.87 2.37 -0.26
CA TYR D 141 -27.64 2.11 0.47
C TYR D 141 -27.57 3.12 1.61
N PRO D 142 -27.15 2.73 2.82
CA PRO D 142 -26.74 1.37 3.23
C PRO D 142 -27.89 0.37 3.33
N ARG D 143 -27.55 -0.86 3.73
CA ARG D 143 -28.51 -1.96 3.65
C ARG D 143 -29.66 -1.82 4.65
N GLU D 144 -29.40 -1.24 5.82
CA GLU D 144 -30.41 -1.23 6.88
C GLU D 144 -31.63 -0.43 6.46
N ALA D 145 -32.81 -1.01 6.65
CA ALA D 145 -34.06 -0.36 6.30
C ALA D 145 -35.18 -1.01 7.09
N LYS D 146 -36.29 -0.28 7.21
CA LYS D 146 -37.47 -0.77 7.91
C LYS D 146 -38.69 -0.66 7.00
N VAL D 147 -39.42 -1.75 6.87
CA VAL D 147 -40.65 -1.81 6.07
C VAL D 147 -41.79 -2.17 7.01
N GLN D 148 -42.83 -1.34 7.03
CA GLN D 148 -43.99 -1.56 7.88
C GLN D 148 -45.24 -1.59 7.03
N TRP D 149 -45.95 -2.72 7.07
CA TRP D 149 -47.24 -2.82 6.39
C TRP D 149 -48.35 -2.27 7.28
N LYS D 150 -49.25 -1.50 6.68
CA LYS D 150 -50.41 -0.98 7.37
C LYS D 150 -51.66 -1.24 6.55
N VAL D 151 -52.64 -1.90 7.14
CA VAL D 151 -53.90 -2.22 6.49
C VAL D 151 -54.99 -1.48 7.27
N ASP D 152 -55.58 -0.46 6.64
CA ASP D 152 -56.53 0.43 7.31
C ASP D 152 -55.95 0.95 8.63
N ASN D 153 -54.69 1.40 8.56
CA ASN D 153 -53.93 1.96 9.67
C ASN D 153 -53.60 0.95 10.76
N ALA D 154 -53.81 -0.34 10.52
CA ALA D 154 -53.41 -1.39 11.45
C ALA D 154 -52.04 -1.92 11.03
N LEU D 155 -51.08 -1.82 11.94
CA LEU D 155 -49.73 -2.30 11.65
C LEU D 155 -49.72 -3.82 11.59
N GLN D 156 -49.20 -4.36 10.49
CA GLN D 156 -49.15 -5.81 10.30
C GLN D 156 -47.82 -6.35 10.79
N SER D 157 -47.87 -7.48 11.50
CA SER D 157 -46.68 -8.10 12.07
C SER D 157 -46.85 -9.60 12.04
N GLY D 158 -45.79 -10.31 11.61
CA GLY D 158 -45.79 -11.74 11.57
C GLY D 158 -46.40 -12.36 10.33
N ASN D 159 -46.98 -11.56 9.43
CA ASN D 159 -47.60 -12.07 8.22
C ASN D 159 -46.93 -11.52 6.96
N SER D 160 -45.65 -11.14 7.07
CA SER D 160 -44.89 -10.68 5.92
C SER D 160 -43.51 -11.34 5.95
N GLN D 161 -42.90 -11.43 4.78
CA GLN D 161 -41.54 -11.95 4.63
C GLN D 161 -40.73 -11.04 3.72
N GLU D 162 -39.47 -10.85 4.09
CA GLU D 162 -38.56 -9.98 3.35
C GLU D 162 -37.48 -10.81 2.64
N SER D 163 -37.02 -10.28 1.51
CA SER D 163 -35.90 -10.86 0.78
C SER D 163 -35.06 -9.71 0.24
N VAL D 164 -33.74 -9.86 0.31
CA VAL D 164 -32.81 -8.81 -0.08
C VAL D 164 -31.83 -9.36 -1.10
N THR D 165 -31.55 -8.58 -2.14
CA THR D 165 -30.57 -8.97 -3.12
C THR D 165 -29.15 -8.80 -2.57
N GLU D 166 -28.20 -9.42 -3.25
CA GLU D 166 -26.79 -9.15 -2.96
C GLU D 166 -26.43 -7.76 -3.46
N GLN D 167 -25.31 -7.23 -2.95
CA GLN D 167 -24.86 -5.92 -3.37
C GLN D 167 -24.66 -5.89 -4.88
N ASP D 168 -25.34 -4.94 -5.54
CA ASP D 168 -25.34 -4.90 -6.99
C ASP D 168 -23.94 -4.66 -7.53
N SER D 169 -23.59 -5.39 -8.60
CA SER D 169 -22.23 -5.39 -9.11
C SER D 169 -21.82 -4.05 -9.72
N LYS D 170 -22.77 -3.26 -10.22
CA LYS D 170 -22.41 -2.02 -10.90
C LYS D 170 -22.53 -0.77 -10.02
N ASP D 171 -23.66 -0.60 -9.32
CA ASP D 171 -23.88 0.61 -8.53
C ASP D 171 -23.77 0.39 -7.03
N SER D 172 -23.48 -0.83 -6.58
CA SER D 172 -23.22 -1.16 -5.18
C SER D 172 -24.42 -0.91 -4.27
N THR D 173 -25.63 -0.87 -4.82
CA THR D 173 -26.82 -0.69 -4.01
C THR D 173 -27.46 -2.04 -3.66
N TYR D 174 -28.43 -1.98 -2.76
CA TYR D 174 -29.25 -3.12 -2.40
C TYR D 174 -30.68 -2.89 -2.85
N SER D 175 -31.40 -3.98 -3.03
CA SER D 175 -32.84 -3.95 -3.28
C SER D 175 -33.53 -4.96 -2.38
N LEU D 176 -34.73 -4.61 -1.94
CA LEU D 176 -35.45 -5.40 -0.96
C LEU D 176 -36.91 -5.49 -1.37
N SER D 177 -37.49 -6.67 -1.18
CA SER D 177 -38.91 -6.91 -1.37
C SER D 177 -39.53 -7.36 -0.06
N SER D 178 -40.74 -6.90 0.21
CA SER D 178 -41.52 -7.34 1.35
C SER D 178 -42.88 -7.81 0.85
N THR D 179 -43.26 -9.03 1.22
CA THR D 179 -44.48 -9.65 0.73
C THR D 179 -45.44 -9.85 1.88
N LEU D 180 -46.56 -9.14 1.84
CA LEU D 180 -47.64 -9.31 2.81
C LEU D 180 -48.63 -10.33 2.26
N THR D 181 -48.86 -11.40 3.01
CA THR D 181 -49.73 -12.50 2.57
C THR D 181 -51.00 -12.51 3.38
N LEU D 182 -52.14 -12.42 2.70
CA LEU D 182 -53.45 -12.53 3.32
C LEU D 182 -54.29 -13.53 2.54
N SER D 183 -55.33 -14.03 3.19
CA SER D 183 -56.35 -14.79 2.47
C SER D 183 -57.18 -13.84 1.62
N LYS D 184 -57.79 -14.39 0.56
CA LYS D 184 -58.66 -13.58 -0.28
C LYS D 184 -59.80 -12.96 0.52
N ALA D 185 -60.35 -13.71 1.48
CA ALA D 185 -61.45 -13.20 2.28
C ALA D 185 -60.98 -12.05 3.18
N ASP D 186 -59.81 -12.19 3.79
CA ASP D 186 -59.27 -11.11 4.62
C ASP D 186 -58.91 -9.90 3.77
N TYR D 187 -58.36 -10.13 2.58
CA TYR D 187 -57.99 -9.02 1.69
C TYR D 187 -59.22 -8.21 1.28
N GLU D 188 -60.35 -8.88 1.03
CA GLU D 188 -61.52 -8.21 0.47
C GLU D 188 -62.32 -7.43 1.52
N LYS D 189 -62.01 -7.56 2.80
CA LYS D 189 -62.73 -6.83 3.83
C LYS D 189 -61.95 -5.61 4.32
N HIS D 190 -60.91 -5.20 3.61
CA HIS D 190 -60.15 -4.00 3.93
C HIS D 190 -59.95 -3.17 2.67
N LYS D 191 -59.74 -1.87 2.87
CA LYS D 191 -59.69 -0.91 1.78
C LYS D 191 -58.28 -0.39 1.51
N VAL D 192 -57.62 0.18 2.51
CA VAL D 192 -56.36 0.89 2.32
C VAL D 192 -55.19 -0.03 2.67
N TYR D 193 -54.31 -0.24 1.70
CA TYR D 193 -53.10 -1.03 1.88
C TYR D 193 -51.88 -0.16 1.64
N ALA D 194 -50.98 -0.13 2.62
CA ALA D 194 -49.82 0.75 2.55
C ALA D 194 -48.60 0.06 3.13
N CYS D 195 -47.44 0.31 2.54
CA CYS D 195 -46.16 -0.06 3.15
C CYS D 195 -45.40 1.22 3.42
N GLU D 196 -44.91 1.35 4.65
CA GLU D 196 -44.23 2.54 5.12
C GLU D 196 -42.74 2.20 5.25
N VAL D 197 -41.89 2.99 4.60
CA VAL D 197 -40.48 2.70 4.46
C VAL D 197 -39.68 3.71 5.24
N THR D 198 -38.75 3.22 6.06
CA THR D 198 -37.82 4.06 6.81
C THR D 198 -36.39 3.69 6.44
N HIS D 199 -35.54 4.70 6.34
CA HIS D 199 -34.15 4.52 5.92
C HIS D 199 -33.35 5.72 6.40
N GLN D 200 -32.07 5.49 6.73
CA GLN D 200 -31.26 6.57 7.27
C GLN D 200 -31.07 7.72 6.28
N GLY D 201 -31.28 7.47 4.99
CA GLY D 201 -31.25 8.51 3.99
C GLY D 201 -32.54 9.28 3.80
N LEU D 202 -33.59 8.93 4.53
CA LEU D 202 -34.89 9.59 4.43
C LEU D 202 -35.12 10.47 5.65
N SER D 203 -35.50 11.73 5.41
CA SER D 203 -35.78 12.63 6.51
C SER D 203 -37.10 12.30 7.20
N SER D 204 -38.01 11.63 6.50
CA SER D 204 -39.28 11.18 7.05
C SER D 204 -39.71 9.93 6.30
N PRO D 205 -40.54 9.08 6.89
CA PRO D 205 -40.91 7.83 6.23
C PRO D 205 -41.64 8.08 4.92
N VAL D 206 -41.38 7.21 3.94
CA VAL D 206 -42.04 7.25 2.64
C VAL D 206 -43.13 6.19 2.62
N THR D 207 -44.33 6.58 2.20
CA THR D 207 -45.48 5.70 2.16
C THR D 207 -45.98 5.56 0.74
N LYS D 208 -46.12 4.33 0.28
CA LYS D 208 -46.81 4.01 -0.97
C LYS D 208 -48.04 3.19 -0.61
N SER D 209 -49.17 3.55 -1.21
CA SER D 209 -50.43 2.91 -0.83
C SER D 209 -51.34 2.82 -2.05
N PHE D 210 -52.38 1.99 -1.90
CA PHE D 210 -53.44 1.90 -2.89
C PHE D 210 -54.74 1.55 -2.17
N ASN D 211 -55.85 1.91 -2.80
CA ASN D 211 -57.17 1.51 -2.34
C ASN D 211 -57.59 0.28 -3.13
N ARG D 212 -58.04 -0.75 -2.42
CA ARG D 212 -58.41 -2.01 -3.06
C ARG D 212 -59.51 -1.78 -4.10
N GLY D 213 -59.25 -2.26 -5.32
CA GLY D 213 -60.21 -2.11 -6.40
C GLY D 213 -60.27 -0.72 -6.98
N GLU D 214 -59.12 -0.05 -7.10
CA GLU D 214 -59.07 1.28 -7.68
C GLU D 214 -57.85 1.45 -8.57
N GLU E 1 -25.26 24.88 25.67
CA GLU E 1 -24.06 24.11 26.00
C GLU E 1 -22.84 25.00 26.26
N VAL E 2 -22.11 24.68 27.33
CA VAL E 2 -20.91 25.42 27.70
C VAL E 2 -19.80 25.08 26.73
N GLN E 3 -19.12 26.11 26.21
CA GLN E 3 -17.97 25.92 25.34
C GLN E 3 -16.82 26.79 25.83
N LEU E 4 -15.65 26.18 26.01
CA LEU E 4 -14.43 26.88 26.36
C LEU E 4 -13.34 26.46 25.39
N VAL E 5 -12.77 27.41 24.66
CA VAL E 5 -11.75 27.15 23.66
C VAL E 5 -10.52 27.97 24.00
N GLU E 6 -9.41 27.29 24.29
CA GLU E 6 -8.14 27.95 24.56
C GLU E 6 -7.35 28.15 23.28
N SER E 7 -6.63 29.26 23.20
CA SER E 7 -5.78 29.55 22.06
C SER E 7 -4.61 30.40 22.52
N GLY E 8 -3.64 30.56 21.62
CA GLY E 8 -2.45 31.34 21.90
C GLY E 8 -1.23 30.55 22.34
N GLY E 9 -1.33 29.24 22.48
CA GLY E 9 -0.19 28.45 22.87
C GLY E 9 0.84 28.37 21.75
N GLY E 10 1.83 27.52 21.99
CA GLY E 10 2.90 27.26 21.05
C GLY E 10 4.26 27.32 21.70
N LEU E 11 5.29 27.38 20.87
CA LEU E 11 6.67 27.36 21.32
C LEU E 11 7.16 28.77 21.62
N VAL E 12 7.88 28.91 22.74
CA VAL E 12 8.38 30.20 23.19
C VAL E 12 9.69 29.99 23.94
N GLN E 13 10.62 30.93 23.79
CA GLN E 13 11.92 30.84 24.43
C GLN E 13 11.85 31.33 25.88
N PRO E 14 12.75 30.84 26.73
CA PRO E 14 12.73 31.26 28.14
C PRO E 14 12.91 32.77 28.29
N GLY E 15 12.22 33.35 29.26
CA GLY E 15 12.26 34.77 29.49
C GLY E 15 11.29 35.59 28.65
N ARG E 16 10.73 35.00 27.61
CA ARG E 16 9.77 35.71 26.76
C ARG E 16 8.39 35.66 27.41
N SER E 17 7.40 36.22 26.71
CA SER E 17 6.04 36.31 27.21
C SER E 17 5.08 35.65 26.23
N LEU E 18 3.95 35.20 26.77
CA LEU E 18 2.87 34.62 25.99
C LEU E 18 1.55 35.02 26.63
N ARG E 19 0.53 35.22 25.79
CA ARG E 19 -0.81 35.54 26.26
CA ARG E 19 -0.81 35.54 26.26
C ARG E 19 -1.77 34.48 25.74
N LEU E 20 -2.43 33.79 26.66
CA LEU E 20 -3.43 32.80 26.32
C LEU E 20 -4.82 33.42 26.35
N SER E 21 -5.68 32.96 25.46
CA SER E 21 -7.05 33.40 25.38
C SER E 21 -7.99 32.24 25.65
N CYS E 22 -9.08 32.51 26.35
CA CYS E 22 -10.12 31.52 26.64
C CYS E 22 -11.44 32.11 26.12
N THR E 23 -11.90 31.64 24.97
CA THR E 23 -13.15 32.14 24.39
C THR E 23 -14.31 31.28 24.90
N ALA E 24 -15.29 31.92 25.53
CA ALA E 24 -16.40 31.24 26.17
C ALA E 24 -17.71 31.52 25.45
N SER E 25 -18.58 30.50 25.42
CA SER E 25 -19.91 30.66 24.86
C SER E 25 -20.86 29.65 25.51
N GLY E 26 -22.15 29.91 25.38
CA GLY E 26 -23.17 29.04 25.93
C GLY E 26 -23.57 29.31 27.36
N PHE E 27 -23.00 30.33 28.00
CA PHE E 27 -23.40 30.72 29.34
C PHE E 27 -23.07 32.18 29.53
N THR E 28 -23.57 32.75 30.63
CA THR E 28 -23.34 34.16 30.94
C THR E 28 -21.93 34.28 31.52
N PHE E 29 -20.97 34.58 30.63
CA PHE E 29 -19.56 34.57 31.01
C PHE E 29 -19.29 35.45 32.21
N GLY E 30 -19.83 36.67 32.22
CA GLY E 30 -19.54 37.63 33.26
C GLY E 30 -19.99 37.21 34.65
N ASP E 31 -20.88 36.22 34.75
CA ASP E 31 -21.39 35.81 36.05
C ASP E 31 -20.45 34.86 36.79
N TYR E 32 -19.48 34.27 36.09
CA TYR E 32 -18.70 33.17 36.64
C TYR E 32 -17.25 33.58 36.87
N ALA E 33 -16.67 33.06 37.95
CA ALA E 33 -15.22 33.08 38.07
C ALA E 33 -14.60 32.10 37.09
N MET E 34 -13.41 32.44 36.61
CA MET E 34 -12.69 31.60 35.66
C MET E 34 -11.33 31.24 36.26
N SER E 35 -10.81 30.08 35.89
CA SER E 35 -9.58 29.59 36.48
C SER E 35 -8.76 28.85 35.43
N TRP E 36 -7.45 29.01 35.52
CA TRP E 36 -6.52 28.31 34.63
C TRP E 36 -5.84 27.20 35.43
N VAL E 37 -5.75 26.01 34.83
CA VAL E 37 -5.07 24.86 35.40
C VAL E 37 -4.16 24.29 34.33
N ARG E 38 -2.93 23.94 34.71
CA ARG E 38 -1.96 23.43 33.76
C ARG E 38 -1.55 22.02 34.12
N GLN E 39 -1.08 21.29 33.10
CA GLN E 39 -0.65 19.91 33.25
C GLN E 39 0.62 19.72 32.44
N ALA E 40 1.75 19.60 33.13
CA ALA E 40 3.00 19.28 32.44
C ALA E 40 2.92 17.87 31.86
N PRO E 41 3.64 17.59 30.78
CA PRO E 41 3.55 16.27 30.14
C PRO E 41 3.89 15.15 31.10
N GLY E 42 2.97 14.21 31.24
CA GLY E 42 3.15 13.06 32.11
C GLY E 42 2.92 13.31 33.58
N LYS E 43 2.53 14.52 33.98
CA LYS E 43 2.37 14.86 35.38
C LYS E 43 0.90 15.17 35.68
N GLY E 44 0.64 15.63 36.91
CA GLY E 44 -0.69 15.91 37.37
C GLY E 44 -1.14 17.33 37.08
N LEU E 45 -2.14 17.78 37.82
CA LEU E 45 -2.76 19.08 37.60
C LEU E 45 -2.26 20.09 38.62
N GLU E 46 -1.99 21.31 38.14
CA GLU E 46 -1.53 22.40 38.98
C GLU E 46 -2.36 23.64 38.71
N TRP E 47 -3.00 24.17 39.74
CA TRP E 47 -3.73 25.42 39.64
C TRP E 47 -2.75 26.58 39.45
N VAL E 48 -3.06 27.48 38.52
CA VAL E 48 -2.19 28.63 38.29
C VAL E 48 -2.95 29.95 38.41
N GLY E 49 -4.17 29.94 38.91
CA GLY E 49 -4.86 31.16 39.29
C GLY E 49 -6.32 31.16 38.88
N PHE E 50 -7.09 32.04 39.53
CA PHE E 50 -8.45 32.31 39.13
C PHE E 50 -8.70 33.81 39.12
N ILE E 51 -9.78 34.21 38.44
CA ILE E 51 -10.24 35.59 38.47
C ILE E 51 -11.72 35.57 38.84
N ARG E 52 -12.11 36.44 39.76
CA ARG E 52 -13.49 36.48 40.20
C ARG E 52 -14.35 37.25 39.19
N SER E 53 -15.66 37.10 39.34
CA SER E 53 -16.60 37.85 38.50
C SER E 53 -16.60 39.31 38.89
N LYS E 54 -17.15 40.13 38.00
CA LYS E 54 -17.25 41.57 38.24
C LYS E 54 -18.06 41.86 39.49
N ALA E 55 -19.13 41.08 39.73
CA ALA E 55 -19.94 41.26 40.93
C ALA E 55 -19.17 40.99 42.21
N ASN E 56 -18.09 40.20 42.14
CA ASN E 56 -17.28 39.88 43.31
C ASN E 56 -15.91 40.54 43.28
N GLY E 57 -15.79 41.67 42.58
CA GLY E 57 -14.59 42.49 42.59
C GLY E 57 -13.71 42.33 41.37
N GLY E 58 -13.75 41.18 40.71
CA GLY E 58 -12.97 40.98 39.51
C GLY E 58 -11.47 40.90 39.72
N ARG E 59 -11.01 40.66 40.95
CA ARG E 59 -9.59 40.51 41.22
C ARG E 59 -9.20 39.03 41.16
N THR E 60 -7.90 38.78 41.25
CA THR E 60 -7.33 37.47 40.99
C THR E 60 -6.56 36.95 42.20
N GLU E 61 -6.22 35.66 42.12
CA GLU E 61 -5.35 34.98 43.07
C GLU E 61 -4.49 34.01 42.29
N ASN E 62 -3.24 33.83 42.73
CA ASN E 62 -2.31 32.96 42.05
C ASN E 62 -1.43 32.25 43.06
N PRO E 63 -0.91 31.07 42.72
CA PRO E 63 0.02 30.38 43.61
C PRO E 63 1.42 31.00 43.51
N ALA E 64 2.28 30.60 44.44
CA ALA E 64 3.63 31.17 44.50
C ALA E 64 4.45 30.80 43.27
N SER E 65 4.15 29.66 42.64
CA SER E 65 4.95 29.23 41.49
C SER E 65 4.87 30.21 40.33
N VAL E 66 3.77 30.96 40.21
CA VAL E 66 3.59 31.89 39.10
C VAL E 66 3.31 33.31 39.58
N LYS E 67 3.28 33.56 40.88
CA LYS E 67 2.98 34.90 41.38
C LYS E 67 4.02 35.90 40.88
N GLY E 68 3.55 37.05 40.41
CA GLY E 68 4.42 38.05 39.83
C GLY E 68 4.81 37.79 38.38
N ARG E 69 4.53 36.60 37.85
CA ARG E 69 4.86 36.26 36.47
C ARG E 69 3.63 36.09 35.60
N PHE E 70 2.58 35.45 36.11
CA PHE E 70 1.35 35.22 35.36
C PHE E 70 0.25 36.14 35.88
N THR E 71 -0.53 36.69 34.96
CA THR E 71 -1.64 37.57 35.32
C THR E 71 -2.87 37.17 34.53
N ILE E 72 -3.99 37.03 35.21
CA ILE E 72 -5.26 36.66 34.61
C ILE E 72 -6.13 37.91 34.47
N SER E 73 -6.77 38.07 33.33
CA SER E 73 -7.72 39.15 33.11
C SER E 73 -8.90 38.60 32.32
N ARG E 74 -9.94 39.43 32.20
CA ARG E 74 -11.15 39.02 31.49
C ARG E 74 -11.72 40.22 30.74
N ASP E 75 -12.40 39.91 29.64
CA ASP E 75 -13.11 40.89 28.83
C ASP E 75 -14.55 40.40 28.73
N ASP E 76 -15.43 40.94 29.58
CA ASP E 76 -16.80 40.43 29.65
C ASP E 76 -17.59 40.77 28.39
N SER E 77 -17.22 41.86 27.69
CA SER E 77 -17.92 42.21 26.46
C SER E 77 -17.61 41.23 25.33
N LYS E 78 -16.49 40.52 25.39
CA LYS E 78 -16.14 39.51 24.40
C LYS E 78 -16.30 38.09 24.92
N SER E 79 -16.61 37.91 26.20
CA SER E 79 -16.66 36.59 26.83
C SER E 79 -15.33 35.86 26.66
N ILE E 80 -14.24 36.54 27.03
CA ILE E 80 -12.88 36.00 26.90
C ILE E 80 -12.14 36.22 28.22
N ALA E 81 -11.48 35.16 28.69
CA ALA E 81 -10.53 35.26 29.80
C ALA E 81 -9.12 35.09 29.26
N TYR E 82 -8.18 35.83 29.86
CA TYR E 82 -6.81 35.86 29.39
C TYR E 82 -5.85 35.36 30.47
N LEU E 83 -4.73 34.80 30.02
CA LEU E 83 -3.61 34.45 30.90
C LEU E 83 -2.35 35.06 30.29
N GLN E 84 -1.88 36.15 30.89
CA GLN E 84 -0.64 36.79 30.48
C GLN E 84 0.52 36.11 31.21
N MET E 85 1.43 35.50 30.44
CA MET E 85 2.51 34.68 30.99
C MET E 85 3.83 35.39 30.72
N ASN E 86 4.42 35.99 31.75
CA ASN E 86 5.70 36.67 31.64
C ASN E 86 6.79 35.88 32.33
N SER E 87 8.04 36.20 31.96
CA SER E 87 9.23 35.60 32.56
C SER E 87 9.15 34.08 32.54
N LEU E 88 8.88 33.55 31.34
CA LEU E 88 8.61 32.13 31.20
C LEU E 88 9.86 31.30 31.46
N LYS E 89 9.67 30.15 32.13
CA LYS E 89 10.73 29.20 32.39
C LYS E 89 10.37 27.85 31.77
N THR E 90 11.38 26.99 31.63
CA THR E 90 11.15 25.68 31.04
C THR E 90 10.15 24.86 31.84
N GLU E 91 10.12 25.05 33.16
CA GLU E 91 9.17 24.34 34.02
C GLU E 91 7.72 24.75 33.76
N ASP E 92 7.49 25.85 33.05
CA ASP E 92 6.14 26.25 32.69
C ASP E 92 5.59 25.48 31.50
N THR E 93 6.39 24.60 30.89
CA THR E 93 5.91 23.80 29.77
C THR E 93 4.78 22.88 30.22
N ALA E 94 3.59 23.08 29.64
CA ALA E 94 2.42 22.33 30.07
C ALA E 94 1.28 22.60 29.10
N VAL E 95 0.27 21.74 29.17
CA VAL E 95 -1.03 22.04 28.57
C VAL E 95 -1.81 22.90 29.55
N TYR E 96 -2.30 24.04 29.06
CA TYR E 96 -3.02 25.00 29.90
C TYR E 96 -4.50 24.91 29.58
N TYR E 97 -5.29 24.64 30.62
CA TYR E 97 -6.73 24.49 30.50
C TYR E 97 -7.45 25.71 31.07
N CYS E 98 -8.46 26.16 30.33
CA CYS E 98 -9.41 27.13 30.85
C CYS E 98 -10.56 26.40 31.53
N THR E 99 -11.02 26.93 32.67
CA THR E 99 -12.09 26.28 33.42
C THR E 99 -13.09 27.31 33.92
N ARG E 100 -14.35 26.91 33.98
CA ARG E 100 -15.40 27.71 34.59
C ARG E 100 -15.57 27.26 36.04
N VAL E 101 -15.54 28.22 36.96
CA VAL E 101 -15.67 27.94 38.39
C VAL E 101 -17.15 27.91 38.75
N GLU E 102 -17.58 26.82 39.37
CA GLU E 102 -18.98 26.66 39.72
C GLU E 102 -19.41 27.69 40.76
N LEU E 103 -20.70 28.02 40.73
CA LEU E 103 -21.27 28.97 41.67
C LEU E 103 -21.58 28.29 43.00
N GLY E 104 -21.69 29.10 44.04
CA GLY E 104 -22.10 28.62 45.35
C GLY E 104 -20.95 28.42 46.31
N SER E 105 -21.24 27.66 47.37
CA SER E 105 -20.29 27.45 48.46
C SER E 105 -19.21 26.43 48.13
N SER E 106 -19.42 25.61 47.10
CA SER E 106 -18.46 24.58 46.69
C SER E 106 -18.01 24.89 45.27
N TRP E 107 -16.93 25.67 45.14
CA TRP E 107 -16.51 26.22 43.86
C TRP E 107 -15.53 25.28 43.15
N SER E 108 -16.06 24.16 42.69
CA SER E 108 -15.28 23.23 41.88
C SER E 108 -15.17 23.73 40.44
N LEU E 109 -14.37 23.02 39.63
CA LEU E 109 -14.14 23.40 38.23
C LEU E 109 -15.05 22.55 37.35
N GLY E 110 -16.22 23.11 37.02
CA GLY E 110 -17.26 22.32 36.39
C GLY E 110 -17.06 22.05 34.91
N TYR E 111 -16.40 22.95 34.19
CA TYR E 111 -16.25 22.80 32.75
C TYR E 111 -14.83 23.16 32.35
N TRP E 112 -14.27 22.36 31.45
CA TRP E 112 -12.88 22.50 31.04
C TRP E 112 -12.81 22.61 29.52
N GLY E 113 -11.95 23.52 29.04
CA GLY E 113 -11.63 23.56 27.63
C GLY E 113 -10.70 22.42 27.24
N GLN E 114 -10.44 22.31 25.94
CA GLN E 114 -9.56 21.27 25.44
C GLN E 114 -8.10 21.52 25.79
N GLY E 115 -7.75 22.77 26.08
CA GLY E 115 -6.38 23.09 26.47
C GLY E 115 -5.52 23.50 25.30
N THR E 116 -4.49 24.30 25.61
CA THR E 116 -3.53 24.73 24.61
C THR E 116 -2.13 24.46 25.15
N LEU E 117 -1.27 23.89 24.31
CA LEU E 117 0.06 23.49 24.75
C LEU E 117 1.04 24.66 24.68
N VAL E 118 1.79 24.87 25.75
CA VAL E 118 2.82 25.88 25.82
C VAL E 118 4.16 25.17 26.05
N THR E 119 5.08 25.32 25.10
CA THR E 119 6.41 24.70 25.20
C THR E 119 7.44 25.80 25.37
N VAL E 120 8.13 25.80 26.52
CA VAL E 120 9.16 26.77 26.84
C VAL E 120 10.51 26.09 26.72
N SER E 121 11.29 26.49 25.73
CA SER E 121 12.58 25.86 25.51
C SER E 121 13.43 26.74 24.61
N SER E 122 14.75 26.63 24.78
CA SER E 122 15.68 27.32 23.91
C SER E 122 16.17 26.45 22.76
N ALA E 123 15.67 25.22 22.64
CA ALA E 123 16.06 24.35 21.55
C ALA E 123 15.47 24.85 20.24
N SER E 124 16.18 24.60 19.14
CA SER E 124 15.70 25.01 17.85
C SER E 124 14.87 23.91 17.21
N THR E 125 13.89 24.32 16.41
CA THR E 125 13.07 23.37 15.68
C THR E 125 13.94 22.52 14.77
N LYS E 126 13.78 21.20 14.86
CA LYS E 126 14.64 20.27 14.14
C LYS E 126 13.87 19.00 13.82
N GLY E 127 14.02 18.53 12.58
CA GLY E 127 13.41 17.29 12.17
C GLY E 127 14.15 16.09 12.71
N PRO E 128 13.49 14.95 12.78
CA PRO E 128 14.12 13.76 13.35
C PRO E 128 14.99 13.03 12.35
N SER E 129 15.95 12.28 12.89
CA SER E 129 16.63 11.23 12.15
C SER E 129 15.91 9.92 12.43
N VAL E 130 15.68 9.13 11.39
CA VAL E 130 14.92 7.89 11.52
C VAL E 130 15.86 6.73 11.25
N PHE E 131 16.11 5.92 12.25
CA PHE E 131 17.02 4.80 12.12
C PHE E 131 16.27 3.48 12.19
N PRO E 132 16.73 2.46 11.48
CA PRO E 132 16.01 1.18 11.50
C PRO E 132 16.30 0.39 12.75
N LEU E 133 15.24 -0.20 13.29
CA LEU E 133 15.34 -1.24 14.33
C LEU E 133 15.13 -2.55 13.57
N ALA E 134 16.21 -3.10 13.07
CA ALA E 134 16.11 -4.19 12.12
C ALA E 134 15.80 -5.51 12.82
N PRO E 135 14.94 -6.34 12.25
CA PRO E 135 14.69 -7.66 12.84
C PRO E 135 15.98 -8.47 12.85
N SER E 136 15.98 -9.54 13.63
CA SER E 136 17.21 -10.26 13.88
C SER E 136 17.14 -11.66 13.29
N SER E 137 18.33 -12.21 13.03
CA SER E 137 18.46 -13.53 12.44
C SER E 137 18.33 -14.66 13.45
N LYS E 138 18.07 -14.34 14.71
CA LYS E 138 17.93 -15.36 15.74
C LYS E 138 16.46 -15.61 16.06
N GLY E 142 9.93 -18.68 11.35
CA GLY E 142 9.32 -19.74 12.14
C GLY E 142 8.24 -19.23 13.09
N GLY E 143 8.57 -18.24 13.93
CA GLY E 143 7.57 -17.75 14.83
C GLY E 143 7.23 -16.27 14.67
N THR E 144 7.75 -15.42 15.56
CA THR E 144 7.43 -14.00 15.51
C THR E 144 8.71 -13.16 15.53
N ALA E 145 8.72 -12.10 14.74
CA ALA E 145 9.85 -11.18 14.68
C ALA E 145 9.38 -9.76 14.92
N ALA E 146 10.23 -8.99 15.58
CA ALA E 146 9.96 -7.58 15.84
C ALA E 146 10.90 -6.71 15.01
N LEU E 147 10.37 -5.58 14.58
CA LEU E 147 11.15 -4.57 13.87
C LEU E 147 10.53 -3.22 14.16
N GLY E 148 11.26 -2.16 13.84
CA GLY E 148 10.73 -0.85 14.12
C GLY E 148 11.62 0.25 13.59
N CYS E 149 11.31 1.47 14.02
CA CYS E 149 12.00 2.68 13.62
C CYS E 149 12.35 3.49 14.86
N LEU E 150 13.59 3.97 14.94
CA LEU E 150 14.02 4.86 16.00
C LEU E 150 13.96 6.28 15.46
N VAL E 151 13.09 7.09 16.05
CA VAL E 151 12.83 8.46 15.60
C VAL E 151 13.51 9.37 16.62
N LYS E 152 14.72 9.84 16.30
CA LYS E 152 15.62 10.41 17.29
C LYS E 152 15.87 11.89 17.03
N ASP E 153 15.94 12.66 18.12
CA ASP E 153 16.48 14.03 18.12
C ASP E 153 15.64 14.97 17.26
N TYR E 154 14.37 15.13 17.64
CA TYR E 154 13.49 16.09 17.00
C TYR E 154 12.98 17.07 18.03
N PHE E 155 12.49 18.22 17.55
CA PHE E 155 11.94 19.26 18.40
C PHE E 155 11.14 20.22 17.56
N PRO E 156 9.96 20.67 18.01
CA PRO E 156 9.29 20.18 19.22
C PRO E 156 8.32 19.04 18.95
N GLU E 157 7.48 18.73 19.94
CA GLU E 157 6.39 17.78 19.72
C GLU E 157 5.35 18.39 18.79
N PRO E 158 4.54 17.55 18.12
CA PRO E 158 4.50 16.09 18.13
C PRO E 158 5.06 15.45 16.88
N VAL E 159 5.20 14.12 16.92
CA VAL E 159 5.55 13.31 15.76
C VAL E 159 4.50 12.21 15.62
N THR E 160 3.99 12.02 14.40
CA THR E 160 3.09 10.94 14.08
C THR E 160 3.83 9.86 13.30
N VAL E 161 3.52 8.59 13.60
CA VAL E 161 4.14 7.46 12.94
C VAL E 161 3.06 6.51 12.47
N SER E 162 3.15 6.05 11.23
CA SER E 162 2.33 4.97 10.71
C SER E 162 3.24 3.96 10.03
N TRP E 163 2.66 2.84 9.61
CA TRP E 163 3.40 1.79 8.93
C TRP E 163 2.71 1.45 7.63
N ASN E 164 3.49 1.40 6.54
CA ASN E 164 2.98 1.10 5.20
C ASN E 164 1.78 1.98 4.85
N SER E 165 1.92 3.27 5.13
CA SER E 165 0.92 4.28 4.78
C SER E 165 -0.44 3.98 5.42
N GLY E 166 -0.43 3.30 6.56
CA GLY E 166 -1.65 2.97 7.27
C GLY E 166 -2.17 1.57 7.03
N ALA E 167 -1.59 0.83 6.07
CA ALA E 167 -2.08 -0.51 5.77
C ALA E 167 -1.74 -1.50 6.88
N LEU E 168 -0.73 -1.23 7.70
CA LEU E 168 -0.33 -2.10 8.79
C LEU E 168 -0.60 -1.38 10.10
N THR E 169 -1.51 -1.94 10.91
CA THR E 169 -1.90 -1.30 12.17
C THR E 169 -1.86 -2.29 13.33
N SER E 170 -2.09 -3.57 13.04
CA SER E 170 -2.10 -4.57 14.09
C SER E 170 -0.68 -4.82 14.59
N GLY E 171 -0.52 -4.86 15.91
CA GLY E 171 0.79 -5.05 16.49
C GLY E 171 1.67 -3.83 16.52
N VAL E 172 1.19 -2.68 16.07
CA VAL E 172 2.00 -1.47 16.08
C VAL E 172 1.98 -0.85 17.47
N HIS E 173 3.17 -0.55 17.99
CA HIS E 173 3.30 0.17 19.25
C HIS E 173 4.21 1.36 19.01
N THR E 174 3.63 2.57 19.06
CA THR E 174 4.39 3.81 18.95
C THR E 174 4.50 4.40 20.35
N PHE E 175 5.70 4.38 20.91
CA PHE E 175 5.86 4.73 22.32
C PHE E 175 5.83 6.25 22.50
N PRO E 176 5.39 6.72 23.66
CA PRO E 176 5.47 8.15 23.96
C PRO E 176 6.89 8.65 23.86
N ALA E 177 7.05 9.89 23.40
CA ALA E 177 8.37 10.47 23.27
C ALA E 177 9.01 10.67 24.64
N VAL E 178 10.34 10.66 24.66
CA VAL E 178 11.09 10.98 25.86
C VAL E 178 11.90 12.24 25.58
N LEU E 179 11.92 13.15 26.55
CA LEU E 179 12.71 14.37 26.45
C LEU E 179 14.12 14.07 26.96
N GLN E 180 15.10 14.17 26.08
CA GLN E 180 16.48 13.87 26.43
C GLN E 180 17.15 15.08 27.06
N SER E 181 18.32 14.85 27.66
CA SER E 181 19.06 15.91 28.33
C SER E 181 19.51 16.99 27.37
N SER E 182 19.61 16.69 26.08
CA SER E 182 19.96 17.70 25.09
C SER E 182 18.81 18.65 24.79
N GLY E 183 17.62 18.38 25.32
CA GLY E 183 16.44 19.17 24.99
C GLY E 183 15.69 18.73 23.77
N LEU E 184 16.10 17.63 23.14
CA LEU E 184 15.43 17.09 21.96
C LEU E 184 14.69 15.81 22.34
N TYR E 185 13.63 15.52 21.60
CA TYR E 185 12.79 14.36 21.87
C TYR E 185 13.24 13.16 21.05
N SER E 186 12.91 11.97 21.56
CA SER E 186 13.16 10.72 20.86
C SER E 186 12.05 9.75 21.18
N LEU E 187 11.69 8.92 20.21
CA LEU E 187 10.71 7.87 20.40
C LEU E 187 11.03 6.70 19.49
N SER E 188 10.35 5.58 19.73
CA SER E 188 10.44 4.41 18.87
C SER E 188 9.05 3.92 18.52
N SER E 189 8.93 3.30 17.36
CA SER E 189 7.70 2.67 16.92
C SER E 189 8.06 1.28 16.41
N VAL E 190 7.43 0.24 16.97
CA VAL E 190 7.76 -1.13 16.64
C VAL E 190 6.52 -1.86 16.16
N VAL E 191 6.77 -2.96 15.46
CA VAL E 191 5.72 -3.84 14.96
C VAL E 191 6.21 -5.28 15.04
N THR E 192 5.28 -6.20 15.32
CA THR E 192 5.55 -7.62 15.32
C THR E 192 4.94 -8.24 14.07
N VAL E 193 5.72 -9.07 13.38
CA VAL E 193 5.29 -9.67 12.12
C VAL E 193 5.72 -11.13 12.12
N PRO E 194 5.09 -11.95 11.27
CA PRO E 194 5.54 -13.34 11.15
C PRO E 194 6.97 -13.41 10.62
N SER E 195 7.78 -14.25 11.26
CA SER E 195 9.19 -14.33 10.92
C SER E 195 9.41 -14.78 9.47
N SER E 196 8.50 -15.59 8.94
CA SER E 196 8.66 -16.11 7.58
C SER E 196 8.45 -15.05 6.51
N SER E 197 7.82 -13.91 6.83
CA SER E 197 7.53 -12.88 5.86
C SER E 197 8.64 -11.86 5.71
N LEU E 198 9.73 -11.98 6.47
CA LEU E 198 10.77 -10.96 6.46
C LEU E 198 11.46 -10.84 5.11
N GLY E 199 11.51 -11.91 4.33
CA GLY E 199 12.18 -11.86 3.04
C GLY E 199 11.35 -11.42 1.87
N THR E 200 10.03 -11.31 2.03
CA THR E 200 9.12 -11.01 0.94
C THR E 200 8.33 -9.73 1.14
N GLN E 201 7.91 -9.43 2.38
CA GLN E 201 7.05 -8.30 2.66
C GLN E 201 7.86 -7.05 2.97
N THR E 202 7.43 -5.92 2.41
CA THR E 202 8.09 -4.64 2.63
C THR E 202 7.44 -3.95 3.82
N TYR E 203 8.26 -3.43 4.72
CA TYR E 203 7.80 -2.71 5.91
C TYR E 203 8.43 -1.32 5.90
N ILE E 204 7.58 -0.30 5.86
CA ILE E 204 8.02 1.10 5.80
C ILE E 204 7.32 1.87 6.91
N CYS E 205 8.10 2.55 7.75
CA CYS E 205 7.52 3.43 8.75
C CYS E 205 7.46 4.84 8.19
N ASN E 206 6.32 5.49 8.34
CA ASN E 206 6.10 6.84 7.82
C ASN E 206 6.11 7.79 9.02
N VAL E 207 7.11 8.66 9.05
CA VAL E 207 7.31 9.59 10.15
C VAL E 207 6.97 11.00 9.66
N ASN E 208 6.13 11.70 10.41
CA ASN E 208 5.73 13.07 10.07
C ASN E 208 6.02 13.98 11.24
N HIS E 209 6.81 15.03 11.01
CA HIS E 209 7.11 16.06 11.99
C HIS E 209 6.70 17.40 11.39
N LYS E 210 5.43 17.76 11.58
CA LYS E 210 4.91 18.99 10.97
C LYS E 210 5.62 20.25 11.43
N PRO E 211 6.04 20.41 12.70
CA PRO E 211 6.75 21.65 13.07
C PRO E 211 7.94 22.00 12.20
N SER E 212 8.65 21.00 11.66
CA SER E 212 9.77 21.24 10.77
C SER E 212 9.45 20.90 9.32
N ASN E 213 8.19 20.58 9.03
CA ASN E 213 7.76 20.17 7.69
C ASN E 213 8.62 19.01 7.18
N THR E 214 8.86 18.04 8.06
CA THR E 214 9.69 16.88 7.76
C THR E 214 8.81 15.64 7.66
N LYS E 215 8.88 14.95 6.52
CA LYS E 215 8.22 13.66 6.33
C LYS E 215 9.27 12.67 5.85
N VAL E 216 9.35 11.53 6.53
CA VAL E 216 10.36 10.51 6.23
C VAL E 216 9.66 9.17 6.09
N ASP E 217 9.97 8.45 5.01
CA ASP E 217 9.58 7.06 4.82
C ASP E 217 10.83 6.20 4.89
N LYS E 218 10.90 5.31 5.89
CA LYS E 218 12.08 4.50 6.15
C LYS E 218 11.74 3.04 5.95
N LYS E 219 12.44 2.38 5.03
CA LYS E 219 12.26 0.94 4.85
C LYS E 219 13.14 0.20 5.85
N VAL E 220 12.55 -0.78 6.54
CA VAL E 220 13.23 -1.55 7.56
C VAL E 220 13.29 -3.00 7.11
N GLU E 221 14.49 -3.54 7.00
CA GLU E 221 14.71 -4.90 6.54
C GLU E 221 15.85 -5.51 7.35
N PRO E 222 15.98 -6.84 7.35
CA PRO E 222 17.08 -7.45 8.10
C PRO E 222 18.44 -7.03 7.55
N LYS E 223 19.36 -6.74 8.47
CA LYS E 223 20.73 -6.43 8.10
C LYS E 223 21.37 -7.58 7.33
N SER E 224 22.25 -7.23 6.40
CA SER E 224 22.95 -8.23 5.58
C SER E 224 23.91 -9.07 6.42
N GLU F 1 1.04 24.75 51.97
CA GLU F 1 -0.01 24.23 51.11
C GLU F 1 -0.52 22.90 51.61
N ILE F 2 -1.81 22.64 51.40
CA ILE F 2 -2.40 21.35 51.76
C ILE F 2 -2.02 20.33 50.70
N VAL F 3 -1.27 19.32 51.10
CA VAL F 3 -0.83 18.27 50.20
C VAL F 3 -1.86 17.15 50.19
N LEU F 4 -2.27 16.73 49.01
CA LEU F 4 -3.23 15.64 48.83
C LEU F 4 -2.49 14.43 48.31
N THR F 5 -2.51 13.35 49.09
CA THR F 5 -1.83 12.10 48.73
C THR F 5 -2.89 11.05 48.41
N GLN F 6 -2.92 10.60 47.16
CA GLN F 6 -3.87 9.61 46.72
C GLN F 6 -3.24 8.22 46.76
N SER F 7 -4.09 7.22 46.98
CA SER F 7 -3.66 5.84 47.07
C SER F 7 -4.84 4.94 46.69
N PRO F 8 -4.59 3.79 46.07
CA PRO F 8 -3.26 3.36 45.62
C PRO F 8 -2.81 4.11 44.37
N GLY F 9 -1.54 3.95 43.98
CA GLY F 9 -1.07 4.57 42.75
C GLY F 9 -1.77 4.03 41.53
N THR F 10 -2.02 2.72 41.50
CA THR F 10 -2.73 2.07 40.42
C THR F 10 -3.71 1.06 41.00
N LEU F 11 -4.93 1.07 40.47
CA LEU F 11 -5.97 0.13 40.89
C LEU F 11 -6.28 -0.77 39.72
N SER F 12 -6.13 -2.09 39.92
CA SER F 12 -6.30 -3.07 38.85
C SER F 12 -7.60 -3.83 39.11
N LEU F 13 -8.61 -3.54 38.31
CA LEU F 13 -9.92 -4.13 38.51
C LEU F 13 -10.53 -4.53 37.16
N SER F 14 -11.51 -5.40 37.24
CA SER F 14 -12.29 -5.93 36.12
C SER F 14 -13.61 -5.17 36.00
N PRO F 15 -14.19 -5.12 34.80
CA PRO F 15 -15.52 -4.52 34.67
C PRO F 15 -16.52 -5.21 35.59
N GLY F 16 -17.35 -4.40 36.24
CA GLY F 16 -18.32 -4.90 37.18
C GLY F 16 -17.87 -4.92 38.63
N GLU F 17 -16.57 -4.72 38.90
CA GLU F 17 -16.05 -4.69 40.26
C GLU F 17 -16.12 -3.28 40.84
N ARG F 18 -15.88 -3.19 42.14
CA ARG F 18 -15.95 -1.93 42.88
C ARG F 18 -14.57 -1.28 42.98
N ALA F 19 -14.52 0.02 42.73
CA ALA F 19 -13.30 0.81 42.85
C ALA F 19 -13.39 1.70 44.07
N THR F 20 -12.35 1.68 44.90
CA THR F 20 -12.27 2.50 46.11
C THR F 20 -10.97 3.29 46.06
N LEU F 21 -11.08 4.60 45.85
CA LEU F 21 -9.94 5.49 45.71
C LEU F 21 -9.85 6.40 46.92
N SER F 22 -8.64 6.56 47.45
CA SER F 22 -8.41 7.32 48.67
C SER F 22 -7.66 8.61 48.36
N CYS F 23 -7.95 9.63 49.17
CA CYS F 23 -7.30 10.93 49.05
C CYS F 23 -7.09 11.46 50.46
N ARG F 24 -5.82 11.58 50.87
CA ARG F 24 -5.47 12.01 52.22
C ARG F 24 -4.89 13.41 52.16
N ALA F 25 -5.39 14.30 53.02
CA ALA F 25 -4.95 15.68 53.07
C ALA F 25 -3.97 15.90 54.21
N SER F 26 -2.93 16.69 53.95
CA SER F 26 -1.95 17.00 54.99
C SER F 26 -2.52 17.88 56.09
N GLN F 27 -3.61 18.60 55.80
CA GLN F 27 -4.31 19.40 56.79
C GLN F 27 -5.80 19.13 56.65
N SER F 28 -6.54 19.42 57.71
CA SER F 28 -7.98 19.18 57.69
C SER F 28 -8.66 20.06 56.66
N VAL F 29 -9.50 19.44 55.83
CA VAL F 29 -10.27 20.13 54.79
C VAL F 29 -11.70 19.66 54.89
N SER F 30 -12.64 20.61 54.90
CA SER F 30 -14.04 20.25 54.93
C SER F 30 -14.45 19.60 53.61
N SER F 31 -15.45 18.73 53.67
CA SER F 31 -15.92 18.05 52.47
C SER F 31 -16.50 19.03 51.46
N THR F 32 -16.96 20.19 51.91
CA THR F 32 -17.51 21.20 51.01
C THR F 32 -16.47 21.69 50.02
N TYR F 33 -15.18 21.60 50.34
CA TYR F 33 -14.12 22.15 49.51
C TYR F 33 -13.30 21.08 48.81
N LEU F 34 -13.89 19.90 48.57
CA LEU F 34 -13.20 18.81 47.90
C LEU F 34 -13.96 18.36 46.65
N ALA F 35 -13.22 18.07 45.59
CA ALA F 35 -13.80 17.61 44.34
C ALA F 35 -12.97 16.48 43.76
N TRP F 36 -13.61 15.67 42.91
CA TRP F 36 -12.97 14.57 42.20
C TRP F 36 -13.16 14.76 40.70
N TYR F 37 -12.11 14.45 39.94
CA TYR F 37 -12.11 14.61 38.49
C TYR F 37 -11.66 13.33 37.82
N GLN F 38 -12.15 13.12 36.59
CA GLN F 38 -11.74 12.01 35.75
C GLN F 38 -11.03 12.53 34.51
N GLN F 39 -9.95 11.86 34.12
CA GLN F 39 -9.22 12.23 32.92
C GLN F 39 -8.76 10.98 32.17
N LYS F 40 -9.00 10.96 30.86
CA LYS F 40 -8.50 9.95 29.95
C LYS F 40 -7.36 10.52 29.10
N PRO F 41 -6.45 9.67 28.61
CA PRO F 41 -5.30 10.18 27.86
C PRO F 41 -5.76 10.99 26.64
N GLY F 42 -5.10 12.13 26.45
CA GLY F 42 -5.41 13.01 25.34
C GLY F 42 -6.66 13.84 25.50
N GLN F 43 -7.30 13.81 26.67
CA GLN F 43 -8.54 14.53 26.90
C GLN F 43 -8.40 15.40 28.15
N ALA F 44 -9.27 16.40 28.24
CA ALA F 44 -9.30 17.27 29.40
C ALA F 44 -9.98 16.57 30.58
N PRO F 45 -9.62 16.93 31.81
CA PRO F 45 -10.35 16.41 32.96
C PRO F 45 -11.80 16.88 32.94
N ARG F 46 -12.67 16.09 33.58
CA ARG F 46 -14.06 16.48 33.75
C ARG F 46 -14.47 16.24 35.20
N LEU F 47 -15.29 17.14 35.72
CA LEU F 47 -15.74 17.06 37.10
C LEU F 47 -16.70 15.89 37.31
N LEU F 48 -16.50 15.16 38.40
CA LEU F 48 -17.36 14.05 38.78
C LEU F 48 -18.17 14.37 40.04
N ILE F 49 -17.48 14.62 41.15
CA ILE F 49 -18.08 14.80 42.46
C ILE F 49 -17.44 16.02 43.10
N TYR F 50 -18.23 16.84 43.77
CA TYR F 50 -17.70 17.97 44.52
C TYR F 50 -18.61 18.21 45.71
N GLY F 51 -18.05 18.79 46.78
CA GLY F 51 -18.89 19.09 47.92
C GLY F 51 -19.42 17.88 48.64
N ALA F 52 -19.71 18.02 49.94
CA ALA F 52 -20.29 16.98 50.78
C ALA F 52 -21.16 15.97 50.03
N SER F 53 -22.08 16.46 49.18
CA SER F 53 -23.03 15.57 48.52
C SER F 53 -23.33 15.90 47.06
N SER F 54 -22.70 16.91 46.48
CA SER F 54 -23.03 17.32 45.12
C SER F 54 -22.37 16.42 44.07
N ARG F 55 -23.14 16.10 43.03
CA ARG F 55 -22.65 15.34 41.89
C ARG F 55 -22.80 16.19 40.62
N ALA F 56 -21.77 16.16 39.78
CA ALA F 56 -21.80 16.95 38.55
C ALA F 56 -22.90 16.46 37.61
N THR F 57 -23.35 17.37 36.74
CA THR F 57 -24.43 17.04 35.82
C THR F 57 -23.97 16.01 34.80
N GLY F 58 -24.78 14.97 34.61
CA GLY F 58 -24.45 13.89 33.70
C GLY F 58 -23.61 12.79 34.29
N ILE F 59 -23.26 12.87 35.57
CA ILE F 59 -22.44 11.84 36.21
C ILE F 59 -23.37 10.75 36.75
N PRO F 60 -23.12 9.48 36.43
CA PRO F 60 -24.03 8.40 36.84
C PRO F 60 -24.04 8.21 38.35
N ASP F 61 -25.04 7.43 38.80
CA ASP F 61 -25.22 7.18 40.22
C ASP F 61 -24.07 6.38 40.82
N ARG F 62 -23.37 5.59 40.00
CA ARG F 62 -22.36 4.68 40.54
C ARG F 62 -21.16 5.43 41.10
N PHE F 63 -21.02 6.72 40.81
CA PHE F 63 -19.97 7.53 41.40
C PHE F 63 -20.50 8.12 42.70
N SER F 64 -19.79 7.89 43.79
CA SER F 64 -20.19 8.43 45.08
C SER F 64 -18.94 8.73 45.89
N GLY F 65 -19.10 9.61 46.89
CA GLY F 65 -17.98 10.02 47.70
C GLY F 65 -18.39 10.12 49.16
N SER F 66 -17.38 10.09 50.02
CA SER F 66 -17.59 10.19 51.45
C SER F 66 -16.30 10.69 52.09
N GLY F 67 -16.40 11.04 53.36
CA GLY F 67 -15.25 11.46 54.12
C GLY F 67 -15.20 12.97 54.31
N SER F 68 -14.46 13.38 55.33
CA SER F 68 -14.24 14.79 55.62
C SER F 68 -12.96 14.91 56.43
N GLY F 69 -12.47 16.14 56.57
CA GLY F 69 -11.24 16.35 57.30
C GLY F 69 -10.00 15.92 56.55
N THR F 70 -9.44 14.76 56.92
CA THR F 70 -8.19 14.30 56.32
C THR F 70 -8.32 13.08 55.42
N ASP F 71 -9.43 12.35 55.48
CA ASP F 71 -9.59 11.12 54.70
C ASP F 71 -10.81 11.24 53.80
N PHE F 72 -10.62 11.07 52.50
CA PHE F 72 -11.69 11.19 51.53
C PHE F 72 -11.65 9.98 50.59
N THR F 73 -12.82 9.53 50.17
CA THR F 73 -12.96 8.33 49.36
C THR F 73 -13.88 8.59 48.18
N LEU F 74 -13.46 8.15 47.00
CA LEU F 74 -14.32 8.09 45.83
C LEU F 74 -14.62 6.62 45.55
N THR F 75 -15.90 6.30 45.41
CA THR F 75 -16.33 4.92 45.19
C THR F 75 -17.03 4.84 43.84
N ILE F 76 -16.59 3.89 43.02
CA ILE F 76 -17.30 3.49 41.81
C ILE F 76 -17.83 2.09 42.09
N SER F 77 -19.14 2.00 42.34
CA SER F 77 -19.71 0.75 42.86
C SER F 77 -19.62 -0.38 41.85
N ARG F 78 -19.69 -0.08 40.55
CA ARG F 78 -19.62 -1.10 39.51
C ARG F 78 -18.98 -0.48 38.28
N LEU F 79 -17.73 -0.86 38.00
CA LEU F 79 -16.96 -0.25 36.93
C LEU F 79 -17.53 -0.61 35.56
N GLU F 80 -17.82 0.42 34.76
CA GLU F 80 -18.17 0.27 33.36
C GLU F 80 -16.94 0.45 32.49
N PRO F 81 -16.98 -0.02 31.24
CA PRO F 81 -15.78 0.11 30.37
C PRO F 81 -15.27 1.53 30.23
N GLU F 82 -16.16 2.52 30.26
CA GLU F 82 -15.75 3.92 30.11
C GLU F 82 -15.22 4.53 31.41
N ASP F 83 -15.19 3.78 32.50
CA ASP F 83 -14.72 4.31 33.79
C ASP F 83 -13.23 4.15 34.02
N PHE F 84 -12.52 3.40 33.17
CA PHE F 84 -11.09 3.18 33.36
C PHE F 84 -10.33 4.42 32.88
N ALA F 85 -9.69 5.10 33.81
CA ALA F 85 -9.03 6.37 33.54
C ALA F 85 -8.25 6.78 34.79
N VAL F 86 -7.74 8.00 34.80
CA VAL F 86 -7.03 8.55 35.95
C VAL F 86 -7.99 9.45 36.71
N TYR F 87 -7.94 9.40 38.04
CA TYR F 87 -8.84 10.16 38.90
C TYR F 87 -8.03 11.03 39.86
N TYR F 88 -8.38 12.31 39.90
CA TYR F 88 -7.71 13.28 40.75
C TYR F 88 -8.70 13.82 41.79
N CYS F 89 -8.23 13.98 43.02
CA CYS F 89 -8.94 14.77 44.03
C CYS F 89 -8.35 16.17 44.07
N GLN F 90 -9.15 17.11 44.55
CA GLN F 90 -8.76 18.52 44.59
C GLN F 90 -9.38 19.17 45.82
N GLN F 91 -8.63 20.05 46.47
CA GLN F 91 -9.14 20.90 47.52
C GLN F 91 -9.04 22.36 47.09
N TYR F 92 -10.08 23.14 47.39
CA TYR F 92 -10.10 24.57 47.09
C TYR F 92 -10.55 25.39 48.27
N GLY F 93 -10.44 24.86 49.49
CA GLY F 93 -10.81 25.61 50.68
C GLY F 93 -9.69 26.47 51.23
N SER F 94 -8.45 26.14 50.86
CA SER F 94 -7.28 26.90 51.29
C SER F 94 -6.43 27.26 50.09
N SER F 95 -5.77 28.40 50.18
CA SER F 95 -4.90 28.84 49.10
C SER F 95 -3.47 28.37 49.35
N PRO F 96 -2.80 27.76 48.37
CA PRO F 96 -3.30 27.54 47.00
C PRO F 96 -4.20 26.32 46.84
N TRP F 97 -5.07 26.34 45.84
CA TRP F 97 -5.79 25.14 45.45
C TRP F 97 -4.78 24.07 45.03
N THR F 98 -5.01 22.83 45.46
CA THR F 98 -4.09 21.74 45.18
C THR F 98 -4.84 20.50 44.72
N PHE F 99 -4.16 19.70 43.89
CA PHE F 99 -4.67 18.43 43.40
C PHE F 99 -3.81 17.29 43.94
N GLY F 100 -4.42 16.12 44.08
CA GLY F 100 -3.64 14.92 44.33
C GLY F 100 -2.83 14.53 43.11
N GLN F 101 -1.91 13.59 43.31
CA GLN F 101 -1.06 13.16 42.21
C GLN F 101 -1.77 12.21 41.26
N GLY F 102 -2.98 11.78 41.59
CA GLY F 102 -3.77 10.97 40.69
C GLY F 102 -3.70 9.47 40.95
N THR F 103 -4.82 8.79 40.77
CA THR F 103 -4.90 7.34 40.88
C THR F 103 -5.43 6.78 39.56
N LYS F 104 -4.67 5.85 38.98
CA LYS F 104 -5.07 5.22 37.73
C LYS F 104 -5.91 3.98 38.02
N VAL F 105 -7.06 3.89 37.38
CA VAL F 105 -7.92 2.71 37.44
C VAL F 105 -7.75 1.99 36.11
N GLU F 106 -7.10 0.83 36.13
CA GLU F 106 -6.74 0.11 34.91
C GLU F 106 -7.57 -1.16 34.78
N ILE F 107 -7.69 -1.62 33.54
CA ILE F 107 -8.42 -2.85 33.26
C ILE F 107 -7.59 -4.05 33.71
N LYS F 108 -8.22 -4.94 34.46
CA LYS F 108 -7.58 -6.17 34.88
C LYS F 108 -7.80 -7.24 33.81
N ARG F 109 -6.75 -8.00 33.53
CA ARG F 109 -6.84 -9.09 32.57
C ARG F 109 -5.93 -10.21 33.06
N THR F 110 -5.92 -11.32 32.33
CA THR F 110 -5.06 -12.44 32.72
C THR F 110 -3.59 -12.08 32.52
N VAL F 111 -2.73 -12.82 33.21
CA VAL F 111 -1.30 -12.55 33.16
C VAL F 111 -0.75 -12.94 31.79
N ALA F 112 0.09 -12.08 31.22
CA ALA F 112 0.76 -12.34 29.96
C ALA F 112 2.23 -11.97 30.11
N ALA F 113 3.11 -12.94 29.90
CA ALA F 113 4.54 -12.69 29.97
C ALA F 113 5.00 -11.87 28.76
N PRO F 114 6.01 -11.01 28.94
CA PRO F 114 6.47 -10.18 27.83
C PRO F 114 7.27 -10.98 26.82
N SER F 115 7.09 -10.65 25.55
CA SER F 115 8.00 -11.08 24.49
C SER F 115 9.15 -10.09 24.43
N VAL F 116 10.38 -10.58 24.47
CA VAL F 116 11.57 -9.75 24.60
C VAL F 116 12.34 -9.75 23.28
N PHE F 117 12.71 -8.56 22.82
CA PHE F 117 13.52 -8.38 21.62
C PHE F 117 14.59 -7.33 21.90
N ILE F 118 15.79 -7.56 21.37
CA ILE F 118 16.89 -6.61 21.51
C ILE F 118 17.34 -6.17 20.11
N PHE F 119 17.62 -4.88 19.97
CA PHE F 119 18.05 -4.30 18.70
C PHE F 119 19.40 -3.64 18.87
N PRO F 120 20.43 -4.07 18.17
CA PRO F 120 21.70 -3.36 18.19
C PRO F 120 21.58 -2.03 17.48
N PRO F 121 22.49 -1.09 17.71
CA PRO F 121 22.45 0.17 16.96
C PRO F 121 22.72 -0.06 15.49
N SER F 122 21.98 0.67 14.65
CA SER F 122 22.16 0.55 13.21
C SER F 122 23.48 1.17 12.77
N ASP F 123 24.00 0.69 11.64
CA ASP F 123 25.22 1.28 11.11
C ASP F 123 25.02 2.75 10.74
N GLU F 124 23.80 3.11 10.33
CA GLU F 124 23.53 4.50 9.97
C GLU F 124 23.65 5.42 11.18
N GLN F 125 23.14 4.99 12.34
CA GLN F 125 23.31 5.81 13.54
C GLN F 125 24.76 5.84 13.99
N LEU F 126 25.44 4.69 13.95
CA LEU F 126 26.86 4.66 14.29
C LEU F 126 27.66 5.59 13.38
N LYS F 127 27.26 5.70 12.12
CA LYS F 127 27.90 6.62 11.20
C LYS F 127 27.77 8.07 11.68
N SER F 128 26.71 8.37 12.44
CA SER F 128 26.46 9.72 12.93
C SER F 128 27.14 10.01 14.26
N GLY F 129 27.73 9.00 14.91
CA GLY F 129 28.51 9.21 16.12
C GLY F 129 27.90 8.74 17.42
N THR F 130 26.66 8.25 17.42
CA THR F 130 26.01 7.78 18.63
C THR F 130 25.53 6.34 18.44
N ALA F 131 25.23 5.69 19.56
CA ALA F 131 24.77 4.30 19.55
C ALA F 131 23.63 4.16 20.54
N SER F 132 22.48 3.70 20.06
CA SER F 132 21.31 3.43 20.89
C SER F 132 20.97 1.95 20.79
N VAL F 133 20.93 1.28 21.95
CA VAL F 133 20.52 -0.12 22.03
C VAL F 133 19.12 -0.15 22.63
N VAL F 134 18.22 -0.89 21.99
CA VAL F 134 16.81 -0.90 22.37
C VAL F 134 16.40 -2.31 22.80
N CYS F 135 15.74 -2.41 23.95
CA CYS F 135 15.15 -3.65 24.44
C CYS F 135 13.64 -3.46 24.48
N LEU F 136 12.92 -4.37 23.83
CA LEU F 136 11.46 -4.28 23.70
C LEU F 136 10.77 -5.37 24.50
N LEU F 137 9.84 -4.97 25.36
CA LEU F 137 8.95 -5.87 26.07
C LEU F 137 7.56 -5.71 25.47
N ASN F 138 7.05 -6.76 24.84
CA ASN F 138 5.86 -6.66 24.02
C ASN F 138 4.68 -7.38 24.68
N ASN F 139 3.56 -6.65 24.83
CA ASN F 139 2.25 -7.23 25.13
C ASN F 139 2.30 -8.06 26.43
N PHE F 140 2.51 -7.36 27.54
CA PHE F 140 2.58 -8.02 28.83
C PHE F 140 1.60 -7.40 29.81
N TYR F 141 1.32 -8.15 30.88
CA TYR F 141 0.45 -7.73 31.96
C TYR F 141 0.68 -8.67 33.13
N PRO F 142 0.73 -8.18 34.38
CA PRO F 142 0.58 -6.78 34.79
C PRO F 142 1.76 -5.88 34.45
N ARG F 143 1.65 -4.61 34.87
CA ARG F 143 2.58 -3.58 34.45
C ARG F 143 3.98 -3.79 35.02
N GLU F 144 4.08 -4.33 36.23
CA GLU F 144 5.37 -4.40 36.90
C GLU F 144 6.31 -5.32 36.16
N ALA F 145 7.51 -4.82 35.88
CA ALA F 145 8.54 -5.60 35.21
C ALA F 145 9.88 -4.94 35.49
N LYS F 146 10.94 -5.71 35.36
CA LYS F 146 12.29 -5.19 35.57
C LYS F 146 13.11 -5.47 34.32
N VAL F 147 13.76 -4.43 33.81
CA VAL F 147 14.64 -4.53 32.67
C VAL F 147 16.03 -4.14 33.14
N GLN F 148 16.99 -5.04 32.96
CA GLN F 148 18.36 -4.80 33.39
C GLN F 148 19.29 -4.95 32.21
N TRP F 149 19.99 -3.88 31.87
CA TRP F 149 21.01 -3.94 30.84
C TRP F 149 22.31 -4.48 31.43
N LYS F 150 22.98 -5.36 30.69
CA LYS F 150 24.27 -5.89 31.08
C LYS F 150 25.22 -5.75 29.91
N VAL F 151 26.34 -5.07 30.14
CA VAL F 151 27.36 -4.83 29.12
C VAL F 151 28.63 -5.52 29.62
N ASP F 152 29.01 -6.60 28.94
CA ASP F 152 30.09 -7.48 29.39
C ASP F 152 29.88 -7.87 30.86
N ASN F 153 28.64 -8.26 31.16
CA ASN F 153 28.19 -8.73 32.48
C ASN F 153 28.22 -7.65 33.55
N ALA F 154 28.38 -6.38 33.16
CA ALA F 154 28.31 -5.26 34.09
C ALA F 154 26.89 -4.69 34.06
N LEU F 155 26.24 -4.68 35.22
CA LEU F 155 24.87 -4.17 35.31
C LEU F 155 24.87 -2.66 35.10
N GLN F 156 24.04 -2.20 34.15
CA GLN F 156 23.90 -0.79 33.86
C GLN F 156 22.72 -0.20 34.62
N SER F 157 22.93 0.98 35.20
CA SER F 157 21.88 1.65 35.95
C SER F 157 22.03 3.15 35.77
N GLY F 158 20.91 3.83 35.51
CA GLY F 158 20.92 5.28 35.38
C GLY F 158 21.29 5.80 34.01
N ASN F 159 21.65 4.95 33.06
CA ASN F 159 22.05 5.38 31.73
C ASN F 159 21.10 4.84 30.66
N SER F 160 19.87 4.56 31.04
CA SER F 160 18.84 4.09 30.11
C SER F 160 17.56 4.86 30.37
N GLN F 161 16.69 4.89 29.37
CA GLN F 161 15.40 5.55 29.50
C GLN F 161 14.32 4.61 29.03
N GLU F 162 13.22 4.57 29.78
CA GLU F 162 12.12 3.67 29.49
C GLU F 162 10.90 4.46 29.04
N SER F 163 10.10 3.83 28.19
CA SER F 163 8.84 4.40 27.74
C SER F 163 7.83 3.27 27.65
N VAL F 164 6.61 3.54 28.10
CA VAL F 164 5.55 2.55 28.18
C VAL F 164 4.34 3.07 27.42
N THR F 165 3.71 2.18 26.66
CA THR F 165 2.48 2.53 25.97
C THR F 165 1.32 2.58 26.95
N GLU F 166 0.23 3.18 26.51
CA GLU F 166 -1.01 3.09 27.25
C GLU F 166 -1.57 1.67 27.11
N GLN F 167 -2.45 1.32 28.04
CA GLN F 167 -3.06 -0.01 28.00
C GLN F 167 -3.78 -0.19 26.67
N ASP F 168 -3.41 -1.27 25.96
CA ASP F 168 -3.88 -1.45 24.59
C ASP F 168 -5.40 -1.57 24.55
N SER F 169 -6.00 -0.91 23.55
CA SER F 169 -7.45 -0.84 23.48
C SER F 169 -8.08 -2.19 23.20
N LYS F 170 -7.34 -3.12 22.59
CA LYS F 170 -7.92 -4.40 22.20
C LYS F 170 -7.62 -5.50 23.21
N ASP F 171 -6.36 -5.72 23.58
CA ASP F 171 -6.03 -6.81 24.49
C ASP F 171 -5.65 -6.36 25.90
N SER F 172 -5.67 -5.05 26.17
CA SER F 172 -5.45 -4.51 27.51
C SER F 172 -4.06 -4.82 28.05
N THR F 173 -3.08 -5.06 27.18
CA THR F 173 -1.71 -5.29 27.61
C THR F 173 -0.92 -3.98 27.55
N TYR F 174 0.29 -4.04 28.09
CA TYR F 174 1.26 -2.96 28.01
C TYR F 174 2.44 -3.39 27.16
N SER F 175 3.13 -2.40 26.59
CA SER F 175 4.39 -2.63 25.91
C SER F 175 5.40 -1.58 26.39
N LEU F 176 6.65 -1.98 26.49
CA LEU F 176 7.67 -1.12 27.07
C LEU F 176 8.95 -1.22 26.25
N SER F 177 9.60 -0.08 26.07
CA SER F 177 10.91 -0.02 25.43
C SER F 177 11.92 0.54 26.43
N SER F 178 13.13 0.00 26.38
CA SER F 178 14.23 0.52 27.17
C SER F 178 15.39 0.81 26.22
N THR F 179 15.88 2.05 26.25
CA THR F 179 16.89 2.51 25.31
C THR F 179 18.17 2.86 26.07
N LEU F 180 19.22 2.08 25.85
CA LEU F 180 20.53 2.37 26.39
C LEU F 180 21.32 3.16 25.35
N THR F 181 21.72 4.38 25.71
CA THR F 181 22.41 5.28 24.79
C THR F 181 23.86 5.45 25.23
N LEU F 182 24.79 5.17 24.32
CA LEU F 182 26.21 5.37 24.54
C LEU F 182 26.79 6.13 23.36
N SER F 183 27.97 6.72 23.57
CA SER F 183 28.72 7.26 22.46
C SER F 183 29.28 6.12 21.62
N LYS F 184 29.56 6.43 20.35
CA LYS F 184 30.12 5.43 19.45
C LYS F 184 31.42 4.85 20.00
N ALA F 185 32.24 5.69 20.63
CA ALA F 185 33.49 5.20 21.20
C ALA F 185 33.26 4.27 22.38
N ASP F 186 32.29 4.60 23.23
CA ASP F 186 31.97 3.73 24.37
C ASP F 186 31.37 2.42 23.90
N TYR F 187 30.51 2.47 22.89
CA TYR F 187 29.91 1.24 22.36
C TYR F 187 30.96 0.29 21.80
N GLU F 188 31.99 0.83 21.17
CA GLU F 188 32.97 0.02 20.45
C GLU F 188 34.00 -0.65 21.34
N LYS F 189 34.05 -0.33 22.63
CA LYS F 189 35.00 -0.97 23.53
C LYS F 189 34.39 -2.09 24.36
N HIS F 190 33.19 -2.54 24.01
CA HIS F 190 32.54 -3.65 24.68
C HIS F 190 31.99 -4.63 23.64
N LYS F 191 31.79 -5.87 24.06
CA LYS F 191 31.42 -6.95 23.15
C LYS F 191 29.97 -7.40 23.32
N VAL F 192 29.59 -7.81 24.52
CA VAL F 192 28.30 -8.46 24.75
C VAL F 192 27.31 -7.43 25.30
N TYR F 193 26.19 -7.27 24.60
CA TYR F 193 25.12 -6.38 25.02
C TYR F 193 23.86 -7.23 25.24
N ALA F 194 23.30 -7.15 26.44
CA ALA F 194 22.17 -7.99 26.82
C ALA F 194 21.21 -7.20 27.68
N CYS F 195 19.91 -7.46 27.51
CA CYS F 195 18.90 -7.00 28.45
C CYS F 195 18.21 -8.21 29.05
N GLU F 196 18.12 -8.23 30.38
CA GLU F 196 17.53 -9.32 31.13
C GLU F 196 16.20 -8.85 31.70
N VAL F 197 15.13 -9.59 31.39
CA VAL F 197 13.76 -9.19 31.73
C VAL F 197 13.19 -10.18 32.73
N THR F 198 12.64 -9.67 33.82
CA THR F 198 11.92 -10.49 34.78
C THR F 198 10.50 -9.97 34.93
N HIS F 199 9.57 -10.90 35.13
CA HIS F 199 8.16 -10.55 35.19
C HIS F 199 7.46 -11.66 35.96
N GLN F 200 6.39 -11.29 36.67
CA GLN F 200 5.71 -12.27 37.51
C GLN F 200 5.11 -13.43 36.71
N GLY F 201 4.91 -13.24 35.40
CA GLY F 201 4.48 -14.31 34.53
C GLY F 201 5.59 -15.18 34.00
N LEU F 202 6.84 -14.88 34.33
CA LEU F 202 8.00 -15.65 33.89
C LEU F 202 8.53 -16.47 35.05
N SER F 203 8.73 -17.77 34.82
CA SER F 203 9.28 -18.64 35.86
C SER F 203 10.77 -18.36 36.09
N SER F 204 11.46 -17.83 35.09
CA SER F 204 12.86 -17.46 35.20
C SER F 204 13.13 -16.31 34.25
N PRO F 205 14.16 -15.50 34.51
CA PRO F 205 14.40 -14.33 33.65
C PRO F 205 14.68 -14.72 32.21
N VAL F 206 14.22 -13.86 31.30
CA VAL F 206 14.47 -14.02 29.87
C VAL F 206 15.57 -13.04 29.47
N THR F 207 16.58 -13.54 28.78
CA THR F 207 17.72 -12.73 28.35
C THR F 207 17.82 -12.76 26.83
N LYS F 208 17.88 -11.58 26.22
CA LYS F 208 18.22 -11.44 24.80
C LYS F 208 19.54 -10.68 24.70
N SER F 209 20.43 -11.15 23.84
CA SER F 209 21.75 -10.55 23.76
C SER F 209 22.28 -10.61 22.33
N PHE F 210 23.32 -9.82 22.08
CA PHE F 210 24.05 -9.87 20.83
C PHE F 210 25.51 -9.51 21.11
N ASN F 211 26.39 -9.99 20.23
CA ASN F 211 27.80 -9.61 20.24
C ASN F 211 28.01 -8.50 19.22
N ARG F 212 28.70 -7.43 19.64
CA ARG F 212 28.91 -6.29 18.76
C ARG F 212 29.63 -6.73 17.48
N GLY F 213 29.06 -6.35 16.34
CA GLY F 213 29.61 -6.73 15.06
C GLY F 213 29.34 -8.15 14.64
N GLU F 214 28.14 -8.66 14.92
CA GLU F 214 27.74 -10.00 14.49
C GLU F 214 26.30 -10.01 14.01
N GLU G 1 -31.77 20.82 -43.62
CA GLU G 1 -30.77 20.02 -42.92
C GLU G 1 -29.69 20.89 -42.30
N VAL G 2 -29.33 20.60 -41.05
CA VAL G 2 -28.30 21.36 -40.36
C VAL G 2 -26.94 21.00 -40.96
N GLN G 3 -26.16 22.01 -41.32
CA GLN G 3 -24.82 21.81 -41.86
C GLN G 3 -23.85 22.73 -41.15
N LEU G 4 -22.73 22.16 -40.69
CA LEU G 4 -21.63 22.91 -40.11
C LEU G 4 -20.37 22.49 -40.84
N VAL G 5 -19.70 23.45 -41.48
CA VAL G 5 -18.51 23.18 -42.28
C VAL G 5 -17.36 24.02 -41.73
N GLU G 6 -16.33 23.34 -41.22
CA GLU G 6 -15.14 24.01 -40.70
C GLU G 6 -14.13 24.23 -41.81
N SER G 7 -13.43 25.36 -41.74
CA SER G 7 -12.35 25.66 -42.67
C SER G 7 -11.33 26.52 -41.94
N GLY G 8 -10.18 26.69 -42.60
CA GLY G 8 -9.09 27.48 -42.04
C GLY G 8 -8.03 26.67 -41.32
N GLY G 9 -8.21 25.36 -41.19
CA GLY G 9 -7.22 24.52 -40.56
C GLY G 9 -6.01 24.33 -41.46
N GLY G 10 -5.13 23.44 -41.03
CA GLY G 10 -3.95 23.14 -41.79
C GLY G 10 -2.72 23.21 -40.92
N LEU G 11 -1.57 23.30 -41.57
CA LEU G 11 -0.28 23.33 -40.89
C LEU G 11 0.06 24.77 -40.51
N VAL G 12 0.58 24.94 -39.30
CA VAL G 12 0.95 26.26 -38.80
C VAL G 12 2.13 26.08 -37.85
N GLN G 13 3.04 27.04 -37.87
CA GLN G 13 4.23 26.94 -37.06
C GLN G 13 3.95 27.41 -35.63
N PRO G 14 4.67 26.87 -34.65
CA PRO G 14 4.45 27.28 -33.26
C PRO G 14 4.64 28.78 -33.09
N GLY G 15 3.79 29.38 -32.27
CA GLY G 15 3.81 30.80 -32.02
C GLY G 15 3.01 31.62 -33.01
N ARG G 16 2.66 31.06 -34.17
CA ARG G 16 1.84 31.78 -35.13
C ARG G 16 0.36 31.63 -34.79
N SER G 17 -0.49 32.18 -35.65
CA SER G 17 -1.92 32.22 -35.39
C SER G 17 -2.71 31.58 -36.52
N LEU G 18 -3.92 31.17 -36.18
CA LEU G 18 -4.86 30.61 -37.13
C LEU G 18 -6.26 31.05 -36.73
N ARG G 19 -7.10 31.37 -37.71
CA ARG G 19 -8.51 31.64 -37.48
CA ARG G 19 -8.51 31.64 -37.48
C ARG G 19 -9.34 30.59 -38.20
N LEU G 20 -10.08 29.79 -37.45
CA LEU G 20 -10.98 28.81 -38.01
C LEU G 20 -12.35 29.44 -38.24
N SER G 21 -13.00 29.03 -39.32
CA SER G 21 -14.34 29.48 -39.66
C SER G 21 -15.30 28.30 -39.61
N CYS G 22 -16.52 28.57 -39.14
CA CYS G 22 -17.57 27.56 -39.07
C CYS G 22 -18.77 28.13 -39.82
N THR G 23 -18.98 27.69 -41.05
CA THR G 23 -20.07 28.18 -41.88
C THR G 23 -21.30 27.30 -41.62
N ALA G 24 -22.38 27.92 -41.19
CA ALA G 24 -23.59 27.21 -40.80
C ALA G 24 -24.71 27.45 -41.79
N SER G 25 -25.53 26.43 -41.99
CA SER G 25 -26.68 26.52 -42.87
C SER G 25 -27.72 25.50 -42.42
N GLY G 26 -28.95 25.71 -42.87
CA GLY G 26 -30.05 24.81 -42.56
C GLY G 26 -30.78 25.10 -41.26
N PHE G 27 -30.39 26.15 -40.54
CA PHE G 27 -31.08 26.54 -39.32
C PHE G 27 -30.84 28.04 -39.11
N THR G 28 -31.57 28.61 -38.16
CA THR G 28 -31.42 30.02 -37.82
C THR G 28 -30.19 30.17 -36.94
N PHE G 29 -29.06 30.51 -37.57
CA PHE G 29 -27.77 30.55 -36.87
C PHE G 29 -27.83 31.47 -35.65
N GLY G 30 -28.44 32.65 -35.79
CA GLY G 30 -28.44 33.63 -34.73
C GLY G 30 -29.14 33.19 -33.46
N ASP G 31 -29.97 32.15 -33.52
CA ASP G 31 -30.71 31.72 -32.34
C ASP G 31 -29.92 30.82 -31.42
N TYR G 32 -28.81 30.25 -31.89
CA TYR G 32 -28.11 29.20 -31.16
C TYR G 32 -26.76 29.68 -30.66
N ALA G 33 -26.39 29.22 -29.47
CA ALA G 33 -25.01 29.29 -29.03
C ALA G 33 -24.17 28.28 -29.81
N MET G 34 -22.90 28.62 -30.03
CA MET G 34 -21.98 27.76 -30.75
C MET G 34 -20.79 27.42 -29.87
N SER G 35 -20.20 26.25 -30.12
CA SER G 35 -19.12 25.76 -29.28
C SER G 35 -18.11 25.00 -30.12
N TRP G 36 -16.84 25.14 -29.78
CA TRP G 36 -15.75 24.42 -30.43
C TRP G 36 -15.24 23.31 -29.51
N VAL G 37 -15.03 22.13 -30.08
CA VAL G 37 -14.46 20.98 -29.38
C VAL G 37 -13.34 20.41 -30.23
N ARG G 38 -12.22 20.08 -29.60
CA ARG G 38 -11.07 19.55 -30.32
C ARG G 38 -10.75 18.14 -29.86
N GLN G 39 -10.11 17.37 -30.75
CA GLN G 39 -9.77 15.99 -30.48
C GLN G 39 -8.38 15.72 -31.05
N ALA G 40 -7.39 15.58 -30.18
CA ALA G 40 -6.07 15.19 -30.63
C ALA G 40 -6.12 13.77 -31.19
N PRO G 41 -5.26 13.45 -32.17
CA PRO G 41 -5.29 12.12 -32.79
C PRO G 41 -5.12 11.02 -31.75
N GLY G 42 -6.08 10.10 -31.72
CA GLY G 42 -6.06 8.99 -30.80
C GLY G 42 -6.52 9.31 -29.40
N LYS G 43 -6.94 10.53 -29.13
CA LYS G 43 -7.33 10.95 -27.78
C LYS G 43 -8.82 11.28 -27.74
N GLY G 44 -9.26 11.80 -26.61
CA GLY G 44 -10.66 12.10 -26.39
C GLY G 44 -11.03 13.50 -26.83
N LEU G 45 -12.15 13.98 -26.31
CA LEU G 45 -12.73 15.27 -26.70
C LEU G 45 -12.44 16.31 -25.62
N GLU G 46 -12.09 17.52 -26.06
CA GLU G 46 -11.80 18.63 -25.15
C GLU G 46 -12.57 19.86 -25.59
N TRP G 47 -13.40 20.38 -24.70
CA TRP G 47 -14.10 21.64 -24.94
C TRP G 47 -13.11 22.79 -24.92
N VAL G 48 -13.21 23.70 -25.90
CA VAL G 48 -12.29 24.84 -25.95
C VAL G 48 -13.05 26.15 -26.00
N GLY G 49 -14.35 26.10 -25.75
CA GLY G 49 -15.12 27.31 -25.54
C GLY G 49 -16.48 27.30 -26.22
N PHE G 50 -17.36 28.19 -25.75
CA PHE G 50 -18.63 28.45 -26.41
C PHE G 50 -18.85 29.96 -26.49
N ILE G 51 -19.77 30.35 -27.38
CA ILE G 51 -20.21 31.73 -27.47
C ILE G 51 -21.73 31.73 -27.43
N ARG G 52 -22.30 32.62 -26.62
CA ARG G 52 -23.74 32.69 -26.50
C ARG G 52 -24.34 33.44 -27.68
N SER G 53 -25.65 33.30 -27.86
CA SER G 53 -26.34 34.03 -28.92
C SER G 53 -26.44 35.50 -28.55
N LYS G 54 -26.72 36.33 -29.55
CA LYS G 54 -26.88 37.77 -29.32
C LYS G 54 -28.02 38.03 -28.35
N ALA G 55 -29.12 37.27 -28.46
CA ALA G 55 -30.24 37.44 -27.55
C ALA G 55 -29.87 37.11 -26.12
N ASN G 56 -28.83 36.30 -25.91
CA ASN G 56 -28.39 35.90 -24.58
C ASN G 56 -27.04 36.52 -24.21
N GLY G 57 -26.72 37.67 -24.80
CA GLY G 57 -25.54 38.45 -24.46
C GLY G 57 -24.38 38.32 -25.44
N GLY G 58 -24.24 37.19 -26.11
CA GLY G 58 -23.20 37.04 -27.10
C GLY G 58 -21.78 36.99 -26.57
N ARG G 59 -21.59 36.74 -25.28
CA ARG G 59 -20.26 36.62 -24.70
C ARG G 59 -19.81 35.16 -24.69
N THR G 60 -18.54 34.95 -24.33
CA THR G 60 -17.91 33.65 -24.46
C THR G 60 -17.41 33.16 -23.11
N GLU G 61 -17.07 31.86 -23.08
CA GLU G 61 -16.42 31.22 -21.95
C GLU G 61 -15.47 30.17 -22.53
N ASN G 62 -14.31 30.01 -21.91
CA ASN G 62 -13.34 29.03 -22.39
C ASN G 62 -12.57 28.47 -21.20
N PRO G 63 -12.00 27.27 -21.35
CA PRO G 63 -11.22 26.70 -20.25
C PRO G 63 -9.83 27.32 -20.14
N ALA G 64 -9.16 27.00 -19.04
CA ALA G 64 -7.85 27.58 -18.75
C ALA G 64 -6.80 27.15 -19.76
N SER G 65 -6.94 25.96 -20.36
CA SER G 65 -5.93 25.47 -21.28
C SER G 65 -5.75 26.39 -22.48
N VAL G 66 -6.80 27.11 -22.87
CA VAL G 66 -6.74 28.01 -24.02
C VAL G 66 -7.10 29.45 -23.65
N LYS G 67 -7.38 29.72 -22.38
CA LYS G 67 -7.75 31.07 -21.97
C LYS G 67 -6.62 32.04 -22.25
N GLY G 68 -6.98 33.20 -22.81
CA GLY G 68 -6.01 34.18 -23.24
C GLY G 68 -5.36 33.91 -24.58
N ARG G 69 -5.54 32.72 -25.14
CA ARG G 69 -4.97 32.36 -26.43
C ARG G 69 -6.02 32.16 -27.51
N PHE G 70 -7.14 31.52 -27.19
CA PHE G 70 -8.21 31.28 -28.16
C PHE G 70 -9.39 32.19 -27.85
N THR G 71 -10.00 32.73 -28.91
CA THR G 71 -11.15 33.60 -28.79
C THR G 71 -12.19 33.20 -29.81
N ILE G 72 -13.45 33.08 -29.37
CA ILE G 72 -14.56 32.74 -30.23
C ILE G 72 -15.36 34.00 -30.53
N SER G 73 -15.72 34.17 -31.79
CA SER G 73 -16.60 35.26 -32.22
C SER G 73 -17.57 34.71 -33.24
N ARG G 74 -18.55 35.53 -33.61
CA ARG G 74 -19.57 35.12 -34.57
C ARG G 74 -19.97 36.30 -35.44
N ASP G 75 -20.39 35.98 -36.66
CA ASP G 75 -20.92 36.95 -37.61
C ASP G 75 -22.30 36.46 -38.02
N ASP G 76 -23.35 37.00 -37.38
CA ASP G 76 -24.70 36.52 -37.63
C ASP G 76 -25.20 36.90 -39.01
N SER G 77 -24.69 37.98 -39.60
CA SER G 77 -25.09 38.33 -40.94
C SER G 77 -24.54 37.37 -41.98
N LYS G 78 -23.46 36.66 -41.65
CA LYS G 78 -22.87 35.65 -42.53
C LYS G 78 -23.13 34.22 -42.07
N SER G 79 -23.73 34.04 -40.89
CA SER G 79 -23.94 32.72 -40.28
C SER G 79 -22.62 31.95 -40.16
N ILE G 80 -21.63 32.59 -39.56
CA ILE G 80 -20.30 32.03 -39.38
C ILE G 80 -19.86 32.23 -37.95
N ALA G 81 -19.33 31.16 -37.33
CA ALA G 81 -18.66 31.23 -36.04
C ALA G 81 -17.16 31.09 -36.27
N TYR G 82 -16.37 31.81 -35.47
CA TYR G 82 -14.93 31.85 -35.63
C TYR G 82 -14.22 31.36 -34.38
N LEU G 83 -13.04 30.79 -34.58
CA LEU G 83 -12.13 30.44 -33.50
C LEU G 83 -10.77 31.05 -33.84
N GLN G 84 -10.42 32.13 -33.15
CA GLN G 84 -9.11 32.77 -33.30
C GLN G 84 -8.11 32.07 -32.41
N MET G 85 -7.07 31.48 -32.99
CA MET G 85 -6.09 30.68 -32.27
C MET G 85 -4.73 31.38 -32.34
N ASN G 86 -4.33 32.00 -31.23
CA ASN G 86 -3.05 32.68 -31.15
C ASN G 86 -2.08 31.93 -30.27
N SER G 87 -0.79 32.24 -30.44
CA SER G 87 0.30 31.66 -29.63
C SER G 87 0.23 30.14 -29.62
N LEU G 88 0.14 29.57 -30.81
CA LEU G 88 -0.09 28.13 -30.95
C LEU G 88 1.13 27.33 -30.51
N LYS G 89 0.87 26.21 -29.83
CA LYS G 89 1.90 25.28 -29.40
C LYS G 89 1.61 23.90 -29.97
N THR G 90 2.61 23.01 -29.93
CA THR G 90 2.45 21.67 -30.49
C THR G 90 1.31 20.90 -29.83
N GLU G 91 1.04 21.14 -28.56
CA GLU G 91 -0.07 20.47 -27.88
C GLU G 91 -1.43 20.87 -28.42
N ASP G 92 -1.53 21.95 -29.20
CA ASP G 92 -2.79 22.34 -29.81
C ASP G 92 -3.14 21.53 -31.05
N THR G 93 -2.26 20.64 -31.49
CA THR G 93 -2.53 19.82 -32.67
C THR G 93 -3.73 18.92 -32.43
N ALA G 94 -4.77 19.10 -33.24
CA ALA G 94 -6.01 18.35 -33.07
C ALA G 94 -6.93 18.60 -34.25
N VAL G 95 -7.94 17.74 -34.38
CA VAL G 95 -9.09 18.04 -35.22
C VAL G 95 -10.03 18.94 -34.42
N TYR G 96 -10.41 20.07 -35.00
CA TYR G 96 -11.27 21.04 -34.33
C TYR G 96 -12.66 20.96 -34.92
N TYR G 97 -13.64 20.72 -34.06
CA TYR G 97 -15.04 20.57 -34.46
C TYR G 97 -15.83 21.82 -34.09
N CYS G 98 -16.66 22.26 -35.02
CA CYS G 98 -17.70 23.24 -34.74
C CYS G 98 -18.96 22.50 -34.29
N THR G 99 -19.64 23.05 -33.28
CA THR G 99 -20.83 22.40 -32.75
C THR G 99 -21.94 23.42 -32.51
N ARG G 100 -23.17 22.98 -32.71
CA ARG G 100 -24.35 23.77 -32.37
C ARG G 100 -24.85 23.35 -31.01
N VAL G 101 -25.06 24.32 -30.12
CA VAL G 101 -25.55 24.07 -28.77
C VAL G 101 -27.07 24.05 -28.81
N GLU G 102 -27.67 22.95 -28.33
CA GLU G 102 -29.12 22.80 -28.37
C GLU G 102 -29.82 23.83 -27.50
N LEU G 103 -31.05 24.16 -27.88
CA LEU G 103 -31.84 25.10 -27.10
C LEU G 103 -32.49 24.39 -25.91
N GLY G 104 -32.89 25.19 -24.92
CA GLY G 104 -33.60 24.68 -23.77
C GLY G 104 -32.73 24.54 -22.54
N SER G 105 -33.24 23.77 -21.59
CA SER G 105 -32.59 23.61 -20.30
C SER G 105 -31.42 22.63 -20.35
N SER G 106 -31.33 21.80 -21.39
CA SER G 106 -30.28 20.79 -21.52
C SER G 106 -29.47 21.12 -22.78
N TRP G 107 -28.39 21.89 -22.60
CA TRP G 107 -27.64 22.43 -23.73
C TRP G 107 -26.53 21.48 -24.15
N SER G 108 -26.95 20.36 -24.73
CA SER G 108 -26.01 19.42 -25.30
C SER G 108 -25.53 19.92 -26.67
N LEU G 109 -24.58 19.19 -27.25
CA LEU G 109 -24.03 19.53 -28.56
C LEU G 109 -24.73 18.67 -29.61
N GLY G 110 -25.79 19.22 -30.20
CA GLY G 110 -26.67 18.41 -31.03
C GLY G 110 -26.13 18.12 -32.41
N TYR G 111 -25.32 19.02 -32.96
CA TYR G 111 -24.79 18.85 -34.31
C TYR G 111 -23.32 19.21 -34.32
N TRP G 112 -22.54 18.40 -35.04
CA TRP G 112 -21.11 18.55 -35.15
C TRP G 112 -20.73 18.61 -36.63
N GLY G 113 -19.82 19.51 -36.97
CA GLY G 113 -19.24 19.50 -38.29
C GLY G 113 -18.29 18.33 -38.45
N GLN G 114 -17.79 18.16 -39.67
CA GLN G 114 -16.82 17.10 -39.93
C GLN G 114 -15.47 17.40 -39.29
N GLY G 115 -15.19 18.65 -38.98
CA GLY G 115 -13.94 19.00 -38.33
C GLY G 115 -12.85 19.38 -39.31
N THR G 116 -11.90 20.18 -38.83
CA THR G 116 -10.75 20.57 -39.61
C THR G 116 -9.50 20.28 -38.80
N LEU G 117 -8.49 19.68 -39.45
CA LEU G 117 -7.28 19.29 -38.75
C LEU G 117 -6.33 20.47 -38.64
N VAL G 118 -5.82 20.71 -37.44
CA VAL G 118 -4.84 21.76 -37.19
C VAL G 118 -3.57 21.08 -36.70
N THR G 119 -2.49 21.24 -37.46
CA THR G 119 -1.19 20.66 -37.13
C THR G 119 -0.22 21.78 -36.79
N VAL G 120 0.28 21.78 -35.56
CA VAL G 120 1.25 22.77 -35.09
C VAL G 120 2.60 22.07 -35.03
N SER G 121 3.50 22.45 -35.92
CA SER G 121 4.81 21.82 -36.03
C SER G 121 5.73 22.71 -36.85
N SER G 122 7.03 22.56 -36.61
CA SER G 122 8.03 23.28 -37.40
C SER G 122 8.52 22.47 -38.59
N ALA G 123 7.96 21.28 -38.81
CA ALA G 123 8.33 20.49 -39.97
C ALA G 123 7.73 21.10 -41.23
N SER G 124 8.41 20.91 -42.35
CA SER G 124 7.94 21.44 -43.62
C SER G 124 7.07 20.43 -44.34
N THR G 125 6.12 20.94 -45.12
CA THR G 125 5.26 20.08 -45.93
C THR G 125 6.10 19.27 -46.91
N LYS G 126 5.87 17.96 -46.95
CA LYS G 126 6.67 17.07 -47.77
C LYS G 126 5.82 15.90 -48.23
N GLY G 127 5.93 15.57 -49.51
CA GLY G 127 5.22 14.44 -50.07
C GLY G 127 5.88 13.12 -49.70
N PRO G 128 5.12 12.04 -49.77
CA PRO G 128 5.66 10.74 -49.35
C PRO G 128 6.48 10.08 -50.45
N SER G 129 7.38 9.20 -50.00
CA SER G 129 7.99 8.21 -50.88
C SER G 129 7.19 6.93 -50.77
N VAL G 130 6.89 6.31 -51.91
CA VAL G 130 6.04 5.12 -51.96
C VAL G 130 6.91 3.95 -52.40
N PHE G 131 7.11 2.99 -51.50
CA PHE G 131 7.95 1.84 -51.78
C PHE G 131 7.12 0.56 -51.85
N PRO G 132 7.52 -0.40 -52.68
CA PRO G 132 6.74 -1.63 -52.81
C PRO G 132 7.01 -2.61 -51.67
N LEU G 133 5.94 -3.22 -51.18
CA LEU G 133 6.03 -4.38 -50.30
C LEU G 133 5.74 -5.60 -51.18
N ALA G 134 6.80 -6.17 -51.75
CA ALA G 134 6.62 -7.15 -52.82
C ALA G 134 6.23 -8.51 -52.23
N PRO G 135 5.31 -9.21 -52.88
CA PRO G 135 4.96 -10.57 -52.44
C PRO G 135 6.13 -11.54 -52.62
N SER G 136 6.01 -12.68 -51.94
CA SER G 136 7.06 -13.69 -51.88
C SER G 136 6.47 -14.96 -51.30
N SER G 137 7.15 -16.08 -51.57
CA SER G 137 6.69 -17.38 -51.09
C SER G 137 7.10 -17.61 -49.64
N GLY G 142 -0.16 -22.15 -48.30
CA GLY G 142 0.00 -21.11 -49.31
C GLY G 142 -1.32 -20.70 -49.94
N GLY G 143 -1.34 -20.67 -51.27
CA GLY G 143 -2.53 -20.29 -52.00
C GLY G 143 -2.78 -18.80 -52.06
N THR G 144 -2.43 -18.08 -50.99
CA THR G 144 -2.68 -16.65 -50.89
C THR G 144 -1.37 -15.91 -50.61
N ALA G 145 -1.23 -14.75 -51.24
CA ALA G 145 -0.04 -13.92 -51.10
C ALA G 145 -0.44 -12.51 -50.69
N ALA G 146 0.42 -11.89 -49.88
CA ALA G 146 0.21 -10.52 -49.43
C ALA G 146 1.20 -9.60 -50.10
N LEU G 147 0.76 -8.38 -50.41
CA LEU G 147 1.61 -7.35 -50.98
C LEU G 147 1.06 -6.01 -50.55
N GLY G 148 1.85 -4.96 -50.75
CA GLY G 148 1.37 -3.66 -50.34
C GLY G 148 2.30 -2.54 -50.72
N CYS G 149 2.03 -1.37 -50.14
CA CYS G 149 2.77 -0.15 -50.39
C CYS G 149 3.18 0.48 -49.08
N LEU G 150 4.44 0.87 -48.97
CA LEU G 150 4.95 1.61 -47.82
C LEU G 150 4.98 3.09 -48.19
N VAL G 151 4.16 3.88 -47.51
CA VAL G 151 4.02 5.30 -47.79
C VAL G 151 4.77 6.04 -46.69
N LYS G 152 6.00 6.45 -46.98
CA LYS G 152 6.95 6.85 -45.94
C LYS G 152 7.30 8.33 -46.04
N ASP G 153 7.44 8.95 -44.86
CA ASP G 153 8.07 10.27 -44.73
C ASP G 153 7.27 11.36 -45.45
N TYR G 154 6.03 11.55 -45.01
CA TYR G 154 5.20 12.64 -45.49
C TYR G 154 4.76 13.50 -44.33
N PHE G 155 4.36 14.73 -44.64
CA PHE G 155 3.90 15.65 -43.60
C PHE G 155 3.18 16.82 -44.26
N PRO G 156 2.03 17.26 -43.71
CA PRO G 156 1.34 16.63 -42.58
C PRO G 156 0.30 15.63 -43.05
N GLU G 157 -0.58 15.22 -42.14
CA GLU G 157 -1.73 14.40 -42.49
C GLU G 157 -2.71 15.23 -43.34
N PRO G 158 -3.59 14.57 -44.11
CA PRO G 158 -3.75 13.12 -44.28
C PRO G 158 -3.25 12.57 -45.62
N VAL G 159 -3.23 11.25 -45.71
CA VAL G 159 -2.96 10.54 -46.96
C VAL G 159 -4.08 9.54 -47.19
N THR G 160 -4.61 9.52 -48.42
CA THR G 160 -5.59 8.52 -48.83
C THR G 160 -4.91 7.51 -49.75
N VAL G 161 -5.26 6.23 -49.58
CA VAL G 161 -4.70 5.15 -50.38
C VAL G 161 -5.85 4.29 -50.91
N SER G 162 -5.80 4.00 -52.22
CA SER G 162 -6.70 3.04 -52.83
C SER G 162 -5.87 2.08 -53.69
N TRP G 163 -6.51 1.05 -54.21
CA TRP G 163 -5.85 0.06 -55.05
C TRP G 163 -6.59 -0.06 -56.37
N ASN G 164 -5.85 -0.02 -57.47
CA ASN G 164 -6.40 -0.12 -58.82
C ASN G 164 -7.53 0.90 -59.01
N SER G 165 -7.26 2.14 -58.61
CA SER G 165 -8.18 3.26 -58.80
C SER G 165 -9.52 3.03 -58.12
N GLY G 166 -9.53 2.24 -57.06
CA GLY G 166 -10.74 1.95 -56.31
C GLY G 166 -11.42 0.65 -56.69
N ALA G 167 -10.96 -0.01 -57.75
CA ALA G 167 -11.58 -1.26 -58.18
C ALA G 167 -11.28 -2.42 -57.25
N LEU G 168 -10.22 -2.33 -56.45
CA LEU G 168 -9.83 -3.41 -55.55
C LEU G 168 -10.04 -2.94 -54.12
N THR G 169 -10.96 -3.60 -53.41
CA THR G 169 -11.29 -3.21 -52.04
C THR G 169 -11.27 -4.42 -51.11
N SER G 170 -11.56 -5.60 -51.65
CA SER G 170 -11.58 -6.80 -50.82
C SER G 170 -10.16 -7.18 -50.42
N GLY G 171 -9.97 -7.45 -49.13
CA GLY G 171 -8.65 -7.78 -48.62
C GLY G 171 -7.71 -6.60 -48.41
N VAL G 172 -8.15 -5.38 -48.67
CA VAL G 172 -7.29 -4.21 -48.50
C VAL G 172 -7.30 -3.79 -47.03
N HIS G 173 -6.11 -3.58 -46.46
CA HIS G 173 -5.96 -3.05 -45.11
C HIS G 173 -5.01 -1.86 -45.18
N THR G 174 -5.55 -0.65 -44.99
CA THR G 174 -4.76 0.57 -44.94
C THR G 174 -4.64 1.01 -43.48
N PHE G 175 -3.42 0.90 -42.94
CA PHE G 175 -3.20 1.11 -41.52
C PHE G 175 -3.17 2.60 -41.17
N PRO G 176 -3.59 2.96 -39.95
CA PRO G 176 -3.42 4.35 -39.51
C PRO G 176 -1.95 4.74 -39.51
N ALA G 177 -1.69 6.00 -39.85
CA ALA G 177 -0.31 6.47 -39.88
C ALA G 177 0.29 6.51 -38.49
N VAL G 178 1.61 6.37 -38.43
CA VAL G 178 2.35 6.51 -37.19
C VAL G 178 3.25 7.73 -37.33
N LEU G 179 3.38 8.49 -36.25
CA LEU G 179 4.28 9.62 -36.20
C LEU G 179 5.66 9.11 -35.82
N GLN G 180 6.64 9.29 -36.71
CA GLN G 180 7.97 8.80 -36.46
C GLN G 180 8.75 9.80 -35.61
N SER G 181 9.89 9.33 -35.08
CA SER G 181 10.71 10.19 -34.24
C SER G 181 11.27 11.38 -35.00
N SER G 182 11.36 11.29 -36.32
CA SER G 182 11.79 12.42 -37.15
C SER G 182 10.73 13.49 -37.29
N GLY G 183 9.52 13.25 -36.80
CA GLY G 183 8.42 14.19 -36.97
C GLY G 183 7.63 14.03 -38.26
N LEU G 184 7.94 13.04 -39.07
CA LEU G 184 7.22 12.76 -40.30
C LEU G 184 6.34 11.53 -40.12
N TYR G 185 5.26 11.46 -40.90
CA TYR G 185 4.33 10.35 -40.82
C TYR G 185 4.71 9.25 -41.80
N SER G 186 4.28 8.04 -41.48
CA SER G 186 4.43 6.88 -42.34
C SER G 186 3.23 5.97 -42.13
N LEU G 187 2.81 5.30 -43.20
CA LEU G 187 1.75 4.31 -43.13
C LEU G 187 2.00 3.23 -44.18
N SER G 188 1.26 2.13 -44.06
CA SER G 188 1.29 1.06 -45.04
C SER G 188 -0.13 0.66 -45.42
N SER G 189 -0.27 0.16 -46.64
CA SER G 189 -1.53 -0.39 -47.13
C SER G 189 -1.20 -1.72 -47.80
N VAL G 190 -1.87 -2.79 -47.35
CA VAL G 190 -1.60 -4.13 -47.83
C VAL G 190 -2.89 -4.72 -48.38
N VAL G 191 -2.73 -5.74 -49.23
CA VAL G 191 -3.86 -6.48 -49.80
C VAL G 191 -3.41 -7.92 -49.98
N THR G 192 -4.35 -8.84 -49.81
CA THR G 192 -4.11 -10.26 -50.08
C THR G 192 -4.80 -10.63 -51.39
N VAL G 193 -4.07 -11.34 -52.24
CA VAL G 193 -4.56 -11.72 -53.58
C VAL G 193 -4.18 -13.17 -53.83
N PRO G 194 -4.86 -13.83 -54.78
CA PRO G 194 -4.45 -15.19 -55.15
C PRO G 194 -3.05 -15.21 -55.72
N SER G 195 -2.26 -16.18 -55.28
CA SER G 195 -0.86 -16.28 -55.71
C SER G 195 -0.74 -16.50 -57.21
N SER G 196 -1.73 -17.15 -57.84
CA SER G 196 -1.65 -17.44 -59.25
C SER G 196 -1.80 -16.19 -60.12
N SER G 197 -2.33 -15.10 -59.56
CA SER G 197 -2.54 -13.87 -60.31
C SER G 197 -1.34 -12.94 -60.29
N LEU G 198 -0.27 -13.30 -59.57
CA LEU G 198 0.86 -12.40 -59.43
C LEU G 198 1.57 -12.15 -60.75
N GLY G 199 1.51 -13.11 -61.67
CA GLY G 199 2.14 -12.95 -62.96
C GLY G 199 1.29 -12.36 -64.06
N THR G 200 -0.02 -12.21 -63.81
CA THR G 200 -0.95 -11.74 -64.83
C THR G 200 -1.67 -10.46 -64.45
N GLN G 201 -2.07 -10.32 -63.20
CA GLN G 201 -2.86 -9.17 -62.76
C GLN G 201 -1.96 -8.06 -62.25
N THR G 202 -2.28 -6.82 -62.66
CA THR G 202 -1.52 -5.66 -62.24
C THR G 202 -2.14 -5.09 -60.97
N TYR G 203 -1.29 -4.78 -60.00
CA TYR G 203 -1.71 -4.21 -58.71
C TYR G 203 -1.02 -2.87 -58.53
N ILE G 204 -1.81 -1.81 -58.43
CA ILE G 204 -1.29 -0.44 -58.30
C ILE G 204 -1.95 0.21 -57.10
N CYS G 205 -1.15 0.74 -56.20
CA CYS G 205 -1.66 1.52 -55.08
C CYS G 205 -1.66 2.99 -55.47
N ASN G 206 -2.77 3.66 -55.24
CA ASN G 206 -2.93 5.07 -55.61
C ASN G 206 -2.85 5.89 -54.33
N VAL G 207 -1.79 6.69 -54.21
CA VAL G 207 -1.50 7.47 -53.01
C VAL G 207 -1.73 8.94 -53.35
N ASN G 208 -2.52 9.61 -52.50
CA ASN G 208 -2.83 11.02 -52.67
C ASN G 208 -2.47 11.75 -51.38
N HIS G 209 -1.61 12.75 -51.49
CA HIS G 209 -1.23 13.60 -50.37
C HIS G 209 -1.55 15.04 -50.77
N LYS G 210 -2.79 15.45 -50.52
CA LYS G 210 -3.23 16.77 -50.95
C LYS G 210 -2.42 17.92 -50.36
N PRO G 211 -1.96 17.89 -49.10
CA PRO G 211 -1.16 19.02 -48.59
C PRO G 211 0.04 19.37 -49.45
N SER G 212 0.66 18.40 -50.12
CA SER G 212 1.78 18.66 -51.01
C SER G 212 1.41 18.52 -52.48
N ASN G 213 0.13 18.33 -52.79
CA ASN G 213 -0.34 18.12 -54.16
C ASN G 213 0.40 16.96 -54.82
N THR G 214 0.56 15.87 -54.08
CA THR G 214 1.29 14.69 -54.54
C THR G 214 0.30 13.59 -54.88
N LYS G 215 0.36 13.10 -56.11
CA LYS G 215 -0.40 11.93 -56.55
C LYS G 215 0.57 10.92 -57.14
N VAL G 216 0.54 9.70 -56.61
CA VAL G 216 1.47 8.65 -57.01
C VAL G 216 0.67 7.38 -57.30
N ASP G 217 0.95 6.77 -58.45
CA ASP G 217 0.48 5.43 -58.77
C ASP G 217 1.68 4.50 -58.78
N LYS G 218 1.70 3.54 -57.85
CA LYS G 218 2.85 2.66 -57.65
C LYS G 218 2.45 1.23 -57.95
N LYS G 219 3.12 0.62 -58.92
CA LYS G 219 2.91 -0.78 -59.27
C LYS G 219 3.77 -1.67 -58.37
N VAL G 220 3.15 -2.69 -57.81
CA VAL G 220 3.82 -3.62 -56.90
C VAL G 220 3.80 -5.00 -57.55
N GLU G 221 4.97 -5.59 -57.73
CA GLU G 221 5.08 -6.85 -58.44
C GLU G 221 6.12 -7.75 -57.79
N PRO G 222 6.08 -9.07 -58.09
CA PRO G 222 7.04 -10.01 -57.47
C PRO G 222 8.51 -9.79 -57.80
N LYS G 223 9.26 -9.34 -56.79
CA LYS G 223 10.72 -9.04 -56.84
C LYS G 223 11.48 -10.09 -57.67
N SER G 224 12.26 -9.64 -58.65
CA SER G 224 13.04 -10.57 -59.51
C SER G 224 14.46 -10.71 -58.96
N GLU H 1 -12.08 21.09 -12.05
CA GLU H 1 -12.88 20.50 -13.12
C GLU H 1 -13.47 19.17 -12.71
N ILE H 2 -14.67 18.88 -13.17
CA ILE H 2 -15.33 17.60 -12.91
C ILE H 2 -14.76 16.55 -13.86
N VAL H 3 -14.13 15.53 -13.28
CA VAL H 3 -13.53 14.45 -14.07
C VAL H 3 -14.58 13.35 -14.27
N LEU H 4 -14.73 12.92 -15.53
CA LEU H 4 -15.67 11.87 -15.90
C LEU H 4 -14.87 10.61 -16.24
N THR H 5 -15.11 9.54 -15.48
CA THR H 5 -14.41 8.27 -15.67
C THR H 5 -15.40 7.24 -16.20
N GLN H 6 -15.15 6.75 -17.42
CA GLN H 6 -15.98 5.73 -18.04
C GLN H 6 -15.33 4.36 -17.85
N SER H 7 -16.18 3.33 -17.81
CA SER H 7 -15.73 1.97 -17.63
C SER H 7 -16.76 1.02 -18.22
N PRO H 8 -16.33 -0.12 -18.78
CA PRO H 8 -14.94 -0.51 -19.00
C PRO H 8 -14.29 0.22 -20.17
N GLY H 9 -12.98 0.07 -20.34
CA GLY H 9 -12.30 0.67 -21.47
C GLY H 9 -12.77 0.12 -22.80
N THR H 10 -13.01 -1.19 -22.86
CA THR H 10 -13.50 -1.85 -24.06
C THR H 10 -14.58 -2.85 -23.68
N LEU H 11 -15.67 -2.85 -24.43
CA LEU H 11 -16.78 -3.78 -24.23
C LEU H 11 -16.90 -4.67 -25.46
N SER H 12 -16.80 -5.99 -25.26
CA SER H 12 -16.82 -6.96 -26.34
C SER H 12 -18.14 -7.70 -26.28
N LEU H 13 -19.02 -7.42 -27.25
CA LEU H 13 -20.35 -8.01 -27.25
C LEU H 13 -20.70 -8.46 -28.66
N SER H 14 -21.71 -9.35 -28.75
CA SER H 14 -22.13 -9.91 -30.02
C SER H 14 -23.35 -9.16 -30.56
N PRO H 15 -23.51 -9.15 -31.89
CA PRO H 15 -24.71 -8.54 -32.47
C PRO H 15 -25.97 -9.20 -31.91
N GLY H 16 -26.95 -8.37 -31.59
CA GLY H 16 -28.18 -8.82 -30.99
C GLY H 16 -28.18 -8.79 -29.47
N GLU H 17 -27.01 -8.62 -28.84
CA GLU H 17 -26.96 -8.55 -27.39
C GLU H 17 -27.15 -7.11 -26.94
N ARG H 18 -27.41 -6.92 -25.66
CA ARG H 18 -27.67 -5.58 -25.16
C ARG H 18 -26.43 -5.05 -24.44
N ALA H 19 -26.11 -3.79 -24.67
CA ALA H 19 -24.93 -3.14 -24.09
C ALA H 19 -25.30 -2.17 -22.98
N THR H 20 -24.53 -2.24 -21.89
CA THR H 20 -24.70 -1.38 -20.72
C THR H 20 -23.37 -0.69 -20.43
N LEU H 21 -23.31 0.63 -20.66
CA LEU H 21 -22.10 1.43 -20.48
C LEU H 21 -22.25 2.36 -19.29
N SER H 22 -21.18 2.48 -18.50
CA SER H 22 -21.18 3.25 -17.26
C SER H 22 -20.33 4.50 -17.40
N CYS H 23 -20.75 5.55 -16.68
CA CYS H 23 -20.04 6.83 -16.63
C CYS H 23 -20.14 7.36 -15.21
N ARG H 24 -19.00 7.44 -14.51
CA ARG H 24 -18.96 7.87 -13.13
C ARG H 24 -18.32 9.25 -13.04
N ALA H 25 -18.99 10.17 -12.34
CA ALA H 25 -18.52 11.55 -12.20
C ALA H 25 -17.87 11.75 -10.84
N SER H 26 -16.78 12.51 -10.83
CA SER H 26 -16.09 12.80 -9.57
C SER H 26 -16.90 13.69 -8.65
N GLN H 27 -17.86 14.44 -9.19
CA GLN H 27 -18.73 15.29 -8.39
C GLN H 27 -20.18 15.10 -8.84
N SER H 28 -21.11 15.46 -7.96
CA SER H 28 -22.52 15.31 -8.26
C SER H 28 -22.93 16.20 -9.43
N VAL H 29 -23.61 15.62 -10.41
CA VAL H 29 -24.08 16.33 -11.59
C VAL H 29 -25.52 15.91 -11.86
N SER H 30 -26.39 16.89 -12.12
CA SER H 30 -27.79 16.59 -12.40
C SER H 30 -27.95 15.86 -13.73
N SER H 31 -29.00 15.03 -13.81
CA SER H 31 -29.23 14.22 -15.00
C SER H 31 -29.57 15.07 -16.22
N THR H 32 -30.17 16.25 -16.01
CA THR H 32 -30.50 17.14 -17.14
C THR H 32 -29.25 17.65 -17.84
N TYR H 33 -28.12 17.68 -17.15
CA TYR H 33 -26.89 18.30 -17.66
C TYR H 33 -25.85 17.27 -18.07
N LEU H 34 -26.29 16.07 -18.42
CA LEU H 34 -25.42 14.99 -18.86
C LEU H 34 -25.87 14.54 -20.25
N ALA H 35 -24.89 14.23 -21.11
CA ALA H 35 -25.18 13.79 -22.46
C ALA H 35 -24.26 12.63 -22.83
N TRP H 36 -24.71 11.87 -23.83
CA TRP H 36 -23.94 10.77 -24.39
C TRP H 36 -23.75 10.98 -25.89
N TYR H 37 -22.54 10.68 -26.36
CA TYR H 37 -22.19 10.81 -27.76
C TYR H 37 -21.57 9.50 -28.22
N GLN H 38 -21.77 9.17 -29.50
CA GLN H 38 -21.09 8.06 -30.12
C GLN H 38 -20.20 8.61 -31.23
N GLN H 39 -19.04 7.98 -31.41
CA GLN H 39 -18.14 8.35 -32.48
C GLN H 39 -17.60 7.09 -33.13
N LYS H 40 -17.64 7.06 -34.43
CA LYS H 40 -17.09 6.04 -35.30
C LYS H 40 -15.79 6.54 -35.93
N PRO H 41 -14.88 5.62 -36.28
CA PRO H 41 -13.58 6.07 -36.81
C PRO H 41 -13.73 6.94 -38.05
N GLY H 42 -12.97 8.03 -38.08
CA GLY H 42 -13.03 8.96 -39.19
C GLY H 42 -14.25 9.85 -39.24
N GLN H 43 -15.09 9.82 -38.20
CA GLN H 43 -16.31 10.61 -38.18
C GLN H 43 -16.38 11.45 -36.92
N ALA H 44 -17.22 12.49 -36.97
CA ALA H 44 -17.45 13.37 -35.85
C ALA H 44 -18.35 12.70 -34.82
N PRO H 45 -18.26 13.10 -33.56
CA PRO H 45 -19.19 12.57 -32.57
C PRO H 45 -20.62 12.93 -32.96
N ARG H 46 -21.55 12.11 -32.49
CA ARG H 46 -22.96 12.34 -32.76
C ARG H 46 -23.73 12.22 -31.45
N LEU H 47 -24.68 13.14 -31.25
CA LEU H 47 -25.45 13.14 -30.02
C LEU H 47 -26.43 11.98 -29.98
N LEU H 48 -26.50 11.30 -28.84
CA LEU H 48 -27.45 10.21 -28.64
C LEU H 48 -28.51 10.55 -27.60
N ILE H 49 -28.11 10.84 -26.36
CA ILE H 49 -29.03 11.06 -25.26
C ILE H 49 -28.59 12.27 -24.47
N TYR H 50 -29.56 13.09 -24.08
CA TYR H 50 -29.33 14.23 -23.22
C TYR H 50 -30.58 14.46 -22.37
N GLY H 51 -30.39 15.06 -21.20
CA GLY H 51 -31.51 15.32 -20.33
C GLY H 51 -32.10 14.04 -19.75
N ALA H 52 -33.33 14.18 -19.23
CA ALA H 52 -34.00 13.05 -18.62
C ALA H 52 -34.52 12.06 -19.66
N SER H 53 -35.16 12.56 -20.73
CA SER H 53 -35.81 11.68 -21.68
C SER H 53 -35.62 12.06 -23.14
N SER H 54 -34.85 13.10 -23.45
CA SER H 54 -34.72 13.54 -24.83
C SER H 54 -33.75 12.66 -25.60
N ARG H 55 -34.15 12.30 -26.82
CA ARG H 55 -33.34 11.54 -27.76
C ARG H 55 -33.19 12.38 -29.03
N ALA H 56 -31.99 12.38 -29.62
CA ALA H 56 -31.77 13.16 -30.81
C ALA H 56 -32.63 12.64 -31.97
N THR H 57 -32.90 13.53 -32.92
CA THR H 57 -33.75 13.18 -34.05
C THR H 57 -33.07 12.14 -34.93
N GLY H 58 -33.82 11.10 -35.30
CA GLY H 58 -33.29 10.03 -36.11
C GLY H 58 -32.65 8.91 -35.32
N ILE H 59 -32.64 8.98 -33.99
CA ILE H 59 -32.02 7.97 -33.15
C ILE H 59 -33.02 6.84 -32.88
N PRO H 60 -32.65 5.59 -33.11
CA PRO H 60 -33.60 4.48 -32.92
C PRO H 60 -34.02 4.33 -31.47
N ASP H 61 -35.06 3.52 -31.28
CA ASP H 61 -35.64 3.33 -29.96
C ASP H 61 -34.68 2.59 -29.02
N ARG H 62 -33.78 1.78 -29.57
CA ARG H 62 -32.96 0.89 -28.76
C ARG H 62 -31.96 1.62 -27.86
N PHE H 63 -31.73 2.91 -28.07
CA PHE H 63 -30.87 3.69 -27.18
C PHE H 63 -31.69 4.29 -26.05
N SER H 64 -31.27 4.03 -24.81
CA SER H 64 -31.94 4.56 -23.64
C SER H 64 -30.91 4.88 -22.58
N GLY H 65 -31.30 5.74 -21.64
CA GLY H 65 -30.39 6.18 -20.60
C GLY H 65 -31.09 6.25 -19.26
N SER H 66 -30.27 6.20 -18.20
CA SER H 66 -30.77 6.25 -16.83
C SER H 66 -29.63 6.67 -15.92
N GLY H 67 -29.96 6.88 -14.66
CA GLY H 67 -28.97 7.19 -13.65
C GLY H 67 -29.02 8.65 -13.23
N SER H 68 -28.46 8.91 -12.05
CA SER H 68 -28.39 10.26 -11.50
C SER H 68 -27.25 10.31 -10.49
N GLY H 69 -26.88 11.53 -10.11
CA GLY H 69 -25.82 11.72 -9.15
C GLY H 69 -24.44 11.41 -9.70
N THR H 70 -23.91 10.24 -9.33
CA THR H 70 -22.57 9.83 -9.72
C THR H 70 -22.56 8.68 -10.72
N ASP H 71 -23.67 7.98 -10.90
CA ASP H 71 -23.74 6.81 -11.75
C ASP H 71 -24.78 7.02 -12.84
N PHE H 72 -24.35 6.90 -14.09
CA PHE H 72 -25.21 7.09 -15.25
C PHE H 72 -25.00 5.91 -16.20
N THR H 73 -26.07 5.54 -16.90
CA THR H 73 -26.06 4.33 -17.72
C THR H 73 -26.61 4.62 -19.10
N LEU H 74 -25.91 4.12 -20.12
CA LEU H 74 -26.41 4.08 -21.49
C LEU H 74 -26.73 2.63 -21.84
N THR H 75 -27.95 2.40 -22.31
CA THR H 75 -28.42 1.06 -22.67
C THR H 75 -28.77 1.02 -24.15
N ILE H 76 -28.19 0.05 -24.87
CA ILE H 76 -28.55 -0.23 -26.26
C ILE H 76 -29.27 -1.58 -26.29
N SER H 77 -30.60 -1.55 -26.42
CA SER H 77 -31.40 -2.73 -26.09
C SER H 77 -31.09 -3.92 -27.00
N ARG H 78 -30.68 -3.68 -28.25
CA ARG H 78 -30.34 -4.77 -29.16
C ARG H 78 -29.28 -4.23 -30.11
N LEU H 79 -28.04 -4.68 -29.94
CA LEU H 79 -26.94 -4.11 -30.71
C LEU H 79 -27.09 -4.50 -32.18
N GLU H 80 -27.14 -3.48 -33.03
CA GLU H 80 -27.08 -3.62 -34.47
C GLU H 80 -25.65 -3.39 -34.95
N PRO H 81 -25.31 -3.85 -36.16
CA PRO H 81 -23.94 -3.65 -36.65
C PRO H 81 -23.47 -2.20 -36.62
N GLU H 82 -24.36 -1.23 -36.84
CA GLU H 82 -23.98 0.17 -36.84
C GLU H 82 -23.86 0.76 -35.43
N ASP H 83 -24.14 -0.02 -34.39
CA ASP H 83 -24.05 0.49 -33.02
C ASP H 83 -22.68 0.31 -32.39
N PHE H 84 -21.80 -0.48 -33.00
CA PHE H 84 -20.46 -0.74 -32.46
C PHE H 84 -19.52 0.40 -32.80
N ALA H 85 -19.07 1.13 -31.78
CA ALA H 85 -18.25 2.32 -31.93
C ALA H 85 -17.80 2.76 -30.54
N VAL H 86 -17.25 3.98 -30.46
CA VAL H 86 -16.78 4.56 -29.20
C VAL H 86 -17.84 5.52 -28.66
N TYR H 87 -18.05 5.48 -27.35
CA TYR H 87 -19.08 6.28 -26.68
C TYR H 87 -18.46 7.17 -25.61
N TYR H 88 -18.81 8.45 -25.65
CA TYR H 88 -18.34 9.43 -24.68
C TYR H 88 -19.52 9.97 -23.89
N CYS H 89 -19.36 10.11 -22.57
CA CYS H 89 -20.30 10.88 -21.77
C CYS H 89 -19.74 12.28 -21.52
N GLN H 90 -20.65 13.22 -21.27
CA GLN H 90 -20.26 14.62 -21.12
C GLN H 90 -21.17 15.28 -20.10
N GLN H 91 -20.58 16.18 -19.31
CA GLN H 91 -21.33 17.04 -18.41
C GLN H 91 -21.15 18.49 -18.85
N TYR H 92 -22.24 19.25 -18.84
CA TYR H 92 -22.20 20.66 -19.17
C TYR H 92 -22.93 21.51 -18.12
N GLY H 93 -23.12 20.98 -16.93
CA GLY H 93 -23.74 21.72 -15.86
C GLY H 93 -22.73 22.54 -15.07
N SER H 94 -21.46 22.19 -15.18
CA SER H 94 -20.39 22.88 -14.49
C SER H 94 -19.30 23.26 -15.47
N SER H 95 -18.66 24.40 -15.20
CA SER H 95 -17.56 24.90 -16.02
C SER H 95 -16.23 24.45 -15.43
N PRO H 96 -15.31 23.88 -16.24
CA PRO H 96 -15.46 23.70 -17.68
C PRO H 96 -16.26 22.45 -18.05
N TRP H 97 -16.88 22.46 -19.22
CA TRP H 97 -17.47 21.25 -19.75
C TRP H 97 -16.39 20.19 -19.94
N THR H 98 -16.70 18.96 -19.55
CA THR H 98 -15.74 17.86 -19.61
C THR H 98 -16.37 16.63 -20.22
N PHE H 99 -15.54 15.82 -20.87
CA PHE H 99 -15.94 14.57 -21.47
C PHE H 99 -15.24 13.41 -20.78
N GLY H 100 -15.89 12.25 -20.80
CA GLY H 100 -15.23 11.02 -20.40
C GLY H 100 -14.16 10.62 -21.41
N GLN H 101 -13.35 9.63 -21.01
CA GLN H 101 -12.27 9.16 -21.87
C GLN H 101 -12.75 8.22 -22.96
N GLY H 102 -14.00 7.77 -22.91
CA GLY H 102 -14.54 6.96 -23.98
C GLY H 102 -14.52 5.46 -23.70
N THR H 103 -15.56 4.78 -24.12
CA THR H 103 -15.65 3.32 -24.04
C THR H 103 -15.89 2.75 -25.42
N LYS H 104 -15.04 1.83 -25.85
CA LYS H 104 -15.18 1.21 -27.16
C LYS H 104 -16.05 -0.04 -27.02
N VAL H 105 -17.08 -0.12 -27.86
CA VAL H 105 -17.96 -1.28 -27.95
C VAL H 105 -17.62 -2.00 -29.25
N GLU H 106 -17.02 -3.18 -29.14
CA GLU H 106 -16.56 -3.91 -30.31
C GLU H 106 -17.41 -5.16 -30.52
N ILE H 107 -17.43 -5.62 -31.76
CA ILE H 107 -18.14 -6.84 -32.09
C ILE H 107 -17.38 -8.03 -31.55
N LYS H 108 -18.08 -8.91 -30.83
CA LYS H 108 -17.47 -10.13 -30.36
C LYS H 108 -17.66 -11.22 -31.41
N ARG H 109 -16.61 -11.99 -31.64
CA ARG H 109 -16.65 -13.10 -32.58
C ARG H 109 -15.74 -14.20 -32.07
N THR H 110 -15.71 -15.30 -32.81
CA THR H 110 -14.85 -16.41 -32.47
C THR H 110 -13.39 -16.03 -32.70
N VAL H 111 -12.51 -16.80 -32.05
CA VAL H 111 -11.07 -16.53 -32.14
C VAL H 111 -10.55 -16.88 -33.53
N ALA H 112 -9.69 -16.01 -34.06
CA ALA H 112 -9.01 -16.25 -35.33
C ALA H 112 -7.54 -15.92 -35.15
N ALA H 113 -6.68 -16.90 -35.39
CA ALA H 113 -5.24 -16.69 -35.29
C ALA H 113 -4.74 -15.85 -36.47
N PRO H 114 -3.71 -15.03 -36.26
CA PRO H 114 -3.22 -14.18 -37.34
C PRO H 114 -2.42 -14.96 -38.37
N SER H 115 -2.61 -14.59 -39.63
CA SER H 115 -1.70 -14.99 -40.71
C SER H 115 -0.55 -14.00 -40.77
N VAL H 116 0.67 -14.50 -40.76
CA VAL H 116 1.88 -13.68 -40.61
C VAL H 116 2.63 -13.62 -41.93
N PHE H 117 3.04 -12.42 -42.32
CA PHE H 117 3.85 -12.17 -43.51
C PHE H 117 4.96 -11.20 -43.15
N ILE H 118 6.15 -11.41 -43.71
CA ILE H 118 7.28 -10.51 -43.51
C ILE H 118 7.74 -9.98 -44.86
N PHE H 119 8.08 -8.69 -44.89
CA PHE H 119 8.54 -8.03 -46.10
C PHE H 119 9.93 -7.44 -45.88
N PRO H 120 10.95 -7.86 -46.61
CA PRO H 120 12.25 -7.20 -46.55
C PRO H 120 12.17 -5.81 -47.16
N PRO H 121 13.13 -4.93 -46.85
CA PRO H 121 13.12 -3.60 -47.49
C PRO H 121 13.37 -3.69 -48.99
N SER H 122 12.65 -2.86 -49.73
CA SER H 122 12.80 -2.83 -51.18
C SER H 122 14.13 -2.21 -51.58
N ASP H 123 14.61 -2.60 -52.76
CA ASP H 123 15.84 -2.03 -53.29
C ASP H 123 15.69 -0.53 -53.54
N GLU H 124 14.49 -0.06 -53.88
CA GLU H 124 14.29 1.36 -54.09
C GLU H 124 14.49 2.16 -52.81
N GLN H 125 14.00 1.63 -51.68
CA GLN H 125 14.22 2.32 -50.41
C GLN H 125 15.69 2.26 -50.00
N LEU H 126 16.32 1.10 -50.16
CA LEU H 126 17.74 0.97 -49.83
C LEU H 126 18.58 1.95 -50.63
N LYS H 127 18.17 2.23 -51.88
CA LYS H 127 18.88 3.22 -52.69
C LYS H 127 18.85 4.60 -52.05
N SER H 128 17.82 4.88 -51.25
CA SER H 128 17.68 6.18 -50.61
C SER H 128 18.37 6.28 -49.26
N GLY H 129 18.89 5.17 -48.73
CA GLY H 129 19.69 5.20 -47.52
C GLY H 129 19.04 4.65 -46.26
N THR H 130 17.77 4.24 -46.31
CA THR H 130 17.11 3.68 -45.14
C THR H 130 16.53 2.31 -45.47
N ALA H 131 16.21 1.55 -44.43
CA ALA H 131 15.68 0.20 -44.58
C ALA H 131 14.52 0.01 -43.61
N SER H 132 13.36 -0.36 -44.14
CA SER H 132 12.18 -0.67 -43.33
C SER H 132 11.80 -2.13 -43.54
N VAL H 133 11.74 -2.89 -42.45
CA VAL H 133 11.28 -4.28 -42.48
C VAL H 133 9.88 -4.30 -41.89
N VAL H 134 8.95 -4.94 -42.59
CA VAL H 134 7.53 -4.92 -42.22
C VAL H 134 7.06 -6.34 -41.91
N CYS H 135 6.38 -6.50 -40.77
CA CYS H 135 5.75 -7.74 -40.36
C CYS H 135 4.25 -7.50 -40.31
N LEU H 136 3.49 -8.34 -41.01
CA LEU H 136 2.05 -8.18 -41.14
C LEU H 136 1.33 -9.30 -40.40
N LEU H 137 0.43 -8.94 -39.50
CA LEU H 137 -0.49 -9.87 -38.83
C LEU H 137 -1.88 -9.62 -39.40
N ASN H 138 -2.42 -10.61 -40.11
CA ASN H 138 -3.61 -10.40 -40.92
C ASN H 138 -4.80 -11.17 -40.34
N ASN H 139 -5.91 -10.46 -40.15
CA ASN H 139 -7.24 -11.04 -39.91
C ASN H 139 -7.25 -11.94 -38.66
N PHE H 140 -7.07 -11.29 -37.52
CA PHE H 140 -7.08 -12.00 -36.24
C PHE H 140 -8.08 -11.37 -35.28
N TYR H 141 -8.43 -12.15 -34.24
CA TYR H 141 -9.32 -11.73 -33.16
C TYR H 141 -9.13 -12.69 -32.00
N PRO H 142 -9.09 -12.22 -30.74
CA PRO H 142 -9.21 -10.82 -30.30
C PRO H 142 -8.00 -9.94 -30.66
N ARG H 143 -8.07 -8.67 -30.24
CA ARG H 143 -7.13 -7.66 -30.74
C ARG H 143 -5.72 -7.87 -30.20
N GLU H 144 -5.58 -8.38 -28.98
CA GLU H 144 -4.28 -8.45 -28.32
C GLU H 144 -3.34 -9.40 -29.05
N ALA H 145 -2.12 -8.94 -29.31
CA ALA H 145 -1.09 -9.75 -29.96
C ALA H 145 0.26 -9.16 -29.61
N LYS H 146 1.30 -9.99 -29.75
CA LYS H 146 2.68 -9.58 -29.46
C LYS H 146 3.57 -9.88 -30.66
N VAL H 147 4.36 -8.90 -31.06
CA VAL H 147 5.32 -9.02 -32.15
C VAL H 147 6.71 -8.78 -31.59
N GLN H 148 7.63 -9.72 -31.83
CA GLN H 148 9.01 -9.61 -31.36
C GLN H 148 9.95 -9.71 -32.57
N TRP H 149 10.71 -8.65 -32.81
CA TRP H 149 11.73 -8.67 -33.85
C TRP H 149 13.03 -9.26 -33.32
N LYS H 150 13.66 -10.09 -34.15
CA LYS H 150 14.96 -10.67 -33.83
C LYS H 150 15.87 -10.49 -35.04
N VAL H 151 17.02 -9.85 -34.83
CA VAL H 151 18.01 -9.62 -35.88
C VAL H 151 19.27 -10.36 -35.47
N ASP H 152 19.61 -11.42 -36.21
CA ASP H 152 20.68 -12.35 -35.84
C ASP H 152 20.53 -12.81 -34.39
N ASN H 153 19.30 -13.19 -34.04
CA ASN H 153 18.90 -13.71 -32.74
C ASN H 153 19.01 -12.66 -31.62
N ALA H 154 19.19 -11.40 -31.95
CA ALA H 154 19.18 -10.32 -30.97
C ALA H 154 17.78 -9.70 -30.95
N LEU H 155 17.15 -9.71 -29.78
CA LEU H 155 15.80 -9.18 -29.65
C LEU H 155 15.82 -7.66 -29.81
N GLN H 156 14.97 -7.15 -30.70
CA GLN H 156 14.88 -5.73 -30.97
C GLN H 156 13.77 -5.10 -30.13
N SER H 157 14.05 -3.92 -29.60
CA SER H 157 13.08 -3.21 -28.76
C SER H 157 13.24 -1.72 -28.95
N GLY H 158 12.12 -1.03 -29.12
CA GLY H 158 12.13 0.43 -29.22
C GLY H 158 12.43 0.98 -30.59
N ASN H 159 12.74 0.13 -31.58
CA ASN H 159 13.07 0.58 -32.92
C ASN H 159 12.04 0.06 -33.93
N SER H 160 10.83 -0.20 -33.46
CA SER H 160 9.73 -0.60 -34.31
C SER H 160 8.49 0.19 -33.91
N GLN H 161 7.57 0.32 -34.85
CA GLN H 161 6.29 0.98 -34.59
C GLN H 161 5.17 0.11 -35.12
N GLU H 162 4.10 0.03 -34.35
CA GLU H 162 2.96 -0.81 -34.69
C GLU H 162 1.76 0.04 -35.07
N SER H 163 0.94 -0.49 -35.97
CA SER H 163 -0.31 0.15 -36.36
C SER H 163 -1.35 -0.94 -36.54
N VAL H 164 -2.58 -0.66 -36.09
CA VAL H 164 -3.66 -1.64 -36.11
C VAL H 164 -4.83 -1.03 -36.86
N THR H 165 -5.46 -1.84 -37.72
CA THR H 165 -6.64 -1.38 -38.42
C THR H 165 -7.84 -1.38 -37.48
N GLU H 166 -8.88 -0.67 -37.89
CA GLU H 166 -10.14 -0.78 -37.18
C GLU H 166 -10.76 -2.15 -37.44
N GLN H 167 -11.69 -2.53 -36.58
CA GLN H 167 -12.36 -3.81 -36.72
C GLN H 167 -13.03 -3.88 -38.09
N ASP H 168 -12.71 -4.94 -38.83
CA ASP H 168 -13.14 -5.04 -40.22
C ASP H 168 -14.66 -5.07 -40.33
N SER H 169 -15.18 -4.34 -41.33
CA SER H 169 -16.62 -4.19 -41.47
C SER H 169 -17.30 -5.49 -41.85
N LYS H 170 -16.58 -6.42 -42.46
CA LYS H 170 -17.18 -7.65 -42.97
C LYS H 170 -17.01 -8.83 -42.03
N ASP H 171 -15.78 -9.13 -41.60
CA ASP H 171 -15.53 -10.29 -40.74
C ASP H 171 -15.16 -9.93 -39.31
N SER H 172 -15.12 -8.64 -38.97
CA SER H 172 -14.89 -8.17 -37.61
C SER H 172 -13.52 -8.55 -37.05
N THR H 173 -12.54 -8.79 -37.91
CA THR H 173 -11.19 -9.10 -37.46
C THR H 173 -10.34 -7.84 -37.43
N TYR H 174 -9.16 -7.98 -36.85
CA TYR H 174 -8.15 -6.93 -36.84
C TYR H 174 -6.95 -7.35 -37.69
N SER H 175 -6.21 -6.35 -38.16
CA SER H 175 -4.94 -6.56 -38.83
C SER H 175 -3.93 -5.58 -38.26
N LEU H 176 -2.68 -6.01 -38.19
CA LEU H 176 -1.64 -5.23 -37.52
C LEU H 176 -0.37 -5.27 -38.35
N SER H 177 0.29 -4.12 -38.44
CA SER H 177 1.60 -4.04 -39.07
C SER H 177 2.63 -3.61 -38.03
N SER H 178 3.81 -4.20 -38.11
CA SER H 178 4.95 -3.79 -37.30
C SER H 178 6.10 -3.50 -38.24
N THR H 179 6.68 -2.30 -38.13
CA THR H 179 7.72 -1.84 -39.04
C THR H 179 9.00 -1.64 -38.25
N LEU H 180 10.01 -2.46 -38.55
CA LEU H 180 11.34 -2.31 -37.98
C LEU H 180 12.16 -1.42 -38.90
N THR H 181 12.67 -0.31 -38.36
CA THR H 181 13.40 0.67 -39.14
C THR H 181 14.87 0.65 -38.72
N LEU H 182 15.75 0.46 -39.69
CA LEU H 182 17.18 0.52 -39.49
C LEU H 182 17.78 1.44 -40.54
N SER H 183 19.00 1.90 -40.27
CA SER H 183 19.76 2.57 -41.31
C SER H 183 20.22 1.55 -42.34
N LYS H 184 20.50 2.04 -43.55
CA LYS H 184 21.01 1.14 -44.59
C LYS H 184 22.28 0.46 -44.15
N ALA H 185 23.16 1.17 -43.44
CA ALA H 185 24.42 0.58 -42.99
C ALA H 185 24.18 -0.51 -41.96
N ASP H 186 23.26 -0.28 -41.01
CA ASP H 186 22.97 -1.30 -40.01
C ASP H 186 22.29 -2.52 -40.63
N TYR H 187 21.39 -2.30 -41.59
CA TYR H 187 20.72 -3.42 -42.24
C TYR H 187 21.71 -4.33 -42.95
N GLU H 188 22.75 -3.75 -43.55
CA GLU H 188 23.66 -4.50 -44.39
C GLU H 188 24.68 -5.33 -43.60
N LYS H 189 24.79 -5.13 -42.30
CA LYS H 189 25.74 -5.90 -41.49
C LYS H 189 25.08 -7.02 -40.70
N HIS H 190 23.84 -7.37 -41.01
CA HIS H 190 23.15 -8.49 -40.37
C HIS H 190 22.50 -9.34 -41.44
N LYS H 191 22.26 -10.61 -41.11
CA LYS H 191 21.77 -11.59 -42.07
C LYS H 191 20.32 -12.00 -41.83
N VAL H 192 19.99 -12.47 -40.64
CA VAL H 192 18.70 -13.08 -40.38
C VAL H 192 17.77 -12.05 -39.75
N TYR H 193 16.63 -11.81 -40.39
CA TYR H 193 15.61 -10.89 -39.90
C TYR H 193 14.33 -11.68 -39.69
N ALA H 194 13.78 -11.63 -38.48
CA ALA H 194 12.62 -12.43 -38.12
C ALA H 194 11.69 -11.64 -37.22
N CYS H 195 10.38 -11.84 -37.40
CA CYS H 195 9.38 -11.38 -36.45
C CYS H 195 8.64 -12.59 -35.91
N GLU H 196 8.53 -12.66 -34.59
CA GLU H 196 7.90 -13.78 -33.89
C GLU H 196 6.58 -13.29 -33.31
N VAL H 197 5.49 -13.98 -33.66
CA VAL H 197 4.14 -13.53 -33.34
C VAL H 197 3.49 -14.51 -32.37
N THR H 198 2.92 -13.97 -31.30
CA THR H 198 2.13 -14.75 -30.35
C THR H 198 0.73 -14.17 -30.26
N HIS H 199 -0.26 -15.06 -30.08
CA HIS H 199 -1.66 -14.70 -30.02
C HIS H 199 -2.39 -15.80 -29.26
N GLN H 200 -3.46 -15.43 -28.57
CA GLN H 200 -4.16 -16.41 -27.74
C GLN H 200 -4.75 -17.55 -28.57
N GLY H 201 -4.94 -17.36 -29.87
CA GLY H 201 -5.39 -18.42 -30.73
C GLY H 201 -4.30 -19.32 -31.26
N LEU H 202 -3.04 -19.03 -30.94
CA LEU H 202 -1.91 -19.81 -31.41
C LEU H 202 -1.39 -20.67 -30.27
N SER H 203 -1.21 -21.97 -30.53
CA SER H 203 -0.68 -22.88 -29.53
C SER H 203 0.81 -22.66 -29.28
N SER H 204 1.53 -22.13 -30.24
CA SER H 204 2.94 -21.81 -30.10
C SER H 204 3.26 -20.63 -31.01
N PRO H 205 4.31 -19.88 -30.72
CA PRO H 205 4.59 -18.68 -31.53
C PRO H 205 4.89 -19.02 -32.98
N VAL H 206 4.46 -18.13 -33.87
CA VAL H 206 4.71 -18.24 -35.30
C VAL H 206 5.85 -17.30 -35.67
N THR H 207 6.84 -17.83 -36.40
CA THR H 207 8.01 -17.06 -36.81
C THR H 207 8.09 -17.01 -38.32
N LYS H 208 8.20 -15.80 -38.87
CA LYS H 208 8.52 -15.58 -40.27
C LYS H 208 9.87 -14.87 -40.36
N SER H 209 10.72 -15.35 -41.27
CA SER H 209 12.07 -14.82 -41.35
C SER H 209 12.56 -14.85 -42.78
N PHE H 210 13.64 -14.11 -43.02
CA PHE H 210 14.34 -14.14 -44.30
C PHE H 210 15.82 -13.88 -44.03
N ASN H 211 16.65 -14.34 -44.95
CA ASN H 211 18.07 -14.02 -44.96
C ASN H 211 18.31 -12.87 -45.94
N ARG H 212 19.04 -11.85 -45.49
CA ARG H 212 19.28 -10.67 -46.31
C ARG H 212 19.94 -11.07 -47.62
N GLY H 213 19.40 -10.58 -48.73
CA GLY H 213 19.93 -10.92 -50.03
C GLY H 213 19.51 -12.27 -50.56
N GLU H 214 18.26 -12.66 -50.35
CA GLU H 214 17.74 -13.92 -50.86
C GLU H 214 16.33 -13.75 -51.42
N UNK I 1 23.31 28.18 18.28
CA UNK I 1 23.81 27.46 17.12
C UNK I 1 25.28 27.81 16.86
N VAL I 2 25.64 27.97 15.59
CA VAL I 2 27.00 28.30 15.19
C VAL I 2 26.97 29.62 14.43
N GLN I 3 27.96 30.47 14.67
CA GLN I 3 28.04 31.80 14.07
C GLN I 3 29.35 31.93 13.29
N LEU I 4 29.26 32.47 12.07
CA LEU I 4 30.42 32.71 11.23
C LEU I 4 30.53 34.19 10.90
N UNK I 5 31.76 34.66 10.78
CA UNK I 5 32.01 36.06 10.43
C UNK I 5 33.27 36.14 9.57
N UNK I 6 33.12 36.72 8.37
CA UNK I 6 34.25 36.96 7.49
C UNK I 6 34.82 38.35 7.73
N SER I 7 36.08 38.52 7.40
CA SER I 7 36.74 39.83 7.46
C SER I 7 37.96 39.78 6.54
N GLY I 8 38.63 40.92 6.41
CA GLY I 8 39.80 41.01 5.58
C GLY I 8 39.55 41.49 4.16
N GLY I 9 38.30 41.74 3.80
CA GLY I 9 38.02 42.23 2.47
C GLY I 9 38.32 43.71 2.33
N GLY I 10 38.51 44.13 1.09
CA GLY I 10 38.82 45.53 0.85
C GLY I 10 39.00 45.80 -0.64
N UNK I 11 39.55 46.98 -0.91
CA UNK I 11 39.79 47.44 -2.27
C UNK I 11 41.26 47.26 -2.62
N VAL I 12 41.53 46.63 -3.77
CA VAL I 12 42.88 46.46 -4.28
C VAL I 12 42.87 46.72 -5.78
N GLN I 13 44.06 46.95 -6.33
CA GLN I 13 44.19 47.10 -7.76
C GLN I 13 44.57 45.76 -8.39
N UNK I 14 44.35 45.59 -9.70
CA UNK I 14 44.63 44.31 -10.33
C UNK I 14 46.06 43.85 -10.10
N GLY I 15 46.21 42.55 -9.81
CA GLY I 15 47.49 41.98 -9.46
C GLY I 15 47.80 42.02 -7.97
N UNK I 16 46.96 42.65 -7.16
CA UNK I 16 47.19 42.76 -5.75
C UNK I 16 46.85 41.48 -5.01
N SER I 17 46.91 41.55 -3.69
CA SER I 17 46.68 40.41 -2.82
C SER I 17 45.76 40.78 -1.68
N LEU I 18 45.02 39.78 -1.21
CA LEU I 18 44.14 39.91 -0.06
C LEU I 18 44.13 38.60 0.71
N UNK I 19 44.00 38.69 2.02
CA UNK I 19 43.90 37.52 2.89
C UNK I 19 42.61 37.62 3.68
N LEU I 20 41.63 36.80 3.29
CA LEU I 20 40.36 36.77 4.00
C LEU I 20 40.42 35.77 5.14
N SER I 21 39.65 36.02 6.18
CA SER I 21 39.57 35.14 7.33
C SER I 21 38.11 34.86 7.64
N CYS I 22 37.84 33.70 8.22
CA CYS I 22 36.49 33.29 8.59
C CYS I 22 36.57 32.60 9.95
N UNK I 23 36.02 33.25 10.98
CA UNK I 23 36.06 32.72 12.34
C UNK I 23 34.68 32.17 12.72
N ALA I 24 34.71 31.12 13.54
CA ALA I 24 33.50 30.46 13.99
C ALA I 24 33.36 30.60 15.49
N UNK I 25 32.12 30.68 15.96
CA UNK I 25 31.81 30.82 17.38
C UNK I 25 30.78 29.78 17.79
N UNK I 26 30.82 29.41 19.07
CA UNK I 26 29.84 28.49 19.65
C UNK I 26 30.15 27.03 19.48
N UNK I 27 31.11 26.67 18.62
CA UNK I 27 31.45 25.27 18.39
C UNK I 27 32.80 25.22 17.69
N UNK I 28 33.65 24.30 18.14
CA UNK I 28 34.93 24.09 17.46
C UNK I 28 34.70 23.39 16.12
N UNK I 29 35.30 23.93 15.07
CA UNK I 29 35.04 23.48 13.70
C UNK I 29 36.14 22.58 13.17
N UNK I 30 37.02 22.09 14.05
CA UNK I 30 38.14 21.27 13.59
C UNK I 30 37.68 20.02 12.85
N UNK I 31 36.49 19.52 13.14
CA UNK I 31 36.01 18.31 12.48
C UNK I 31 35.20 18.57 11.22
N UNK I 32 34.98 19.82 10.84
CA UNK I 32 34.11 20.14 9.72
C UNK I 32 34.90 20.83 8.62
N UNK I 33 34.53 20.55 7.38
CA UNK I 33 35.09 21.27 6.25
C UNK I 33 34.55 22.69 6.20
N UNK I 34 35.37 23.61 5.72
CA UNK I 34 35.01 25.03 5.61
C UNK I 34 35.21 25.46 4.16
N UNK I 35 34.18 26.07 3.58
CA UNK I 35 34.19 26.43 2.18
C UNK I 35 34.05 27.94 2.00
N TRP I 36 34.65 28.45 0.93
CA TRP I 36 34.48 29.83 0.52
C TRP I 36 33.61 29.90 -0.72
N UNK I 37 32.65 30.82 -0.72
CA UNK I 37 31.83 31.11 -1.88
C UNK I 37 31.91 32.60 -2.17
N ARG I 38 31.56 32.99 -3.39
CA ARG I 38 31.54 34.39 -3.77
C ARG I 38 30.35 34.65 -4.69
N GLN I 39 29.85 35.88 -4.64
CA GLN I 39 28.72 36.30 -5.45
C GLN I 39 29.05 37.66 -6.06
N UNK I 40 29.34 37.67 -7.36
CA UNK I 40 29.66 38.90 -8.07
C UNK I 40 28.39 39.71 -8.31
N PRO I 41 28.53 41.02 -8.56
CA PRO I 41 27.35 41.85 -8.86
C PRO I 41 26.54 41.29 -10.02
N GLY I 42 25.28 40.94 -9.76
CA GLY I 42 24.41 40.40 -10.77
C GLY I 42 24.64 38.94 -11.11
N UNK I 43 25.25 38.18 -10.21
CA UNK I 43 25.53 36.77 -10.45
C UNK I 43 25.07 35.94 -9.26
N UNK I 44 25.07 34.62 -9.45
CA UNK I 44 24.74 33.67 -8.39
C UNK I 44 25.99 33.34 -7.57
N ARG I 45 25.76 32.74 -6.41
CA ARG I 45 26.87 32.30 -5.57
C ARG I 45 27.68 31.22 -6.28
N GLU I 46 28.99 31.40 -6.29
CA GLU I 46 29.92 30.46 -6.91
C GLU I 46 30.82 29.84 -5.85
N UNK I 47 31.14 28.56 -6.01
CA UNK I 47 32.13 27.93 -5.17
C UNK I 47 33.51 28.48 -5.49
N VAL I 48 34.35 28.60 -4.46
CA VAL I 48 35.72 29.11 -4.62
C VAL I 48 36.72 28.05 -4.15
N UNK I 49 36.61 27.64 -2.89
CA UNK I 49 37.58 26.71 -2.33
C UNK I 49 36.98 26.05 -1.11
N UNK I 50 37.51 24.89 -0.76
CA UNK I 50 37.11 24.17 0.45
C UNK I 50 38.36 23.69 1.16
N UNK I 51 38.41 23.93 2.46
CA UNK I 51 39.44 23.37 3.33
C UNK I 51 38.79 22.28 4.18
N UNK I 52 39.09 21.03 3.88
CA UNK I 52 38.59 19.92 4.68
C UNK I 52 39.41 19.80 5.96
N UNK I 53 39.11 18.79 6.77
CA UNK I 53 39.87 18.58 8.00
C UNK I 53 41.35 18.45 7.70
N UNK I 54 42.18 18.79 8.69
CA UNK I 54 43.62 18.68 8.54
C UNK I 54 44.02 17.27 8.14
N UNK I 55 44.72 17.16 7.01
CA UNK I 55 45.08 15.89 6.45
C UNK I 55 44.20 15.44 5.30
N UNK I 56 43.01 16.02 5.17
CA UNK I 56 42.09 15.68 4.08
C UNK I 56 42.19 16.61 2.89
N UNK I 57 43.08 17.59 2.93
CA UNK I 57 43.38 18.38 1.75
C UNK I 57 42.42 19.53 1.49
N UNK I 58 42.63 20.16 0.34
CA UNK I 58 41.84 21.31 -0.09
C UNK I 58 41.54 21.15 -1.58
N UNK I 59 40.38 21.68 -1.98
CA UNK I 59 39.94 21.61 -3.38
C UNK I 59 39.54 23.00 -3.84
N UNK I 60 39.65 23.25 -5.14
CA UNK I 60 39.52 24.59 -5.67
C UNK I 60 38.66 24.59 -6.93
N UNK I 61 38.08 25.76 -7.21
CA UNK I 61 37.33 25.96 -8.43
C UNK I 61 38.28 26.23 -9.60
N ASP I 62 37.73 26.12 -10.81
CA ASP I 62 38.51 26.36 -12.02
C ASP I 62 39.13 27.76 -12.02
N SER I 63 38.32 28.77 -11.69
CA SER I 63 38.73 30.16 -11.90
C SER I 63 39.80 30.62 -10.93
N UNK I 64 40.02 29.92 -9.82
CA UNK I 64 40.94 30.36 -8.78
C UNK I 64 42.10 29.40 -8.59
N UNK I 65 42.12 28.28 -9.31
CA UNK I 65 43.21 27.33 -9.19
C UNK I 65 44.53 27.99 -9.56
N GLY I 66 45.52 27.88 -8.68
CA GLY I 66 46.83 28.47 -8.90
C GLY I 66 47.03 29.84 -8.27
N ARG I 67 45.96 30.63 -8.13
CA ARG I 67 46.06 31.97 -7.58
C ARG I 67 45.62 32.05 -6.12
N PHE I 68 44.61 31.28 -5.74
CA PHE I 68 44.06 31.31 -4.40
C PHE I 68 44.53 30.09 -3.62
N THR I 69 44.69 30.28 -2.30
CA THR I 69 45.10 29.20 -1.42
C THR I 69 44.23 29.26 -0.17
N UNK I 70 43.63 28.14 0.19
CA UNK I 70 42.81 28.05 1.39
C UNK I 70 43.59 27.26 2.44
N SER I 71 43.44 27.66 3.69
CA SER I 71 44.15 27.02 4.79
C SER I 71 43.31 27.16 6.06
N UNK I 72 43.72 26.43 7.09
CA UNK I 72 43.00 26.39 8.35
C UNK I 72 43.95 26.72 9.50
N ASP I 73 43.36 27.22 10.57
CA ASP I 73 44.02 27.31 11.87
C ASP I 73 42.96 26.82 12.86
N UNK I 74 42.87 25.49 13.01
CA UNK I 74 41.92 24.92 13.95
C UNK I 74 42.22 25.41 15.34
N UNK I 75 43.45 25.89 15.56
CA UNK I 75 43.81 26.48 16.84
C UNK I 75 42.97 27.72 17.15
N UNK I 76 42.73 28.54 16.14
CA UNK I 76 41.93 29.76 16.27
C UNK I 76 40.51 29.60 15.77
N UNK I 77 40.09 28.38 15.43
CA UNK I 77 38.74 28.12 14.90
C UNK I 77 38.48 28.97 13.67
N UNK I 78 39.51 29.12 12.82
CA UNK I 78 39.47 30.07 11.72
C UNK I 78 40.06 29.42 10.47
N UNK I 79 39.46 29.74 9.32
CA UNK I 79 40.01 29.36 8.02
C UNK I 79 40.30 30.63 7.23
N UNK I 80 41.25 30.53 6.30
CA UNK I 80 41.75 31.67 5.58
C UNK I 80 41.69 31.42 4.08
N LEU I 81 41.53 32.50 3.33
CA LEU I 81 41.57 32.46 1.86
C LEU I 81 42.63 33.47 1.41
N GLN I 82 43.78 32.95 0.97
CA GLN I 82 44.86 33.79 0.44
C GLN I 82 44.61 33.98 -1.04
N UNK I 83 44.35 35.23 -1.44
CA UNK I 83 44.02 35.58 -2.81
C UNK I 83 45.17 36.35 -3.45
N UNK I 84 45.75 35.79 -4.51
CA UNK I 84 46.82 36.43 -5.26
C UNK I 84 46.39 36.64 -6.70
N UNK I 85 47.10 37.53 -7.38
CA UNK I 85 46.87 37.84 -8.79
C UNK I 85 45.41 38.19 -9.05
N LEU I 86 44.88 39.09 -8.24
CA LEU I 86 43.47 39.43 -8.32
C LEU I 86 43.16 40.18 -9.61
N UNK I 87 42.03 39.84 -10.21
CA UNK I 87 41.51 40.45 -11.42
C UNK I 87 40.23 41.20 -11.11
N UNK I 88 39.84 42.16 -11.96
CA UNK I 88 38.56 42.85 -11.74
C UNK I 88 37.37 41.91 -11.67
N UNK I 89 37.40 40.79 -12.39
CA UNK I 89 36.29 39.84 -12.35
C UNK I 89 36.18 39.11 -11.00
N ASP I 90 37.19 39.18 -10.15
CA ASP I 90 37.09 38.60 -8.81
C ASP I 90 36.28 39.46 -7.85
N UNK I 91 35.84 40.64 -8.29
CA UNK I 91 35.02 41.51 -7.45
C UNK I 91 33.72 40.82 -7.08
N ALA I 92 33.48 40.66 -5.79
CA ALA I 92 32.32 39.93 -5.29
C ALA I 92 32.28 40.06 -3.78
N UNK I 93 31.15 39.65 -3.21
CA UNK I 93 31.04 39.42 -1.78
C UNK I 93 31.42 37.97 -1.52
N TYR I 94 32.40 37.75 -0.65
CA TYR I 94 32.90 36.41 -0.35
C TYR I 94 32.31 35.94 0.96
N TYR I 95 31.74 34.73 0.95
CA TYR I 95 31.13 34.12 2.11
C TYR I 95 31.89 32.85 2.47
N CYS I 96 31.84 32.49 3.76
CA CYS I 96 32.28 31.18 4.19
C CYS I 96 31.08 30.40 4.75
N UNK I 97 31.20 29.09 4.70
CA UNK I 97 30.13 28.22 5.15
C UNK I 97 30.74 26.93 5.70
N UNK I 98 30.07 26.38 6.70
CA UNK I 98 30.50 25.13 7.31
C UNK I 98 29.78 23.99 6.61
N UNK I 99 30.53 22.95 6.25
CA UNK I 99 29.93 21.70 5.79
C UNK I 99 29.57 20.90 7.02
N UNK I 100 28.28 20.85 7.34
CA UNK I 100 27.82 20.14 8.53
C UNK I 100 28.02 18.64 8.43
N UNK I 101 28.26 18.11 7.24
CA UNK I 101 28.47 16.67 7.05
C UNK I 101 29.95 16.37 7.17
N UNK I 102 30.33 15.62 8.21
CA UNK I 102 31.73 15.25 8.38
C UNK I 102 32.22 14.36 7.25
N UNK I 103 31.31 13.79 6.46
CA UNK I 103 31.68 12.98 5.31
C UNK I 103 31.72 13.80 4.01
N UNK I 104 31.61 15.13 4.12
CA UNK I 104 31.98 16.06 3.06
C UNK I 104 31.00 16.08 1.89
N UNK I 105 29.71 15.87 2.12
CA UNK I 105 28.74 15.93 1.04
C UNK I 105 28.25 17.35 0.76
N UNK I 106 28.69 18.33 1.55
CA UNK I 106 28.33 19.71 1.29
C UNK I 106 26.98 20.14 1.85
N UNK I 107 26.71 19.80 3.11
CA UNK I 107 25.50 20.26 3.79
C UNK I 107 25.83 21.62 4.42
N UNK I 108 25.76 22.66 3.60
CA UNK I 108 26.10 24.01 4.02
C UNK I 108 24.90 24.61 4.77
N UNK I 109 24.84 24.37 6.08
CA UNK I 109 23.74 24.84 6.90
C UNK I 109 23.97 26.24 7.48
N UNK I 110 25.21 26.61 7.78
CA UNK I 110 25.51 27.87 8.43
C UNK I 110 26.45 28.70 7.56
N TRP I 111 26.08 29.95 7.34
CA TRP I 111 26.83 30.87 6.50
C TRP I 111 27.15 32.14 7.28
N GLY I 112 28.23 32.81 6.88
CA GLY I 112 28.53 34.13 7.38
C GLY I 112 27.71 35.18 6.67
N UNK I 113 28.02 36.45 6.97
CA UNK I 113 27.32 37.56 6.36
C UNK I 113 28.09 38.15 5.17
N GLY I 114 29.35 37.78 5.00
CA GLY I 114 30.06 38.14 3.80
C GLY I 114 31.01 39.30 4.02
N THR I 115 32.08 39.33 3.21
CA THR I 115 33.03 40.43 3.20
C THR I 115 33.24 40.86 1.75
N UNK I 116 33.34 42.17 1.55
CA UNK I 116 33.36 42.74 0.20
C UNK I 116 34.78 42.79 -0.33
N VAL I 117 34.96 42.33 -1.56
CA VAL I 117 36.23 42.39 -2.26
C VAL I 117 36.02 43.14 -3.56
N THR I 118 36.78 44.20 -3.77
CA THR I 118 36.67 45.02 -4.97
C THR I 118 38.05 45.17 -5.61
N VAL I 119 38.12 44.95 -6.92
CA VAL I 119 39.38 45.08 -7.66
C VAL I 119 39.14 46.10 -8.77
N SER I 120 39.53 47.35 -8.53
CA SER I 120 39.45 48.41 -9.51
C SER I 120 40.85 48.74 -10.03
N SER I 121 40.94 49.11 -11.31
CA SER I 121 42.23 49.46 -11.91
C SER I 121 42.80 50.72 -11.28
N ASN J 1 48.18 -18.91 17.94
CA ASN J 1 49.56 -18.56 17.64
C ASN J 1 49.66 -17.91 16.27
N ALA J 2 50.16 -16.67 16.24
CA ALA J 2 50.22 -15.91 15.01
C ALA J 2 51.47 -16.19 14.18
N ASN J 3 52.42 -16.95 14.72
CA ASN J 3 53.68 -17.20 14.02
C ASN J 3 53.53 -18.42 13.13
N PRO J 4 53.61 -18.27 11.81
CA PRO J 4 53.52 -19.42 10.91
C PRO J 4 54.85 -20.08 10.57
N ASN J 5 55.97 -19.52 11.04
CA ASN J 5 57.29 -20.00 10.68
C ASN J 5 57.99 -20.73 11.82
N VAL J 6 57.28 -21.02 12.91
CA VAL J 6 57.84 -21.74 14.05
C VAL J 6 56.81 -22.75 14.53
N ASP J 7 57.25 -23.99 14.77
CA ASP J 7 56.37 -25.02 15.32
C ASP J 7 55.98 -24.63 16.75
N PRO J 8 54.68 -24.44 17.04
CA PRO J 8 54.29 -24.14 18.43
C PRO J 8 54.13 -25.36 19.32
N ASN J 9 54.20 -26.57 18.77
CA ASN J 9 53.97 -27.81 19.51
C ASN J 9 52.78 -27.73 20.47
N ASN K 1 -12.62 -34.53 23.15
CA ASN K 1 -11.26 -34.21 22.74
C ASN K 1 -11.27 -33.47 21.40
N ALA K 2 -10.73 -32.26 21.39
CA ALA K 2 -10.76 -31.40 20.21
C ALA K 2 -9.63 -31.68 19.23
N ASN K 3 -8.68 -32.57 19.58
CA ASN K 3 -7.53 -32.84 18.73
C ASN K 3 -7.89 -33.94 17.74
N PRO K 4 -7.96 -33.65 16.44
CA PRO K 4 -8.24 -34.70 15.46
C PRO K 4 -7.00 -35.35 14.86
N ASN K 5 -5.80 -34.86 15.17
CA ASN K 5 -4.58 -35.35 14.56
C ASN K 5 -3.74 -36.18 15.52
N VAL K 6 -4.26 -36.49 16.71
CA VAL K 6 -3.55 -37.31 17.69
C VAL K 6 -4.57 -38.28 18.30
N ASP K 7 -4.18 -39.55 18.37
CA ASP K 7 -5.02 -40.56 19.01
C ASP K 7 -5.10 -40.28 20.52
N PRO K 8 -6.30 -40.09 21.08
CA PRO K 8 -6.39 -39.93 22.54
C PRO K 8 -6.40 -41.25 23.28
N ASN K 9 -6.53 -42.37 22.56
CA ASN K 9 -6.57 -43.74 23.10
C ASN K 9 -7.31 -43.85 24.44
N ASN L 1 -6.54 34.43 49.71
CA ASN L 1 -7.97 34.10 49.83
C ASN L 1 -8.36 33.07 48.78
N ALA L 2 -8.85 31.92 49.25
CA ALA L 2 -9.19 30.81 48.37
C ALA L 2 -10.60 30.91 47.79
N ASN L 3 -11.40 31.88 48.23
CA ASN L 3 -12.79 31.99 47.80
C ASN L 3 -12.89 32.82 46.52
N PRO L 4 -13.28 32.23 45.39
CA PRO L 4 -13.45 33.01 44.15
C PRO L 4 -14.86 33.55 43.93
N ASN L 5 -15.81 33.23 44.81
CA ASN L 5 -17.21 33.60 44.62
C ASN L 5 -17.66 34.68 45.59
N VAL L 6 -16.74 35.27 46.35
CA VAL L 6 -17.05 36.34 47.30
C VAL L 6 -15.99 37.42 47.18
N ASP L 7 -16.40 38.66 47.09
CA ASP L 7 -15.46 39.79 47.06
C ASP L 7 -14.76 39.93 48.41
N PRO L 8 -13.44 39.79 48.47
CA PRO L 8 -12.72 40.05 49.73
C PRO L 8 -12.39 41.51 49.96
N ASN L 9 -12.59 42.36 48.94
CA ASN L 9 -12.24 43.79 48.95
C ASN L 9 -10.91 44.08 49.65
N ASN M 1 -19.19 30.59 -15.74
CA ASN M 1 -20.59 30.26 -15.93
C ASN M 1 -20.75 29.27 -17.07
N ALA M 2 -21.32 28.10 -16.76
CA ALA M 2 -21.45 27.01 -17.72
C ALA M 2 -22.70 27.10 -18.60
N ASN M 3 -23.59 28.06 -18.35
CA ASN M 3 -24.85 28.14 -19.08
C ASN M 3 -24.67 28.98 -20.34
N PRO M 4 -24.78 28.40 -21.54
CA PRO M 4 -24.71 29.18 -22.77
C PRO M 4 -26.05 29.64 -23.32
N ASN M 5 -27.16 29.22 -22.71
CA ASN M 5 -28.49 29.51 -23.24
C ASN M 5 -29.24 30.56 -22.43
N VAL M 6 -28.58 31.19 -21.46
CA VAL M 6 -29.18 32.22 -20.64
C VAL M 6 -28.16 33.33 -20.45
N ASP M 7 -28.60 34.57 -20.62
CA ASP M 7 -27.73 35.73 -20.39
C ASP M 7 -27.35 35.79 -18.92
N PRO M 8 -26.06 35.78 -18.59
CA PRO M 8 -25.64 35.89 -17.18
C PRO M 8 -25.66 37.30 -16.61
N ASN M 9 -26.02 38.30 -17.42
CA ASN M 9 -25.97 39.70 -17.02
C ASN M 9 -24.63 40.07 -16.37
N UNK N 1 -38.03 11.83 25.65
CA UNK N 1 -38.06 13.28 25.52
C UNK N 1 -36.65 13.85 25.40
N VAL N 2 -35.90 13.34 24.43
CA VAL N 2 -34.53 13.78 24.18
C VAL N 2 -34.54 15.16 23.55
N GLN N 3 -33.56 15.99 23.92
CA GLN N 3 -33.45 17.35 23.42
C GLN N 3 -32.15 17.49 22.63
N LEU N 4 -32.26 18.05 21.44
CA LEU N 4 -31.11 18.29 20.57
C LEU N 4 -31.00 19.78 20.27
N UNK N 5 -29.78 20.26 20.13
CA UNK N 5 -29.54 21.65 19.79
C UNK N 5 -28.28 21.74 18.93
N UNK N 6 -28.41 22.32 17.74
CA UNK N 6 -27.26 22.56 16.87
C UNK N 6 -26.67 23.92 17.13
N SER N 7 -25.39 24.06 16.83
CA SER N 7 -24.70 25.34 16.92
C SER N 7 -23.48 25.30 16.02
N GLY N 8 -22.76 26.41 15.95
CA GLY N 8 -21.57 26.53 15.14
C GLY N 8 -21.79 27.09 13.74
N GLY N 9 -23.03 27.40 13.37
CA GLY N 9 -23.29 27.95 12.06
C GLY N 9 -22.94 29.42 11.96
N GLY N 10 -22.72 29.87 10.74
CA GLY N 10 -22.39 31.27 10.52
C GLY N 10 -22.19 31.56 9.05
N UNK N 11 -21.63 32.73 8.78
CA UNK N 11 -21.39 33.21 7.42
C UNK N 11 -19.92 33.05 7.06
N VAL N 12 -19.66 32.44 5.91
CA VAL N 12 -18.32 32.32 5.36
C VAL N 12 -18.39 32.59 3.86
N GLN N 13 -17.24 32.90 3.29
CA GLN N 13 -17.16 33.06 1.85
C GLN N 13 -16.74 31.75 1.20
N UNK N 14 -16.95 31.59 -0.11
CA UNK N 14 -16.65 30.30 -0.75
C UNK N 14 -15.23 29.84 -0.48
N GLY N 15 -15.08 28.54 -0.21
CA GLY N 15 -13.82 27.97 0.17
C GLY N 15 -13.54 27.94 1.66
N UNK N 16 -14.41 28.53 2.48
CA UNK N 16 -14.20 28.58 3.91
C UNK N 16 -14.52 27.27 4.60
N SER N 17 -14.46 27.30 5.92
CA SER N 17 -14.68 26.13 6.75
C SER N 17 -15.61 26.46 7.91
N LEU N 18 -16.36 25.45 8.35
CA LEU N 18 -17.23 25.57 9.51
C LEU N 18 -17.25 24.23 10.24
N UNK N 19 -17.40 24.30 11.56
CA UNK N 19 -17.50 23.11 12.42
C UNK N 19 -18.81 23.21 13.19
N LEU N 20 -19.80 22.41 12.80
CA LEU N 20 -21.06 22.36 13.50
C LEU N 20 -21.03 21.34 14.62
N SER N 21 -21.82 21.59 15.66
CA SER N 21 -21.94 20.70 16.81
C SER N 21 -23.41 20.46 17.09
N CYS N 22 -23.69 19.29 17.67
CA CYS N 22 -25.06 18.90 18.01
C CYS N 22 -25.01 18.20 19.36
N UNK N 23 -25.57 18.84 20.39
CA UNK N 23 -25.57 18.30 21.73
C UNK N 23 -26.94 17.73 22.07
N ALA N 24 -26.93 16.67 22.87
CA ALA N 24 -28.15 15.97 23.25
C ALA N 24 -28.35 16.06 24.76
N UNK N 25 -29.63 16.11 25.16
CA UNK N 25 -30.00 16.17 26.56
C UNK N 25 -31.06 15.12 26.86
N UNK N 26 -31.08 14.66 28.12
CA UNK N 26 -32.07 13.73 28.59
C UNK N 26 -31.77 12.27 28.34
N UNK N 27 -30.77 11.95 27.53
CA UNK N 27 -30.44 10.56 27.24
C UNK N 27 -29.05 10.50 26.62
N UNK N 28 -28.26 9.52 27.07
CA UNK N 28 -26.95 9.28 26.49
C UNK N 28 -27.10 8.69 25.10
N UNK N 29 -26.36 9.25 24.13
CA UNK N 29 -26.52 8.91 22.73
C UNK N 29 -25.45 7.96 22.22
N UNK N 30 -24.68 7.34 23.13
CA UNK N 30 -23.59 6.47 22.70
C UNK N 30 -24.10 5.28 21.89
N UNK N 31 -25.32 4.83 22.14
CA UNK N 31 -25.86 3.67 21.45
C UNK N 31 -26.63 3.99 20.17
N UNK N 32 -26.78 5.27 19.82
CA UNK N 32 -27.64 5.65 18.70
C UNK N 32 -26.82 6.35 17.62
N UNK N 33 -27.20 6.11 16.38
CA UNK N 33 -26.62 6.86 15.26
C UNK N 33 -27.17 8.28 15.25
N UNK N 34 -26.33 9.21 14.81
CA UNK N 34 -26.69 10.63 14.72
C UNK N 34 -26.47 11.11 13.30
N UNK N 35 -27.49 11.73 12.73
CA UNK N 35 -27.46 12.13 11.32
C UNK N 35 -27.58 13.65 11.20
N TRP N 36 -26.95 14.18 10.16
CA TRP N 36 -27.08 15.58 9.80
C TRP N 36 -27.92 15.70 8.54
N UNK N 37 -28.86 16.65 8.53
CA UNK N 37 -29.65 16.99 7.36
C UNK N 37 -29.52 18.48 7.13
N ARG N 38 -29.84 18.91 5.90
CA ARG N 38 -29.83 20.32 5.55
C ARG N 38 -30.99 20.61 4.62
N GLN N 39 -31.46 21.86 4.66
CA GLN N 39 -32.56 22.31 3.81
C GLN N 39 -32.16 23.64 3.20
N UNK N 40 -31.84 23.62 1.91
CA UNK N 40 -31.46 24.83 1.19
C UNK N 40 -32.69 25.68 0.89
N PRO N 41 -32.50 26.98 0.62
CA PRO N 41 -33.64 27.84 0.27
C PRO N 41 -34.43 27.31 -0.92
N GLY N 42 -35.72 27.03 -0.70
CA GLY N 42 -36.59 26.55 -1.76
C GLY N 42 -36.43 25.09 -2.12
N UNK N 43 -35.89 24.27 -1.22
CA UNK N 43 -35.69 22.85 -1.47
C UNK N 43 -36.24 22.02 -0.32
N UNK N 44 -36.28 20.71 -0.54
CA UNK N 44 -36.70 19.76 0.48
C UNK N 44 -35.51 19.41 1.37
N ARG N 45 -35.80 18.80 2.52
CA ARG N 45 -34.74 18.36 3.41
C ARG N 45 -33.89 17.30 2.72
N GLU N 46 -32.57 17.48 2.79
CA GLU N 46 -31.62 16.57 2.18
C GLU N 46 -30.78 15.91 3.27
N UNK N 47 -30.47 14.63 3.07
CA UNK N 47 -29.52 13.95 3.93
C UNK N 47 -28.11 14.45 3.67
N VAL N 48 -27.31 14.50 4.73
CA VAL N 48 -25.93 14.97 4.60
C VAL N 48 -24.96 13.88 5.05
N UNK N 49 -25.09 13.44 6.30
CA UNK N 49 -24.14 12.49 6.85
C UNK N 49 -24.76 11.80 8.05
N UNK N 50 -24.22 10.62 8.38
CA UNK N 50 -24.63 9.89 9.56
C UNK N 50 -23.38 9.38 10.27
N UNK N 51 -23.33 9.57 11.59
CA UNK N 51 -22.30 8.98 12.43
C UNK N 51 -22.97 7.89 13.25
N UNK N 52 -22.71 6.63 12.89
CA UNK N 52 -23.22 5.50 13.67
C UNK N 52 -22.35 5.30 14.91
N UNK N 53 -22.66 4.26 15.68
CA UNK N 53 -21.87 3.96 16.86
C UNK N 53 -20.40 3.77 16.51
N UNK N 54 -19.54 4.03 17.48
CA UNK N 54 -18.10 3.87 17.30
C UNK N 54 -17.77 2.47 16.79
N UNK N 55 -17.11 2.40 15.64
CA UNK N 55 -16.80 1.14 14.99
C UNK N 55 -17.72 0.79 13.84
N UNK N 56 -18.89 1.41 13.77
CA UNK N 56 -19.85 1.15 12.70
C UNK N 56 -19.75 2.16 11.56
N UNK N 57 -18.83 3.12 11.64
CA UNK N 57 -18.52 3.95 10.50
C UNK N 57 -19.45 5.14 10.30
N UNK N 58 -19.22 5.81 9.18
CA UNK N 58 -19.99 6.98 8.78
C UNK N 58 -20.28 6.90 7.29
N UNK N 59 -21.43 7.45 6.89
CA UNK N 59 -21.85 7.47 5.51
C UNK N 59 -22.25 8.89 5.12
N UNK N 60 -22.14 9.19 3.83
CA UNK N 60 -22.26 10.56 3.34
C UNK N 60 -23.12 10.60 2.09
N UNK N 61 -23.70 11.78 1.84
CA UNK N 61 -24.48 12.02 0.64
C UNK N 61 -23.57 12.35 -0.54
N ASP N 62 -24.15 12.29 -1.75
CA ASP N 62 -23.41 12.61 -2.97
C ASP N 62 -22.84 14.02 -2.92
N SER N 63 -23.64 15.00 -2.48
CA SER N 63 -23.28 16.40 -2.62
C SER N 63 -22.17 16.82 -1.67
N UNK N 64 -21.90 16.04 -0.63
CA UNK N 64 -20.93 16.41 0.40
C UNK N 64 -19.75 15.47 0.47
N UNK N 65 -19.73 14.41 -0.36
CA UNK N 65 -18.64 13.44 -0.32
C UNK N 65 -17.30 14.09 -0.62
N GLY N 66 -16.33 13.82 0.26
CA GLY N 66 -14.99 14.32 0.12
C GLY N 66 -14.69 15.60 0.89
N ARG N 67 -15.71 16.44 1.10
CA ARG N 67 -15.52 17.73 1.74
C ARG N 67 -15.96 17.74 3.20
N PHE N 68 -16.99 17.00 3.56
CA PHE N 68 -17.52 17.01 4.92
C PHE N 68 -17.08 15.76 5.67
N THR N 69 -16.91 15.92 6.98
CA THR N 69 -16.53 14.82 7.86
C THR N 69 -17.37 14.89 9.13
N UNK N 70 -18.00 13.78 9.50
CA UNK N 70 -18.80 13.68 10.71
C UNK N 70 -18.05 12.85 11.74
N SER N 71 -18.20 13.21 13.00
CA SER N 71 -17.51 12.52 14.09
C SER N 71 -18.36 12.62 15.36
N UNK N 72 -17.96 11.87 16.39
CA UNK N 72 -18.70 11.79 17.64
C UNK N 72 -17.79 12.10 18.82
N ASP N 73 -18.43 12.55 19.91
CA ASP N 73 -17.81 12.63 21.23
C ASP N 73 -18.84 12.09 22.22
N UNK N 74 -18.86 10.77 22.40
CA UNK N 74 -19.83 10.15 23.29
C UNK N 74 -19.65 10.59 24.73
N UNK N 75 -18.45 11.03 25.12
CA UNK N 75 -18.24 11.53 26.48
C UNK N 75 -19.03 12.83 26.72
N UNK N 76 -19.12 13.69 25.72
CA UNK N 76 -19.83 14.95 25.84
C UNK N 76 -21.24 14.90 25.25
N UNK N 77 -21.71 13.72 24.83
CA UNK N 77 -23.04 13.56 24.25
C UNK N 77 -23.23 14.47 23.04
N UNK N 78 -22.18 14.60 22.23
CA UNK N 78 -22.16 15.57 21.13
C UNK N 78 -21.59 14.93 19.88
N UNK N 79 -22.16 15.29 18.73
CA UNK N 79 -21.63 14.91 17.43
C UNK N 79 -21.28 16.17 16.66
N UNK N 80 -20.33 16.05 15.73
CA UNK N 80 -19.79 17.20 15.02
C UNK N 80 -19.86 16.96 13.52
N LEU N 81 -20.00 18.07 12.78
CA LEU N 81 -19.97 18.05 11.32
C LEU N 81 -18.89 19.02 10.85
N GLN N 82 -17.76 18.50 10.40
CA GLN N 82 -16.66 19.32 9.90
C GLN N 82 -16.91 19.60 8.42
N UNK N 83 -17.13 20.88 8.09
CA UNK N 83 -17.43 21.30 6.73
C UNK N 83 -16.25 22.08 6.16
N UNK N 84 -15.65 21.56 5.10
CA UNK N 84 -14.55 22.20 4.41
C UNK N 84 -14.91 22.45 2.95
N UNK N 85 -14.16 23.35 2.31
CA UNK N 85 -14.33 23.68 0.89
C UNK N 85 -15.77 24.06 0.58
N LEU N 86 -16.32 24.97 1.40
CA LEU N 86 -17.72 25.34 1.30
C LEU N 86 -18.01 26.10 0.00
N UNK N 87 -19.15 25.78 -0.60
CA UNK N 87 -19.65 26.41 -1.81
C UNK N 87 -20.93 27.17 -1.51
N UNK N 88 -21.29 28.15 -2.35
CA UNK N 88 -22.55 28.88 -2.11
C UNK N 88 -23.78 27.98 -2.04
N UNK N 89 -23.79 26.88 -2.79
CA UNK N 89 -24.92 25.95 -2.78
C UNK N 89 -25.04 25.18 -1.46
N ASP N 90 -24.02 25.21 -0.60
CA ASP N 90 -24.15 24.59 0.71
C ASP N 90 -24.95 25.44 1.69
N UNK N 91 -25.36 26.65 1.30
CA UNK N 91 -26.16 27.49 2.17
C UNK N 91 -27.48 26.82 2.50
N ALA N 92 -27.73 26.63 3.79
CA ALA N 92 -28.92 25.91 4.25
C ALA N 92 -28.98 25.98 5.77
N UNK N 93 -30.12 25.58 6.32
CA UNK N 93 -30.24 25.33 7.74
C UNK N 93 -29.92 23.85 7.96
N TYR N 94 -28.94 23.59 8.82
CA TYR N 94 -28.48 22.23 9.08
C TYR N 94 -29.10 21.72 10.37
N TYR N 95 -29.71 20.53 10.31
CA TYR N 95 -30.34 19.91 11.45
C TYR N 95 -29.61 18.62 11.80
N CYS N 96 -29.67 18.24 13.07
CA CYS N 96 -29.26 16.91 13.48
C CYS N 96 -30.47 16.15 14.03
N UNK N 97 -30.38 14.83 13.95
CA UNK N 97 -31.46 13.97 14.41
C UNK N 97 -30.87 12.68 14.92
N UNK N 98 -31.50 12.12 15.94
CA UNK N 98 -31.07 10.85 16.51
C UNK N 98 -31.88 9.74 15.85
N UNK N 99 -31.18 8.68 15.44
CA UNK N 99 -31.83 7.46 14.97
C UNK N 99 -32.19 6.63 16.20
N UNK N 100 -33.48 6.62 16.55
CA UNK N 100 -33.92 5.90 17.73
C UNK N 100 -33.78 4.39 17.59
N UNK N 101 -33.59 3.89 16.36
CA UNK N 101 -33.44 2.46 16.13
C UNK N 101 -31.97 2.09 16.19
N UNK N 102 -31.59 1.29 17.18
CA UNK N 102 -30.21 0.86 17.33
C UNK N 102 -29.75 -0.01 16.16
N UNK N 103 -30.67 -0.52 15.35
CA UNK N 103 -30.32 -1.31 14.18
C UNK N 103 -30.23 -0.46 12.92
N UNK N 104 -30.26 0.88 13.07
CA UNK N 104 -29.84 1.82 12.02
C UNK N 104 -30.84 1.93 10.87
N UNK N 105 -32.13 1.80 11.15
CA UNK N 105 -33.13 1.95 10.09
C UNK N 105 -33.54 3.40 9.86
N UNK N 106 -33.07 4.33 10.69
CA UNK N 106 -33.37 5.74 10.49
C UNK N 106 -34.71 6.19 11.03
N UNK N 107 -35.05 5.78 12.25
CA UNK N 107 -36.27 6.24 12.91
C UNK N 107 -35.97 7.56 13.60
N UNK N 108 -36.02 8.63 12.82
CA UNK N 108 -35.68 9.97 13.29
C UNK N 108 -36.87 10.54 14.05
N UNK N 109 -36.92 10.27 15.35
CA UNK N 109 -38.03 10.73 16.17
C UNK N 109 -37.80 12.13 16.74
N UNK N 110 -36.55 12.48 17.04
CA UNK N 110 -36.23 13.75 17.70
C UNK N 110 -35.27 14.56 16.84
N TRP N 111 -35.60 15.82 16.61
CA TRP N 111 -34.81 16.72 15.79
C TRP N 111 -34.49 17.98 16.59
N GLY N 112 -33.38 18.62 16.22
CA GLY N 112 -33.06 19.93 16.74
C GLY N 112 -33.84 21.01 16.02
N UNK N 113 -33.50 22.26 16.34
CA UNK N 113 -34.15 23.40 15.71
C UNK N 113 -33.32 23.99 14.58
N GLY N 114 -32.06 23.61 14.46
CA GLY N 114 -31.30 23.99 13.29
C GLY N 114 -30.33 25.13 13.55
N THR N 115 -29.25 25.15 12.78
CA THR N 115 -28.28 26.23 12.79
C THR N 115 -28.03 26.67 11.35
N UNK N 116 -27.90 27.97 11.15
CA UNK N 116 -27.85 28.55 9.81
C UNK N 116 -26.43 28.60 9.29
N VAL N 117 -26.24 28.16 8.05
CA VAL N 117 -24.96 28.21 7.37
C VAL N 117 -25.15 28.99 6.09
N THR N 118 -24.35 30.04 5.90
CA THR N 118 -24.44 30.90 4.73
C THR N 118 -23.07 31.01 4.07
N VAL N 119 -23.03 30.85 2.75
CA VAL N 119 -21.80 30.96 1.97
C VAL N 119 -22.03 32.02 0.89
N SER N 120 -21.51 33.22 1.13
CA SER N 120 -21.61 34.31 0.16
C SER N 120 -20.95 33.94 -1.17
N VAL O 2 15.32 -19.01 53.17
CA VAL O 2 13.87 -19.23 53.25
C VAL O 2 13.53 -20.60 52.67
N GLN O 3 12.60 -21.30 53.31
CA GLN O 3 12.19 -22.64 52.92
C GLN O 3 10.71 -22.66 52.59
N LEU O 4 10.35 -23.27 51.47
CA LEU O 4 8.96 -23.40 51.05
C LEU O 4 8.59 -24.87 50.92
N UNK O 5 7.34 -25.18 51.24
CA UNK O 5 6.83 -26.55 51.13
C UNK O 5 5.35 -26.51 50.76
N UNK O 6 5.00 -27.15 49.65
CA UNK O 6 3.62 -27.28 49.22
C UNK O 6 3.01 -28.58 49.77
N SER O 7 1.68 -28.57 49.91
CA SER O 7 0.94 -29.75 50.31
C SER O 7 -0.50 -29.59 49.85
N GLY O 8 -1.31 -30.62 50.09
CA GLY O 8 -2.70 -30.62 49.72
C GLY O 8 -3.03 -31.24 48.39
N GLY O 9 -2.03 -31.72 47.64
CA GLY O 9 -2.29 -32.34 46.37
C GLY O 9 -2.84 -33.75 46.50
N GLY O 10 -3.50 -34.20 45.44
CA GLY O 10 -4.08 -35.53 45.44
C GLY O 10 -4.80 -35.81 44.14
N UNK O 11 -5.57 -36.89 44.15
CA UNK O 11 -6.34 -37.33 43.00
C UNK O 11 -7.80 -36.94 43.19
N VAL O 12 -8.38 -36.31 42.16
CA VAL O 12 -9.80 -35.94 42.16
C VAL O 12 -10.39 -36.27 40.80
N GLN O 13 -11.71 -36.33 40.75
CA GLN O 13 -12.45 -36.54 39.51
C GLN O 13 -12.85 -35.20 38.91
N UNK O 14 -13.16 -35.17 37.60
CA UNK O 14 -13.49 -33.90 36.94
C UNK O 14 -14.63 -33.18 37.65
N GLY O 15 -14.46 -31.87 37.80
CA GLY O 15 -15.42 -31.03 38.50
C GLY O 15 -15.18 -30.90 39.99
N UNK O 16 -14.22 -31.64 40.55
CA UNK O 16 -13.96 -31.61 41.97
C UNK O 16 -13.16 -30.38 42.37
N SER O 17 -12.78 -30.36 43.65
CA SER O 17 -12.08 -29.23 44.22
C SER O 17 -10.88 -29.71 45.04
N LEU O 18 -9.85 -28.87 45.09
CA LEU O 18 -8.67 -29.11 45.92
C LEU O 18 -8.16 -27.77 46.43
N UNK O 19 -7.60 -27.79 47.63
CA UNK O 19 -7.03 -26.60 48.26
C UNK O 19 -5.57 -26.89 48.58
N LEU O 20 -4.66 -26.31 47.78
CA LEU O 20 -3.24 -26.45 48.02
C LEU O 20 -2.76 -25.36 48.97
N SER O 21 -1.71 -25.67 49.73
CA SER O 21 -1.13 -24.72 50.66
C SER O 21 0.38 -24.66 50.45
N CYS O 22 0.95 -23.50 50.77
CA CYS O 22 2.39 -23.26 50.62
C CYS O 22 2.85 -22.49 51.85
N UNK O 23 3.62 -23.14 52.71
CA UNK O 23 4.10 -22.54 53.95
C UNK O 23 5.56 -22.16 53.82
N ALA O 24 5.93 -21.06 54.47
CA ALA O 24 7.29 -20.53 54.42
C ALA O 24 7.92 -20.55 55.81
N UNK O 25 9.23 -20.78 55.85
CA UNK O 25 10.01 -20.78 57.08
C UNK O 25 11.23 -19.89 56.89
N UNK O 26 11.71 -19.35 58.00
CA UNK O 26 12.91 -18.53 57.99
C UNK O 26 12.69 -17.07 57.66
N UNK O 27 11.50 -16.69 57.21
CA UNK O 27 11.21 -15.31 56.86
C UNK O 27 9.71 -15.13 56.77
N UNK O 28 9.21 -14.03 57.33
CA UNK O 28 7.81 -13.68 57.19
C UNK O 28 7.54 -13.19 55.77
N UNK O 29 6.49 -13.72 55.14
CA UNK O 29 6.23 -13.44 53.73
C UNK O 29 5.13 -12.40 53.55
N UNK O 30 4.73 -11.72 54.63
CA UNK O 30 3.66 -10.72 54.53
C UNK O 30 4.04 -9.60 53.56
N UNK O 31 5.34 -9.36 53.38
CA UNK O 31 5.84 -8.28 52.54
C UNK O 31 6.05 -8.67 51.09
N UNK O 32 5.87 -9.95 50.75
CA UNK O 32 6.22 -10.46 49.44
C UNK O 32 5.03 -11.09 48.73
N UNK O 33 4.98 -10.92 47.41
CA UNK O 33 4.01 -11.64 46.60
C UNK O 33 4.38 -13.11 46.51
N UNK O 34 3.36 -13.96 46.41
CA UNK O 34 3.53 -15.41 46.30
C UNK O 34 2.83 -15.91 45.06
N UNK O 35 3.55 -16.70 44.25
CA UNK O 35 3.04 -17.18 42.97
C UNK O 35 2.97 -18.70 42.94
N TRP O 36 2.00 -19.21 42.19
CA TRP O 36 1.87 -20.63 41.92
C TRP O 36 2.23 -20.91 40.46
N UNK O 37 3.01 -21.97 40.26
CA UNK O 37 3.35 -22.48 38.95
C UNK O 37 2.99 -23.95 38.88
N ARG O 38 2.86 -24.48 37.67
CA ARG O 38 2.58 -25.90 37.47
C ARG O 38 3.39 -26.42 36.29
N GLN O 39 3.70 -27.71 36.32
CA GLN O 39 4.48 -28.35 35.27
C GLN O 39 3.81 -29.68 34.91
N UNK O 40 3.19 -29.73 33.74
CA UNK O 40 2.55 -30.94 33.26
C UNK O 40 3.59 -31.94 32.80
N PRO O 41 3.24 -33.23 32.74
CA PRO O 41 4.19 -34.25 32.24
C PRO O 41 4.70 -33.91 30.85
N GLY O 42 6.02 -33.73 30.75
CA GLY O 42 6.65 -33.45 29.47
C GLY O 42 6.50 -32.04 28.97
N UNK O 43 6.24 -31.07 29.84
CA UNK O 43 6.06 -29.68 29.45
C UNK O 43 6.92 -28.79 30.34
N UNK O 44 6.98 -27.51 29.97
CA UNK O 44 7.70 -26.52 30.76
C UNK O 44 6.80 -25.97 31.86
N ARG O 45 7.43 -25.32 32.83
CA ARG O 45 6.69 -24.71 33.93
C ARG O 45 5.80 -23.57 33.41
N GLU O 46 4.55 -23.58 33.86
CA GLU O 46 3.55 -22.58 33.47
C GLU O 46 3.16 -21.75 34.68
N UNK O 47 2.93 -20.45 34.44
CA UNK O 47 2.37 -19.61 35.48
C UNK O 47 0.91 -19.98 35.73
N VAL O 48 0.49 -19.89 36.99
CA VAL O 48 -0.89 -20.22 37.36
C VAL O 48 -1.55 -19.00 37.99
N UNK O 49 -0.99 -18.50 39.09
CA UNK O 49 -1.60 -17.41 39.83
C UNK O 49 -0.57 -16.76 40.74
N UNK O 50 -0.82 -15.51 41.11
CA UNK O 50 0.03 -14.78 42.04
C UNK O 50 -0.85 -14.07 43.06
N UNK O 51 -0.50 -14.21 44.34
CA UNK O 51 -1.14 -13.48 45.42
C UNK O 51 -0.15 -12.42 45.90
N UNK O 52 -0.42 -11.17 45.56
CA UNK O 52 0.41 -10.07 46.06
C UNK O 52 0.04 -9.79 47.51
N UNK O 53 0.67 -8.77 48.09
CA UNK O 53 0.37 -8.39 49.47
C UNK O 53 -1.11 -8.12 49.63
N UNK O 54 -1.61 -8.31 50.85
CA UNK O 54 -3.02 -8.06 51.15
C UNK O 54 -3.40 -6.64 50.78
N UNK O 55 -4.42 -6.53 49.93
CA UNK O 55 -4.87 -5.25 49.40
C UNK O 55 -4.38 -4.94 48.01
N UNK O 56 -3.32 -5.62 47.55
CA UNK O 56 -2.77 -5.41 46.21
C UNK O 56 -3.33 -6.38 45.19
N UNK O 57 -4.25 -7.27 45.59
CA UNK O 57 -4.98 -8.09 44.66
C UNK O 57 -4.26 -9.36 44.25
N UNK O 58 -4.89 -10.08 43.32
CA UNK O 58 -4.37 -11.34 42.81
C UNK O 58 -4.56 -11.37 41.30
N UNK O 59 -3.65 -12.04 40.61
CA UNK O 59 -3.69 -12.16 39.15
C UNK O 59 -3.56 -13.63 38.76
N UNK O 60 -4.13 -13.97 37.60
CA UNK O 60 -4.32 -15.36 37.22
C UNK O 60 -3.95 -15.56 35.76
N UNK O 61 -3.62 -16.81 35.43
CA UNK O 61 -3.31 -17.20 34.06
C UNK O 61 -4.61 -17.43 33.26
N ASP O 62 -4.44 -17.51 31.94
CA ASP O 62 -5.58 -17.73 31.04
C ASP O 62 -6.31 -19.03 31.38
N SER O 63 -5.58 -20.11 31.60
CA SER O 63 -6.18 -21.44 31.69
C SER O 63 -6.95 -21.66 32.99
N UNK O 64 -6.71 -20.82 34.01
CA UNK O 64 -7.32 -21.01 35.33
C UNK O 64 -8.25 -19.88 35.72
N UNK O 65 -8.39 -18.85 34.87
CA UNK O 65 -9.25 -17.72 35.19
C UNK O 65 -10.70 -18.17 35.37
N GLY O 66 -11.29 -17.75 36.49
CA GLY O 66 -12.67 -18.08 36.82
C GLY O 66 -12.81 -19.29 37.72
N ARG O 67 -11.88 -20.24 37.65
CA ARG O 67 -11.97 -21.47 38.42
C ARG O 67 -11.08 -21.50 39.66
N PHE O 68 -9.89 -20.88 39.62
CA PHE O 68 -8.97 -20.92 40.73
C PHE O 68 -8.97 -19.61 41.50
N THR O 69 -8.72 -19.71 42.80
CA THR O 69 -8.66 -18.55 43.68
C THR O 69 -7.48 -18.69 44.62
N UNK O 70 -6.65 -17.65 44.70
CA UNK O 70 -5.50 -17.63 45.59
C UNK O 70 -5.78 -16.67 46.74
N SER O 71 -5.28 -17.01 47.92
CA SER O 71 -5.49 -16.19 49.11
C SER O 71 -4.30 -16.36 50.04
N UNK O 72 -4.25 -15.51 51.08
CA UNK O 72 -3.13 -15.47 51.99
C UNK O 72 -3.60 -15.57 53.44
N ASP O 73 -2.71 -16.05 54.30
CA ASP O 73 -2.83 -15.95 55.76
C ASP O 73 -1.44 -15.58 56.27
N UNK O 74 -1.14 -14.28 56.28
CA UNK O 74 0.18 -13.82 56.71
C UNK O 74 0.48 -14.17 58.17
N UNK O 75 -0.54 -14.39 58.99
CA UNK O 75 -0.31 -14.82 60.36
C UNK O 75 0.34 -16.20 60.39
N UNK O 76 -0.03 -17.06 59.46
CA UNK O 76 0.51 -18.42 59.38
C UNK O 76 1.64 -18.53 58.38
N UNK O 77 2.06 -17.43 57.76
CA UNK O 77 3.13 -17.42 56.76
C UNK O 77 2.84 -18.42 55.64
N UNK O 78 1.57 -18.49 55.24
CA UNK O 78 1.10 -19.51 54.30
C UNK O 78 0.19 -18.88 53.27
N UNK O 79 0.30 -19.34 52.03
CA UNK O 79 -0.60 -18.96 50.95
C UNK O 79 -1.30 -20.21 50.44
N UNK O 80 -2.49 -20.03 49.88
CA UNK O 80 -3.35 -21.13 49.48
C UNK O 80 -3.76 -20.97 48.02
N LEU O 81 -4.01 -22.09 47.36
CA LEU O 81 -4.52 -22.11 46.00
C LEU O 81 -5.81 -22.94 45.99
N GLN O 82 -6.95 -22.27 45.91
CA GLN O 82 -8.24 -22.94 45.84
C GLN O 82 -8.55 -23.29 44.39
N UNK O 83 -8.62 -24.58 44.10
CA UNK O 83 -8.85 -25.07 42.75
C UNK O 83 -10.25 -25.67 42.69
N UNK O 84 -11.11 -25.07 41.86
CA UNK O 84 -12.47 -25.56 41.66
C UNK O 84 -12.69 -25.92 40.20
N UNK O 85 -13.73 -26.72 39.95
CA UNK O 85 -14.12 -27.13 38.61
C UNK O 85 -12.92 -27.72 37.86
N LEU O 86 -12.24 -28.66 38.52
CA LEU O 86 -11.01 -29.21 38.00
C LEU O 86 -11.27 -30.05 36.75
N UNK O 87 -10.39 -29.91 35.77
CA UNK O 87 -10.42 -30.63 34.51
C UNK O 87 -9.21 -31.56 34.40
N UNK O 88 -9.27 -32.59 33.56
CA UNK O 88 -8.11 -33.47 33.38
C UNK O 88 -6.85 -32.73 32.95
N UNK O 89 -6.99 -31.62 32.22
CA UNK O 89 -5.83 -30.84 31.78
C UNK O 89 -5.10 -30.15 32.92
N ASP O 90 -5.69 -30.07 34.11
CA ASP O 90 -5.01 -29.49 35.26
C ASP O 90 -4.00 -30.43 35.92
N UNK O 91 -3.91 -31.67 35.46
CA UNK O 91 -2.92 -32.60 36.02
C UNK O 91 -1.51 -32.10 35.79
N ALA O 92 -0.78 -31.90 36.89
CA ALA O 92 0.58 -31.34 36.87
C ALA O 92 1.10 -31.36 38.29
N UNK O 93 2.41 -31.10 38.43
CA UNK O 93 3.03 -30.80 39.71
C UNK O 93 2.98 -29.31 39.92
N TYR O 94 2.40 -28.87 41.04
CA TYR O 94 2.20 -27.45 41.33
C TYR O 94 3.25 -26.95 42.31
N TYR O 95 3.90 -25.84 41.97
CA TYR O 95 4.93 -25.24 42.79
C TYR O 95 4.50 -23.85 43.25
N CYS O 96 5.03 -23.42 44.39
CA CYS O 96 4.94 -22.03 44.80
C CYS O 96 6.33 -21.40 44.83
N UNK O 97 6.35 -20.08 44.72
CA UNK O 97 7.61 -19.34 44.68
C UNK O 97 7.39 -17.96 45.29
N UNK O 98 8.44 -17.46 45.95
CA UNK O 98 8.39 -16.14 46.58
C UNK O 98 8.93 -15.11 45.59
N UNK O 99 8.21 -14.01 45.44
CA UNK O 99 8.72 -12.85 44.70
C UNK O 99 9.55 -12.02 45.66
N UNK O 100 10.88 -12.10 45.53
CA UNK O 100 11.78 -11.38 46.43
C UNK O 100 11.69 -9.87 46.25
N UNK O 101 11.12 -9.40 45.15
CA UNK O 101 10.99 -7.97 44.89
C UNK O 101 9.65 -7.49 45.44
N UNK O 102 9.70 -6.61 46.44
CA UNK O 102 8.47 -6.07 47.01
C UNK O 102 7.68 -5.24 46.01
N UNK O 103 8.31 -4.82 44.91
CA UNK O 103 7.63 -4.08 43.85
C UNK O 103 7.12 -4.97 42.72
N UNK O 104 7.12 -6.29 42.91
CA UNK O 104 6.34 -7.23 42.11
C UNK O 104 6.90 -7.45 40.70
N UNK O 105 8.23 -7.44 40.55
CA UNK O 105 8.82 -7.71 39.25
C UNK O 105 9.02 -9.20 38.99
N UNK O 106 8.72 -10.06 39.96
CA UNK O 106 8.81 -11.49 39.76
C UNK O 106 10.20 -12.05 39.92
N UNK O 107 10.91 -11.63 40.97
CA UNK O 107 12.24 -12.16 41.28
C UNK O 107 12.07 -13.43 42.12
N UNK O 108 11.79 -14.54 41.43
CA UNK O 108 11.52 -15.81 42.09
C UNK O 108 12.84 -16.47 42.46
N UNK O 109 13.34 -16.14 43.65
CA UNK O 109 14.60 -16.70 44.12
C UNK O 109 14.42 -18.02 44.86
N UNK O 110 13.29 -18.20 45.53
CA UNK O 110 13.04 -19.37 46.36
C UNK O 110 11.80 -20.09 45.87
N TRP O 111 11.92 -21.40 45.66
CA TRP O 111 10.83 -22.26 45.19
C TRP O 111 10.63 -23.40 46.16
N GLY O 112 9.41 -23.94 46.17
CA GLY O 112 9.11 -25.15 46.89
C GLY O 112 9.58 -26.39 46.14
N UNK O 113 9.20 -27.54 46.68
CA UNK O 113 9.55 -28.82 46.06
C UNK O 113 8.42 -29.44 45.26
N GLY O 114 7.20 -28.94 45.39
CA GLY O 114 6.11 -29.30 44.52
C GLY O 114 5.14 -30.29 45.16
N THR O 115 3.87 -30.19 44.75
CA THR O 115 2.84 -31.13 45.16
C THR O 115 2.07 -31.59 43.93
N UNK O 116 1.74 -32.89 43.89
CA UNK O 116 1.17 -33.52 42.71
C UNK O 116 -0.34 -33.46 42.74
N VAL O 117 -0.95 -33.04 41.63
CA VAL O 117 -2.40 -33.01 41.47
C VAL O 117 -2.78 -33.79 40.21
N THR O 118 -3.68 -34.76 40.37
CA THR O 118 -4.13 -35.59 39.26
C THR O 118 -5.64 -35.51 39.18
N VAL O 119 -6.16 -35.28 37.96
CA VAL O 119 -7.59 -35.19 37.71
C VAL O 119 -7.92 -36.23 36.63
N SER O 120 -8.46 -37.37 37.05
CA SER O 120 -8.87 -38.40 36.11
C SER O 120 -10.38 -38.37 35.91
N VAL P 2 5.59 -24.07 -12.00
CA VAL P 2 4.14 -24.12 -12.03
C VAL P 2 3.68 -25.44 -12.65
N GLN P 3 2.64 -26.04 -12.07
CA GLN P 3 2.11 -27.33 -12.50
C GLN P 3 0.64 -27.20 -12.84
N LEU P 4 0.25 -27.77 -13.97
CA LEU P 4 -1.14 -27.81 -14.41
C LEU P 4 -1.56 -29.27 -14.58
N UNK P 5 -2.83 -29.57 -14.27
CA UNK P 5 -3.35 -30.91 -14.45
C UNK P 5 -4.81 -30.85 -14.83
N UNK P 6 -5.16 -31.47 -15.94
CA UNK P 6 -6.54 -31.58 -16.40
C UNK P 6 -7.17 -32.85 -15.86
N SER P 7 -8.50 -32.82 -15.76
CA SER P 7 -9.28 -33.99 -15.36
C SER P 7 -10.70 -33.82 -15.84
N GLY P 8 -11.52 -34.85 -15.60
CA GLY P 8 -12.92 -34.82 -16.01
C GLY P 8 -13.22 -35.46 -17.34
N GLY P 9 -12.21 -35.97 -18.06
CA GLY P 9 -12.45 -36.58 -19.34
C GLY P 9 -13.01 -37.99 -19.22
N GLY P 10 -13.68 -38.41 -20.30
CA GLY P 10 -14.26 -39.74 -20.34
C GLY P 10 -14.97 -39.97 -21.65
N UNK P 11 -15.75 -41.05 -21.67
CA UNK P 11 -16.52 -41.44 -22.85
C UNK P 11 -17.99 -41.05 -22.65
N VAL P 12 -18.56 -40.41 -23.67
CA VAL P 12 -19.98 -40.07 -23.67
C VAL P 12 -20.55 -40.38 -25.04
N GLN P 13 -21.88 -40.46 -25.11
CA GLN P 13 -22.55 -40.67 -26.38
C GLN P 13 -22.91 -39.33 -27.00
N UNK P 14 -23.17 -39.30 -28.31
CA UNK P 14 -23.47 -38.03 -28.97
C UNK P 14 -24.64 -37.31 -28.32
N GLY P 15 -24.48 -36.00 -28.14
CA GLY P 15 -25.46 -35.18 -27.46
C GLY P 15 -25.25 -35.06 -25.96
N UNK P 16 -24.31 -35.81 -25.40
CA UNK P 16 -24.07 -35.78 -23.96
C UNK P 16 -23.27 -34.57 -23.53
N SER P 17 -22.92 -34.56 -22.24
CA SER P 17 -22.21 -33.45 -21.63
C SER P 17 -21.05 -33.96 -20.80
N LEU P 18 -20.01 -33.13 -20.73
CA LEU P 18 -18.85 -33.38 -19.88
C LEU P 18 -18.32 -32.06 -19.37
N UNK P 19 -17.76 -32.09 -18.16
CA UNK P 19 -17.17 -30.91 -17.52
C UNK P 19 -15.71 -31.21 -17.20
N LEU P 20 -14.80 -30.61 -17.96
CA LEU P 20 -13.38 -30.75 -17.72
C LEU P 20 -12.92 -29.70 -16.72
N SER P 21 -11.88 -30.03 -15.96
CA SER P 21 -11.31 -29.12 -14.99
C SER P 21 -9.81 -29.04 -15.19
N CYS P 22 -9.23 -27.90 -14.84
CA CYS P 22 -7.80 -27.65 -14.96
C CYS P 22 -7.34 -26.87 -13.75
N UNK P 23 -6.54 -27.52 -12.89
CA UNK P 23 -6.05 -26.91 -11.67
C UNK P 23 -4.58 -26.54 -11.80
N ALA P 24 -4.20 -25.44 -11.15
CA ALA P 24 -2.84 -24.92 -11.18
C ALA P 24 -2.23 -24.96 -9.78
N UNK P 25 -0.92 -25.18 -9.74
CA UNK P 25 -0.18 -25.22 -8.49
C UNK P 25 1.05 -24.33 -8.60
N UNK P 26 1.51 -23.82 -7.46
CA UNK P 26 2.71 -23.01 -7.40
C UNK P 26 2.51 -21.53 -7.67
N UNK P 27 1.33 -21.13 -8.13
CA UNK P 27 1.07 -19.73 -8.43
C UNK P 27 -0.43 -19.52 -8.52
N UNK P 28 -0.92 -18.42 -7.93
CA UNK P 28 -2.31 -18.07 -8.08
C UNK P 28 -2.57 -17.53 -9.48
N UNK P 29 -3.61 -18.05 -10.13
CA UNK P 29 -3.87 -17.76 -11.53
C UNK P 29 -4.97 -16.72 -11.71
N UNK P 30 -5.36 -16.02 -10.63
CA UNK P 30 -6.45 -15.06 -10.73
C UNK P 30 -6.14 -13.95 -11.72
N UNK P 31 -4.86 -13.62 -11.92
CA UNK P 31 -4.49 -12.55 -12.83
C UNK P 31 -4.19 -13.01 -14.25
N UNK P 32 -4.27 -14.30 -14.53
CA UNK P 32 -3.84 -14.83 -15.83
C UNK P 32 -5.01 -15.48 -16.56
N UNK P 33 -5.03 -15.30 -17.88
CA UNK P 33 -6.00 -16.02 -18.70
C UNK P 33 -5.62 -17.49 -18.79
N UNK P 34 -6.63 -18.34 -18.90
CA UNK P 34 -6.46 -19.78 -18.99
C UNK P 34 -7.14 -20.25 -20.27
N UNK P 35 -6.43 -21.01 -21.08
CA UNK P 35 -6.93 -21.43 -22.38
C UNK P 35 -7.02 -22.95 -22.45
N TRP P 36 -7.99 -23.43 -23.22
CA TRP P 36 -8.15 -24.84 -23.52
C TRP P 36 -7.76 -25.10 -24.96
N UNK P 37 -6.99 -26.17 -25.17
CA UNK P 37 -6.63 -26.66 -26.50
C UNK P 37 -7.00 -28.13 -26.59
N ARG P 38 -7.10 -28.64 -27.81
CA ARG P 38 -7.38 -30.05 -28.02
C ARG P 38 -6.58 -30.56 -29.20
N GLN P 39 -6.25 -31.84 -29.17
CA GLN P 39 -5.46 -32.49 -30.22
C GLN P 39 -6.10 -33.82 -30.59
N UNK P 40 -6.70 -33.88 -31.78
CA UNK P 40 -7.29 -35.12 -32.24
C UNK P 40 -6.18 -36.08 -32.66
N PRO P 41 -6.48 -37.38 -32.70
CA PRO P 41 -5.47 -38.37 -33.14
C PRO P 41 -4.93 -38.03 -34.52
N GLY P 42 -3.62 -37.79 -34.59
CA GLY P 42 -2.97 -37.50 -35.86
C GLY P 42 -3.19 -36.10 -36.40
N UNK P 43 -3.51 -35.14 -35.54
CA UNK P 43 -3.75 -33.77 -35.98
C UNK P 43 -2.95 -32.80 -35.12
N UNK P 44 -2.98 -31.53 -35.53
CA UNK P 44 -2.29 -30.48 -34.79
C UNK P 44 -3.14 -29.99 -33.62
N ARG P 45 -2.47 -29.30 -32.69
CA ARG P 45 -3.17 -28.71 -31.57
C ARG P 45 -4.10 -27.61 -32.06
N GLU P 46 -5.34 -27.63 -31.59
CA GLU P 46 -6.35 -26.63 -31.96
C GLU P 46 -6.76 -25.83 -30.74
N UNK P 47 -6.96 -24.53 -30.94
CA UNK P 47 -7.52 -23.69 -29.89
C UNK P 47 -8.99 -24.04 -29.68
N VAL P 48 -9.43 -23.96 -28.42
CA VAL P 48 -10.81 -24.27 -28.09
C VAL P 48 -11.48 -23.06 -27.44
N UNK P 49 -10.92 -22.58 -26.33
CA UNK P 49 -11.54 -21.51 -25.58
C UNK P 49 -10.51 -20.89 -24.66
N UNK P 50 -10.75 -19.64 -24.26
CA UNK P 50 -9.91 -18.93 -23.30
C UNK P 50 -10.80 -18.27 -22.27
N UNK P 51 -10.47 -18.46 -20.99
CA UNK P 51 -11.10 -17.75 -19.90
C UNK P 51 -10.12 -16.70 -19.38
N UNK P 52 -10.39 -15.44 -19.69
CA UNK P 52 -9.57 -14.35 -19.18
C UNK P 52 -9.96 -14.06 -17.73
N UNK P 53 -9.33 -13.04 -17.15
CA UNK P 53 -9.67 -12.65 -15.78
C UNK P 53 -11.17 -12.36 -15.66
N UNK P 54 -11.69 -12.54 -14.46
CA UNK P 54 -13.10 -12.27 -14.20
C UNK P 54 -13.43 -10.83 -14.58
N UNK P 55 -14.42 -10.67 -15.46
CA UNK P 55 -14.80 -9.38 -15.98
C UNK P 55 -14.27 -9.08 -17.37
N UNK P 56 -13.25 -9.81 -17.82
CA UNK P 56 -12.66 -9.62 -19.14
C UNK P 56 -13.25 -10.58 -20.18
N UNK P 57 -14.19 -11.44 -19.79
CA UNK P 57 -14.93 -12.24 -20.74
C UNK P 57 -14.22 -13.51 -21.15
N UNK P 58 -14.86 -14.21 -22.09
CA UNK P 58 -14.35 -15.47 -22.61
C UNK P 58 -14.51 -15.49 -24.12
N UNK P 59 -13.60 -16.17 -24.80
CA UNK P 59 -13.63 -16.26 -26.25
C UNK P 59 -13.51 -17.72 -26.67
N UNK P 60 -14.05 -18.05 -27.83
CA UNK P 60 -14.23 -19.45 -28.21
C UNK P 60 -13.82 -19.66 -29.67
N UNK P 61 -13.50 -20.91 -29.99
CA UNK P 61 -13.19 -21.29 -31.36
C UNK P 61 -14.47 -21.49 -32.17
N ASP P 62 -14.30 -21.54 -33.50
CA ASP P 62 -15.43 -21.71 -34.40
C ASP P 62 -16.20 -23.00 -34.09
N SER P 63 -15.47 -24.10 -33.87
CA SER P 63 -16.12 -25.40 -33.78
C SER P 63 -16.88 -25.60 -32.48
N UNK P 64 -16.61 -24.80 -31.45
CA UNK P 64 -17.20 -25.01 -30.14
C UNK P 64 -18.08 -23.85 -29.69
N UNK P 65 -18.17 -22.78 -30.49
CA UNK P 65 -19.01 -21.65 -30.12
C UNK P 65 -20.47 -22.07 -30.00
N GLY P 66 -21.10 -21.72 -28.87
CA GLY P 66 -22.48 -22.05 -28.62
C GLY P 66 -22.69 -23.32 -27.81
N ARG P 67 -21.78 -24.28 -27.92
CA ARG P 67 -21.92 -25.55 -27.23
C ARG P 67 -21.08 -25.65 -25.97
N PHE P 68 -19.87 -25.05 -25.97
CA PHE P 68 -18.96 -25.14 -24.85
C PHE P 68 -18.97 -23.84 -24.05
N THR P 69 -18.72 -23.97 -22.75
CA THR P 69 -18.66 -22.82 -21.86
C THR P 69 -17.46 -22.96 -20.93
N UNK P 70 -16.64 -21.93 -20.86
CA UNK P 70 -15.47 -21.90 -19.99
C UNK P 70 -15.77 -20.97 -18.83
N SER P 71 -15.28 -21.31 -17.64
CA SER P 71 -15.53 -20.53 -16.44
C SER P 71 -14.35 -20.70 -15.50
N UNK P 72 -14.34 -19.88 -14.45
CA UNK P 72 -13.24 -19.87 -13.49
C UNK P 72 -13.75 -20.02 -12.07
N ASP P 73 -12.89 -20.56 -11.21
CA ASP P 73 -13.07 -20.52 -9.76
C ASP P 73 -11.70 -20.13 -9.20
N UNK P 74 -11.46 -18.82 -9.12
CA UNK P 74 -10.16 -18.32 -8.66
C UNK P 74 -9.89 -18.71 -7.21
N UNK P 75 -10.92 -18.96 -6.41
CA UNK P 75 -10.71 -19.41 -5.04
C UNK P 75 -10.07 -20.79 -5.02
N UNK P 76 -10.44 -21.65 -5.97
CA UNK P 76 -9.91 -23.00 -6.06
C UNK P 76 -8.78 -23.12 -7.08
N UNK P 77 -8.35 -22.00 -7.66
CA UNK P 77 -7.26 -21.97 -8.65
C UNK P 77 -7.52 -22.92 -9.81
N UNK P 78 -8.79 -22.97 -10.26
CA UNK P 78 -9.22 -23.96 -11.24
C UNK P 78 -10.10 -23.29 -12.28
N UNK P 79 -9.95 -23.72 -13.53
CA UNK P 79 -10.83 -23.32 -14.62
C UNK P 79 -11.49 -24.56 -15.18
N UNK P 80 -12.67 -24.38 -15.76
CA UNK P 80 -13.50 -25.49 -16.20
C UNK P 80 -13.89 -25.32 -17.65
N LEU P 81 -14.11 -26.44 -18.33
CA LEU P 81 -14.62 -26.44 -19.70
C LEU P 81 -15.89 -27.28 -19.69
N GLN P 82 -17.04 -26.60 -19.74
CA GLN P 82 -18.34 -27.28 -19.79
C GLN P 82 -18.66 -27.56 -21.26
N UNK P 83 -18.72 -28.84 -21.61
CA UNK P 83 -18.94 -29.28 -22.98
C UNK P 83 -20.35 -29.84 -23.08
N UNK P 84 -21.19 -29.22 -23.89
CA UNK P 84 -22.54 -29.69 -24.12
C UNK P 84 -22.74 -30.01 -25.60
N UNK P 85 -23.77 -30.80 -25.88
CA UNK P 85 -24.13 -31.19 -27.25
C UNK P 85 -22.91 -31.77 -27.97
N LEU P 86 -22.25 -32.72 -27.32
CA LEU P 86 -21.00 -33.25 -27.83
C LEU P 86 -21.23 -34.08 -29.09
N UNK P 87 -20.32 -33.93 -30.04
CA UNK P 87 -20.30 -34.67 -31.29
C UNK P 87 -19.09 -35.59 -31.33
N UNK P 88 -19.13 -36.66 -32.13
CA UNK P 88 -17.94 -37.52 -32.26
C UNK P 88 -16.68 -36.79 -32.68
N UNK P 89 -16.81 -35.73 -33.48
CA UNK P 89 -15.62 -35.00 -33.92
C UNK P 89 -14.93 -34.24 -32.78
N ASP P 90 -15.58 -34.10 -31.61
CA ASP P 90 -14.92 -33.49 -30.46
C ASP P 90 -13.95 -34.43 -29.78
N UNK P 91 -13.87 -35.69 -30.22
CA UNK P 91 -12.94 -36.66 -29.63
C UNK P 91 -11.51 -36.18 -29.83
N ALA P 92 -10.79 -36.01 -28.73
CA ALA P 92 -9.43 -35.49 -28.73
C ALA P 92 -8.89 -35.55 -27.31
N UNK P 93 -7.59 -35.30 -27.18
CA UNK P 93 -6.98 -35.03 -25.89
C UNK P 93 -7.02 -33.53 -25.65
N TYR P 94 -7.60 -33.11 -24.54
CA TYR P 94 -7.79 -31.70 -24.22
C TYR P 94 -6.73 -31.25 -23.22
N TYR P 95 -6.07 -30.12 -23.54
CA TYR P 95 -5.03 -29.54 -22.71
C TYR P 95 -5.47 -28.15 -22.23
N CYS P 96 -4.95 -27.74 -21.08
CA CYS P 96 -5.08 -26.35 -20.66
C CYS P 96 -3.69 -25.72 -20.58
N UNK P 97 -3.67 -24.39 -20.69
CA UNK P 97 -2.42 -23.65 -20.68
C UNK P 97 -2.65 -22.27 -20.08
N UNK P 98 -1.63 -21.76 -19.39
CA UNK P 98 -1.70 -20.43 -18.77
C UNK P 98 -1.11 -19.41 -19.73
N UNK P 99 -1.81 -18.29 -19.91
CA UNK P 99 -1.26 -17.15 -20.63
C UNK P 99 -0.47 -16.33 -19.62
N UNK P 100 0.87 -16.44 -19.68
CA UNK P 100 1.72 -15.74 -18.73
C UNK P 100 1.65 -14.22 -18.89
N UNK P 101 1.14 -13.72 -20.00
CA UNK P 101 1.05 -12.29 -20.24
C UNK P 101 -0.29 -11.79 -19.71
N UNK P 102 -0.23 -10.94 -18.68
CA UNK P 102 -1.46 -10.37 -18.13
C UNK P 102 -2.20 -9.49 -19.13
N UNK P 103 -1.53 -9.08 -20.20
CA UNK P 103 -2.17 -8.30 -21.26
C UNK P 103 -2.70 -9.16 -22.40
N UNK P 104 -2.73 -10.48 -22.23
CA UNK P 104 -3.52 -11.39 -23.06
C UNK P 104 -2.96 -11.60 -24.46
N UNK P 105 -1.63 -11.57 -24.63
CA UNK P 105 -1.04 -11.81 -25.93
C UNK P 105 -0.83 -13.30 -26.23
N UNK P 106 -1.11 -14.18 -25.28
CA UNK P 106 -1.00 -15.61 -25.51
C UNK P 106 0.39 -16.19 -25.36
N UNK P 107 1.10 -15.80 -24.30
CA UNK P 107 2.41 -16.38 -23.99
C UNK P 107 2.19 -17.65 -23.17
N UNK P 108 1.89 -18.73 -23.86
CA UNK P 108 1.57 -20.01 -23.23
C UNK P 108 2.87 -20.70 -22.83
N UNK P 109 3.35 -20.40 -21.63
CA UNK P 109 4.61 -20.97 -21.15
C UNK P 109 4.41 -22.30 -20.42
N UNK P 110 3.28 -22.49 -19.75
CA UNK P 110 3.05 -23.68 -18.94
C UNK P 110 1.80 -24.40 -19.44
N TRP P 111 1.94 -25.70 -19.68
CA TRP P 111 0.87 -26.55 -20.18
C TRP P 111 0.63 -27.71 -19.23
N GLY P 112 -0.59 -28.24 -19.26
CA GLY P 112 -0.90 -29.47 -18.57
C GLY P 112 -0.45 -30.69 -19.36
N UNK P 113 -0.83 -31.86 -18.86
CA UNK P 113 -0.49 -33.11 -19.52
C UNK P 113 -1.65 -33.72 -20.31
N GLY P 114 -2.86 -33.22 -20.14
CA GLY P 114 -3.97 -33.56 -21.01
C GLY P 114 -4.93 -34.56 -20.39
N THR P 115 -6.20 -34.47 -20.79
CA THR P 115 -7.22 -35.42 -20.41
C THR P 115 -8.00 -35.86 -21.65
N UNK P 116 -8.31 -37.15 -21.71
CA UNK P 116 -8.88 -37.76 -22.91
C UNK P 116 -10.40 -37.66 -22.91
N VAL P 117 -10.96 -37.24 -24.03
CA VAL P 117 -12.41 -37.16 -24.22
C VAL P 117 -12.79 -37.95 -25.46
N THR P 118 -13.73 -38.89 -25.31
CA THR P 118 -14.20 -39.70 -26.42
C THR P 118 -15.72 -39.58 -26.52
N VAL P 119 -16.21 -39.35 -27.73
CA VAL P 119 -17.64 -39.23 -28.00
C VAL P 119 -17.99 -40.28 -29.04
N SER P 120 -18.55 -41.40 -28.59
CA SER P 120 -18.99 -42.45 -29.51
C SER P 120 -20.38 -42.96 -29.13
#